data_3E1R
# 
_entry.id   3E1R 
# 
_audit_conform.dict_name       mmcif_pdbx.dic 
_audit_conform.dict_version    5.387 
_audit_conform.dict_location   http://mmcif.pdb.org/dictionaries/ascii/mmcif_pdbx.dic 
# 
loop_
_database_2.database_id 
_database_2.database_code 
_database_2.pdbx_database_accession 
_database_2.pdbx_DOI 
PDB   3E1R         pdb_00003e1r 10.2210/pdb3e1r/pdb 
RCSB  RCSB048765   ?            ?                   
WWPDB D_1000048765 ?            ?                   
# 
loop_
_pdbx_audit_revision_history.ordinal 
_pdbx_audit_revision_history.data_content_type 
_pdbx_audit_revision_history.major_revision 
_pdbx_audit_revision_history.minor_revision 
_pdbx_audit_revision_history.revision_date 
1 'Structure model' 1 0 2008-11-04 
2 'Structure model' 1 1 2011-07-13 
3 'Structure model' 1 2 2024-02-21 
# 
_pdbx_audit_revision_details.ordinal             1 
_pdbx_audit_revision_details.revision_ordinal    1 
_pdbx_audit_revision_details.data_content_type   'Structure model' 
_pdbx_audit_revision_details.provider            repository 
_pdbx_audit_revision_details.type                'Initial release' 
_pdbx_audit_revision_details.description         ? 
_pdbx_audit_revision_details.details             ? 
# 
loop_
_pdbx_audit_revision_group.ordinal 
_pdbx_audit_revision_group.revision_ordinal 
_pdbx_audit_revision_group.data_content_type 
_pdbx_audit_revision_group.group 
1 2 'Structure model' 'Version format compliance' 
2 3 'Structure model' 'Data collection'           
3 3 'Structure model' 'Database references'       
# 
loop_
_pdbx_audit_revision_category.ordinal 
_pdbx_audit_revision_category.revision_ordinal 
_pdbx_audit_revision_category.data_content_type 
_pdbx_audit_revision_category.category 
1 3 'Structure model' chem_comp_atom 
2 3 'Structure model' chem_comp_bond 
3 3 'Structure model' database_2     
# 
loop_
_pdbx_audit_revision_item.ordinal 
_pdbx_audit_revision_item.revision_ordinal 
_pdbx_audit_revision_item.data_content_type 
_pdbx_audit_revision_item.item 
1 3 'Structure model' '_database_2.pdbx_DOI'                
2 3 'Structure model' '_database_2.pdbx_database_accession' 
# 
_pdbx_database_status.status_code                     REL 
_pdbx_database_status.entry_id                        3E1R 
_pdbx_database_status.recvd_initial_deposition_date   2008-08-04 
_pdbx_database_status.deposit_site                    RCSB 
_pdbx_database_status.process_site                    RCSB 
_pdbx_database_status.status_code_sf                  REL 
_pdbx_database_status.status_code_mr                  ? 
_pdbx_database_status.SG_entry                        ? 
_pdbx_database_status.pdb_format_compatible           Y 
_pdbx_database_status.status_code_cs                  ? 
_pdbx_database_status.status_code_nmr_data            ? 
_pdbx_database_status.methods_development_category    ? 
# 
loop_
_audit_author.name 
_audit_author.pdbx_ordinal 
'Lee, H.H.'               1 
'Elia, N.'                2 
'Ghirlando, R.'           3 
'Lippincott-Schwartz, J.' 4 
'Hurley, J.H.'            5 
# 
_citation.id                        primary 
_citation.title                     'Midbody targeting of the ESCRT machinery by a noncanonical coiled coil in CEP55.' 
_citation.journal_abbrev            Science 
_citation.journal_volume            322 
_citation.page_first                576 
_citation.page_last                 580 
_citation.year                      2008 
_citation.journal_id_ASTM           SCIEAS 
_citation.country                   US 
_citation.journal_id_ISSN           0036-8075 
_citation.journal_id_CSD            0038 
_citation.book_publisher            ? 
_citation.pdbx_database_id_PubMed   18948538 
_citation.pdbx_database_id_DOI      10.1126/science.1162042 
# 
loop_
_citation_author.citation_id 
_citation_author.name 
_citation_author.ordinal 
_citation_author.identifier_ORCID 
primary 'Lee, H.H.'               1 ? 
primary 'Elia, N.'                2 ? 
primary 'Ghirlando, R.'           3 ? 
primary 'Lippincott-Schwartz, J.' 4 ? 
primary 'Hurley, J.H.'            5 ? 
# 
loop_
_entity.id 
_entity.type 
_entity.src_method 
_entity.pdbx_description 
_entity.formula_weight 
_entity.pdbx_number_of_molecules 
_entity.pdbx_ec 
_entity.pdbx_mutation 
_entity.pdbx_fragment 
_entity.details 
1 polymer man 'Centrosomal protein of 55 kDa'               6839.754 2   ? ? 'UNP residues 160-217' ? 
2 polymer syn 'Programmed cell death 6-interacting protein' 1438.539 1   ? ? 'UNP residues 797-809' ? 
3 water   nat water                                         18.015   112 ? ? ?                      ? 
# 
loop_
_entity_name_com.entity_id 
_entity_name_com.name 
1 'Cep55, Up-regulated in colon cancer 6'                        
2 'PDCD6-interacting protein, ALG-2-interacting protein 1, Hp95' 
# 
loop_
_entity_poly.entity_id 
_entity_poly.type 
_entity_poly.nstd_linkage 
_entity_poly.nstd_monomer 
_entity_poly.pdbx_seq_one_letter_code 
_entity_poly.pdbx_seq_one_letter_code_can 
_entity_poly.pdbx_strand_id 
_entity_poly.pdbx_target_identifier 
1 'polypeptide(L)' no no FNSSINNIHEMEIQLKDALEKNQQWLVYDQQREVYVKGLLAKIFELEKKTETAAHSLP 
FNSSINNIHEMEIQLKDALEKNQQWLVYDQQREVYVKGLLAKIFELEKKTETAAHSLP A,B ? 
2 'polypeptide(L)' no no QAQGPPYPTYPGY                                              QAQGPPYPTYPGY C   ? 
# 
_pdbx_entity_nonpoly.entity_id   3 
_pdbx_entity_nonpoly.name        water 
_pdbx_entity_nonpoly.comp_id     HOH 
# 
loop_
_entity_poly_seq.entity_id 
_entity_poly_seq.num 
_entity_poly_seq.mon_id 
_entity_poly_seq.hetero 
1 1  PHE n 
1 2  ASN n 
1 3  SER n 
1 4  SER n 
1 5  ILE n 
1 6  ASN n 
1 7  ASN n 
1 8  ILE n 
1 9  HIS n 
1 10 GLU n 
1 11 MET n 
1 12 GLU n 
1 13 ILE n 
1 14 GLN n 
1 15 LEU n 
1 16 LYS n 
1 17 ASP n 
1 18 ALA n 
1 19 LEU n 
1 20 GLU n 
1 21 LYS n 
1 22 ASN n 
1 23 GLN n 
1 24 GLN n 
1 25 TRP n 
1 26 LEU n 
1 27 VAL n 
1 28 TYR n 
1 29 ASP n 
1 30 GLN n 
1 31 GLN n 
1 32 ARG n 
1 33 GLU n 
1 34 VAL n 
1 35 TYR n 
1 36 VAL n 
1 37 LYS n 
1 38 GLY n 
1 39 LEU n 
1 40 LEU n 
1 41 ALA n 
1 42 LYS n 
1 43 ILE n 
1 44 PHE n 
1 45 GLU n 
1 46 LEU n 
1 47 GLU n 
1 48 LYS n 
1 49 LYS n 
1 50 THR n 
1 51 GLU n 
1 52 THR n 
1 53 ALA n 
1 54 ALA n 
1 55 HIS n 
1 56 SER n 
1 57 LEU n 
1 58 PRO n 
2 1  GLN n 
2 2  ALA n 
2 3  GLN n 
2 4  GLY n 
2 5  PRO n 
2 6  PRO n 
2 7  TYR n 
2 8  PRO n 
2 9  THR n 
2 10 TYR n 
2 11 PRO n 
2 12 GLY n 
2 13 TYR n 
# 
_entity_src_gen.entity_id                          1 
_entity_src_gen.pdbx_src_id                        1 
_entity_src_gen.pdbx_alt_source_flag               sample 
_entity_src_gen.pdbx_seq_type                      ? 
_entity_src_gen.pdbx_beg_seq_num                   ? 
_entity_src_gen.pdbx_end_seq_num                   ? 
_entity_src_gen.gene_src_common_name               Human 
_entity_src_gen.gene_src_genus                     ? 
_entity_src_gen.pdbx_gene_src_gene                 'CEP55, C10orf3, URCC6' 
_entity_src_gen.gene_src_species                   ? 
_entity_src_gen.gene_src_strain                    ? 
_entity_src_gen.gene_src_tissue                    ? 
_entity_src_gen.gene_src_tissue_fraction           ? 
_entity_src_gen.gene_src_details                   ? 
_entity_src_gen.pdbx_gene_src_fragment             ? 
_entity_src_gen.pdbx_gene_src_scientific_name      'Homo sapiens' 
_entity_src_gen.pdbx_gene_src_ncbi_taxonomy_id     9606 
_entity_src_gen.pdbx_gene_src_variant              ? 
_entity_src_gen.pdbx_gene_src_cell_line            ? 
_entity_src_gen.pdbx_gene_src_atcc                 ? 
_entity_src_gen.pdbx_gene_src_organ                ? 
_entity_src_gen.pdbx_gene_src_organelle            ? 
_entity_src_gen.pdbx_gene_src_cell                 ? 
_entity_src_gen.pdbx_gene_src_cellular_location    ? 
_entity_src_gen.host_org_common_name               ? 
_entity_src_gen.pdbx_host_org_scientific_name      'Escherichia coli' 
_entity_src_gen.pdbx_host_org_ncbi_taxonomy_id     ? 
_entity_src_gen.host_org_genus                     ? 
_entity_src_gen.pdbx_host_org_gene                 ? 
_entity_src_gen.pdbx_host_org_organ                ? 
_entity_src_gen.host_org_species                   ? 
_entity_src_gen.pdbx_host_org_tissue               ? 
_entity_src_gen.pdbx_host_org_tissue_fraction      ? 
_entity_src_gen.pdbx_host_org_strain               'BL21 CodonPlus(DE3)-RIL' 
_entity_src_gen.pdbx_host_org_variant              ? 
_entity_src_gen.pdbx_host_org_cell_line            ? 
_entity_src_gen.pdbx_host_org_atcc                 ? 
_entity_src_gen.pdbx_host_org_culture_collection   ? 
_entity_src_gen.pdbx_host_org_cell                 ? 
_entity_src_gen.pdbx_host_org_organelle            ? 
_entity_src_gen.pdbx_host_org_cellular_location    ? 
_entity_src_gen.pdbx_host_org_vector_type          Plasmid 
_entity_src_gen.pdbx_host_org_vector               ? 
_entity_src_gen.host_org_details                   ? 
_entity_src_gen.expression_system_id               ? 
_entity_src_gen.plasmid_name                       'parallel GST2' 
_entity_src_gen.plasmid_details                    ? 
_entity_src_gen.pdbx_description                   ? 
# 
_pdbx_entity_src_syn.entity_id              2 
_pdbx_entity_src_syn.pdbx_src_id            1 
_pdbx_entity_src_syn.pdbx_alt_source_flag   sample 
_pdbx_entity_src_syn.pdbx_beg_seq_num       ? 
_pdbx_entity_src_syn.pdbx_end_seq_num       ? 
_pdbx_entity_src_syn.organism_scientific    ? 
_pdbx_entity_src_syn.organism_common_name   ? 
_pdbx_entity_src_syn.ncbi_taxonomy_id       ? 
_pdbx_entity_src_syn.details                'Synthetic peptide' 
# 
loop_
_chem_comp.id 
_chem_comp.type 
_chem_comp.mon_nstd_flag 
_chem_comp.name 
_chem_comp.pdbx_synonyms 
_chem_comp.formula 
_chem_comp.formula_weight 
ALA 'L-peptide linking' y ALANINE         ? 'C3 H7 N O2'     89.093  
ARG 'L-peptide linking' y ARGININE        ? 'C6 H15 N4 O2 1' 175.209 
ASN 'L-peptide linking' y ASPARAGINE      ? 'C4 H8 N2 O3'    132.118 
ASP 'L-peptide linking' y 'ASPARTIC ACID' ? 'C4 H7 N O4'     133.103 
GLN 'L-peptide linking' y GLUTAMINE       ? 'C5 H10 N2 O3'   146.144 
GLU 'L-peptide linking' y 'GLUTAMIC ACID' ? 'C5 H9 N O4'     147.129 
GLY 'peptide linking'   y GLYCINE         ? 'C2 H5 N O2'     75.067  
HIS 'L-peptide linking' y HISTIDINE       ? 'C6 H10 N3 O2 1' 156.162 
HOH non-polymer         . WATER           ? 'H2 O'           18.015  
ILE 'L-peptide linking' y ISOLEUCINE      ? 'C6 H13 N O2'    131.173 
LEU 'L-peptide linking' y LEUCINE         ? 'C6 H13 N O2'    131.173 
LYS 'L-peptide linking' y LYSINE          ? 'C6 H15 N2 O2 1' 147.195 
MET 'L-peptide linking' y METHIONINE      ? 'C5 H11 N O2 S'  149.211 
PHE 'L-peptide linking' y PHENYLALANINE   ? 'C9 H11 N O2'    165.189 
PRO 'L-peptide linking' y PROLINE         ? 'C5 H9 N O2'     115.130 
SER 'L-peptide linking' y SERINE          ? 'C3 H7 N O3'     105.093 
THR 'L-peptide linking' y THREONINE       ? 'C4 H9 N O3'     119.119 
TRP 'L-peptide linking' y TRYPTOPHAN      ? 'C11 H12 N2 O2'  204.225 
TYR 'L-peptide linking' y TYROSINE        ? 'C9 H11 N O3'    181.189 
VAL 'L-peptide linking' y VALINE          ? 'C5 H11 N O2'    117.146 
# 
loop_
_pdbx_poly_seq_scheme.asym_id 
_pdbx_poly_seq_scheme.entity_id 
_pdbx_poly_seq_scheme.seq_id 
_pdbx_poly_seq_scheme.mon_id 
_pdbx_poly_seq_scheme.ndb_seq_num 
_pdbx_poly_seq_scheme.pdb_seq_num 
_pdbx_poly_seq_scheme.auth_seq_num 
_pdbx_poly_seq_scheme.pdb_mon_id 
_pdbx_poly_seq_scheme.auth_mon_id 
_pdbx_poly_seq_scheme.pdb_strand_id 
_pdbx_poly_seq_scheme.pdb_ins_code 
_pdbx_poly_seq_scheme.hetero 
A 1 1  PHE 1  160 ?   ?   ?   A . n 
A 1 2  ASN 2  161 ?   ?   ?   A . n 
A 1 3  SER 3  162 ?   ?   ?   A . n 
A 1 4  SER 4  163 ?   ?   ?   A . n 
A 1 5  ILE 5  164 ?   ?   ?   A . n 
A 1 6  ASN 6  165 165 ASN ASN A . n 
A 1 7  ASN 7  166 166 ASN ASN A . n 
A 1 8  ILE 8  167 167 ILE ILE A . n 
A 1 9  HIS 9  168 168 HIS HIS A . n 
A 1 10 GLU 10 169 169 GLU GLU A . n 
A 1 11 MET 11 170 170 MET MET A . n 
A 1 12 GLU 12 171 171 GLU GLU A . n 
A 1 13 ILE 13 172 172 ILE ILE A . n 
A 1 14 GLN 14 173 173 GLN GLN A . n 
A 1 15 LEU 15 174 174 LEU LEU A . n 
A 1 16 LYS 16 175 175 LYS LYS A . n 
A 1 17 ASP 17 176 176 ASP ASP A . n 
A 1 18 ALA 18 177 177 ALA ALA A . n 
A 1 19 LEU 19 178 178 LEU LEU A . n 
A 1 20 GLU 20 179 179 GLU GLU A . n 
A 1 21 LYS 21 180 180 LYS LYS A . n 
A 1 22 ASN 22 181 181 ASN ASN A . n 
A 1 23 GLN 23 182 182 GLN GLN A . n 
A 1 24 GLN 24 183 183 GLN GLN A . n 
A 1 25 TRP 25 184 184 TRP TRP A . n 
A 1 26 LEU 26 185 185 LEU LEU A . n 
A 1 27 VAL 27 186 186 VAL VAL A . n 
A 1 28 TYR 28 187 187 TYR TYR A . n 
A 1 29 ASP 29 188 188 ASP ASP A . n 
A 1 30 GLN 30 189 189 GLN GLN A . n 
A 1 31 GLN 31 190 190 GLN GLN A . n 
A 1 32 ARG 32 191 191 ARG ARG A . n 
A 1 33 GLU 33 192 192 GLU GLU A . n 
A 1 34 VAL 34 193 193 VAL VAL A . n 
A 1 35 TYR 35 194 194 TYR TYR A . n 
A 1 36 VAL 36 195 195 VAL VAL A . n 
A 1 37 LYS 37 196 196 LYS LYS A . n 
A 1 38 GLY 38 197 197 GLY GLY A . n 
A 1 39 LEU 39 198 198 LEU LEU A . n 
A 1 40 LEU 40 199 199 LEU LEU A . n 
A 1 41 ALA 41 200 200 ALA ALA A . n 
A 1 42 LYS 42 201 201 LYS LYS A . n 
A 1 43 ILE 43 202 202 ILE ILE A . n 
A 1 44 PHE 44 203 203 PHE PHE A . n 
A 1 45 GLU 45 204 204 GLU GLU A . n 
A 1 46 LEU 46 205 205 LEU LEU A . n 
A 1 47 GLU 47 206 206 GLU GLU A . n 
A 1 48 LYS 48 207 207 LYS LYS A . n 
A 1 49 LYS 49 208 208 LYS LYS A . n 
A 1 50 THR 50 209 209 THR THR A . n 
A 1 51 GLU 51 210 210 GLU GLU A . n 
A 1 52 THR 52 211 ?   ?   ?   A . n 
A 1 53 ALA 53 212 ?   ?   ?   A . n 
A 1 54 ALA 54 213 ?   ?   ?   A . n 
A 1 55 HIS 55 214 ?   ?   ?   A . n 
A 1 56 SER 56 215 ?   ?   ?   A . n 
A 1 57 LEU 57 216 ?   ?   ?   A . n 
A 1 58 PRO 58 217 ?   ?   ?   A . n 
B 1 1  PHE 1  160 ?   ?   ?   B . n 
B 1 2  ASN 2  161 ?   ?   ?   B . n 
B 1 3  SER 3  162 ?   ?   ?   B . n 
B 1 4  SER 4  163 ?   ?   ?   B . n 
B 1 5  ILE 5  164 ?   ?   ?   B . n 
B 1 6  ASN 6  165 ?   ?   ?   B . n 
B 1 7  ASN 7  166 ?   ?   ?   B . n 
B 1 8  ILE 8  167 167 ILE ILE B . n 
B 1 9  HIS 9  168 168 HIS HIS B . n 
B 1 10 GLU 10 169 169 GLU GLU B . n 
B 1 11 MET 11 170 170 MET MET B . n 
B 1 12 GLU 12 171 171 GLU GLU B . n 
B 1 13 ILE 13 172 172 ILE ILE B . n 
B 1 14 GLN 14 173 173 GLN GLN B . n 
B 1 15 LEU 15 174 174 LEU LEU B . n 
B 1 16 LYS 16 175 175 LYS LYS B . n 
B 1 17 ASP 17 176 176 ASP ASP B . n 
B 1 18 ALA 18 177 177 ALA ALA B . n 
B 1 19 LEU 19 178 178 LEU LEU B . n 
B 1 20 GLU 20 179 179 GLU GLU B . n 
B 1 21 LYS 21 180 180 LYS LYS B . n 
B 1 22 ASN 22 181 181 ASN ASN B . n 
B 1 23 GLN 23 182 182 GLN GLN B . n 
B 1 24 GLN 24 183 183 GLN GLN B . n 
B 1 25 TRP 25 184 184 TRP TRP B . n 
B 1 26 LEU 26 185 185 LEU LEU B . n 
B 1 27 VAL 27 186 186 VAL VAL B . n 
B 1 28 TYR 28 187 187 TYR TYR B . n 
B 1 29 ASP 29 188 188 ASP ASP B . n 
B 1 30 GLN 30 189 189 GLN GLN B . n 
B 1 31 GLN 31 190 190 GLN GLN B . n 
B 1 32 ARG 32 191 191 ARG ARG B . n 
B 1 33 GLU 33 192 192 GLU GLU B . n 
B 1 34 VAL 34 193 193 VAL VAL B . n 
B 1 35 TYR 35 194 194 TYR TYR B . n 
B 1 36 VAL 36 195 195 VAL VAL B . n 
B 1 37 LYS 37 196 196 LYS LYS B . n 
B 1 38 GLY 38 197 197 GLY GLY B . n 
B 1 39 LEU 39 198 198 LEU LEU B . n 
B 1 40 LEU 40 199 199 LEU LEU B . n 
B 1 41 ALA 41 200 200 ALA ALA B . n 
B 1 42 LYS 42 201 201 LYS LYS B . n 
B 1 43 ILE 43 202 202 ILE ILE B . n 
B 1 44 PHE 44 203 203 PHE PHE B . n 
B 1 45 GLU 45 204 204 GLU GLU B . n 
B 1 46 LEU 46 205 205 LEU LEU B . n 
B 1 47 GLU 47 206 206 GLU GLU B . n 
B 1 48 LYS 48 207 207 LYS LYS B . n 
B 1 49 LYS 49 208 208 LYS LYS B . n 
B 1 50 THR 50 209 ?   ?   ?   B . n 
B 1 51 GLU 51 210 ?   ?   ?   B . n 
B 1 52 THR 52 211 ?   ?   ?   B . n 
B 1 53 ALA 53 212 ?   ?   ?   B . n 
B 1 54 ALA 54 213 ?   ?   ?   B . n 
B 1 55 HIS 55 214 ?   ?   ?   B . n 
B 1 56 SER 56 215 ?   ?   ?   B . n 
B 1 57 LEU 57 216 ?   ?   ?   B . n 
B 1 58 PRO 58 217 ?   ?   ?   B . n 
C 2 1  GLN 1  797 797 GLN GLN C . n 
C 2 2  ALA 2  798 798 ALA ALA C . n 
C 2 3  GLN 3  799 799 GLN GLN C . n 
C 2 4  GLY 4  800 800 GLY GLY C . n 
C 2 5  PRO 5  801 801 PRO PRO C . n 
C 2 6  PRO 6  802 802 PRO PRO C . n 
C 2 7  TYR 7  803 803 TYR TYR C . n 
C 2 8  PRO 8  804 804 PRO PRO C . n 
C 2 9  THR 9  805 805 THR THR C . n 
C 2 10 TYR 10 806 806 TYR TYR C . n 
C 2 11 PRO 11 807 807 PRO PRO C . n 
C 2 12 GLY 12 808 808 GLY GLY C . n 
C 2 13 TYR 13 809 809 TYR TYR C . n 
# 
loop_
_pdbx_nonpoly_scheme.asym_id 
_pdbx_nonpoly_scheme.entity_id 
_pdbx_nonpoly_scheme.mon_id 
_pdbx_nonpoly_scheme.ndb_seq_num 
_pdbx_nonpoly_scheme.pdb_seq_num 
_pdbx_nonpoly_scheme.auth_seq_num 
_pdbx_nonpoly_scheme.pdb_mon_id 
_pdbx_nonpoly_scheme.auth_mon_id 
_pdbx_nonpoly_scheme.pdb_strand_id 
_pdbx_nonpoly_scheme.pdb_ins_code 
D 3 HOH 1  1   1   HOH HOH A . 
D 3 HOH 2  2   2   HOH HOH A . 
D 3 HOH 3  3   3   HOH HOH A . 
D 3 HOH 4  4   4   HOH HOH A . 
D 3 HOH 5  6   6   HOH HOH A . 
D 3 HOH 6  14  14  HOH HOH A . 
D 3 HOH 7  17  17  HOH HOH A . 
D 3 HOH 8  18  18  HOH HOH A . 
D 3 HOH 9  19  19  HOH HOH A . 
D 3 HOH 10 21  21  HOH HOH A . 
D 3 HOH 11 24  24  HOH HOH A . 
D 3 HOH 12 27  27  HOH HOH A . 
D 3 HOH 13 28  28  HOH HOH A . 
D 3 HOH 14 30  30  HOH HOH A . 
D 3 HOH 15 31  31  HOH HOH A . 
D 3 HOH 16 32  32  HOH HOH A . 
D 3 HOH 17 35  35  HOH HOH A . 
D 3 HOH 18 37  37  HOH HOH A . 
D 3 HOH 19 38  38  HOH HOH A . 
D 3 HOH 20 40  40  HOH HOH A . 
D 3 HOH 21 43  43  HOH HOH A . 
D 3 HOH 22 45  45  HOH HOH A . 
D 3 HOH 23 49  49  HOH HOH A . 
D 3 HOH 24 57  57  HOH HOH A . 
D 3 HOH 25 58  58  HOH HOH A . 
D 3 HOH 26 65  65  HOH HOH A . 
D 3 HOH 27 66  66  HOH HOH A . 
D 3 HOH 28 69  69  HOH HOH A . 
D 3 HOH 29 71  71  HOH HOH A . 
D 3 HOH 30 73  73  HOH HOH A . 
D 3 HOH 31 74  74  HOH HOH A . 
D 3 HOH 32 76  76  HOH HOH A . 
D 3 HOH 33 77  77  HOH HOH A . 
D 3 HOH 34 78  78  HOH HOH A . 
D 3 HOH 35 82  82  HOH HOH A . 
D 3 HOH 36 86  86  HOH HOH A . 
D 3 HOH 37 88  88  HOH HOH A . 
D 3 HOH 38 90  90  HOH HOH A . 
D 3 HOH 39 101 101 HOH HOH A . 
D 3 HOH 40 102 102 HOH HOH A . 
D 3 HOH 41 108 108 HOH HOH A . 
E 3 HOH 1  5   5   HOH HOH B . 
E 3 HOH 2  7   7   HOH HOH B . 
E 3 HOH 3  8   8   HOH HOH B . 
E 3 HOH 4  10  10  HOH HOH B . 
E 3 HOH 5  12  12  HOH HOH B . 
E 3 HOH 6  13  13  HOH HOH B . 
E 3 HOH 7  15  15  HOH HOH B . 
E 3 HOH 8  16  16  HOH HOH B . 
E 3 HOH 9  20  20  HOH HOH B . 
E 3 HOH 10 22  22  HOH HOH B . 
E 3 HOH 11 25  25  HOH HOH B . 
E 3 HOH 12 29  29  HOH HOH B . 
E 3 HOH 13 33  33  HOH HOH B . 
E 3 HOH 14 34  34  HOH HOH B . 
E 3 HOH 15 36  36  HOH HOH B . 
E 3 HOH 16 39  39  HOH HOH B . 
E 3 HOH 17 41  41  HOH HOH B . 
E 3 HOH 18 44  44  HOH HOH B . 
E 3 HOH 19 46  46  HOH HOH B . 
E 3 HOH 20 47  47  HOH HOH B . 
E 3 HOH 21 48  48  HOH HOH B . 
E 3 HOH 22 51  51  HOH HOH B . 
E 3 HOH 23 52  52  HOH HOH B . 
E 3 HOH 24 53  53  HOH HOH B . 
E 3 HOH 25 54  54  HOH HOH B . 
E 3 HOH 26 55  55  HOH HOH B . 
E 3 HOH 27 59  59  HOH HOH B . 
E 3 HOH 28 60  60  HOH HOH B . 
E 3 HOH 29 61  61  HOH HOH B . 
E 3 HOH 30 62  62  HOH HOH B . 
E 3 HOH 31 67  67  HOH HOH B . 
E 3 HOH 32 68  68  HOH HOH B . 
E 3 HOH 33 72  72  HOH HOH B . 
E 3 HOH 34 75  75  HOH HOH B . 
E 3 HOH 35 79  79  HOH HOH B . 
E 3 HOH 36 80  80  HOH HOH B . 
E 3 HOH 37 81  81  HOH HOH B . 
E 3 HOH 38 84  84  HOH HOH B . 
E 3 HOH 39 85  85  HOH HOH B . 
E 3 HOH 40 87  87  HOH HOH B . 
E 3 HOH 41 89  89  HOH HOH B . 
E 3 HOH 42 91  91  HOH HOH B . 
E 3 HOH 43 92  92  HOH HOH B . 
E 3 HOH 44 94  94  HOH HOH B . 
E 3 HOH 45 95  95  HOH HOH B . 
E 3 HOH 46 96  96  HOH HOH B . 
E 3 HOH 47 97  97  HOH HOH B . 
E 3 HOH 48 103 103 HOH HOH B . 
E 3 HOH 49 105 105 HOH HOH B . 
E 3 HOH 50 106 106 HOH HOH B . 
E 3 HOH 51 107 107 HOH HOH B . 
E 3 HOH 52 111 111 HOH HOH B . 
E 3 HOH 53 112 112 HOH HOH B . 
E 3 HOH 54 113 113 HOH HOH B . 
F 3 HOH 1  9   9   HOH HOH C . 
F 3 HOH 2  11  11  HOH HOH C . 
F 3 HOH 3  23  23  HOH HOH C . 
F 3 HOH 4  26  26  HOH HOH C . 
F 3 HOH 5  42  42  HOH HOH C . 
F 3 HOH 6  50  50  HOH HOH C . 
F 3 HOH 7  56  56  HOH HOH C . 
F 3 HOH 8  63  63  HOH HOH C . 
F 3 HOH 9  64  64  HOH HOH C . 
F 3 HOH 10 70  70  HOH HOH C . 
F 3 HOH 11 93  93  HOH HOH C . 
F 3 HOH 12 98  98  HOH HOH C . 
F 3 HOH 13 99  99  HOH HOH C . 
F 3 HOH 14 100 100 HOH HOH C . 
F 3 HOH 15 104 104 HOH HOH C . 
F 3 HOH 16 109 109 HOH HOH C . 
F 3 HOH 17 110 110 HOH HOH C . 
# 
loop_
_software.name 
_software.classification 
_software.version 
_software.citation_id 
_software.pdbx_ordinal 
CNS      refinement        1.1     ? 1 
ADSC     'data collection' Quantum ? 2 
HKL-2000 'data reduction'  .       ? 3 
HKL-2000 'data scaling'    .       ? 4 
SOLVE    phasing           .       ? 5 
# 
_cell.entry_id           3E1R 
_cell.length_a           54.585 
_cell.length_b           61.150 
_cell.length_c           88.542 
_cell.angle_alpha        90.00 
_cell.angle_beta         90.00 
_cell.angle_gamma        90.00 
_cell.Z_PDB              16 
_cell.pdbx_unique_axis   ? 
_cell.length_a_esd       ? 
_cell.length_b_esd       ? 
_cell.length_c_esd       ? 
_cell.angle_alpha_esd    ? 
_cell.angle_beta_esd     ? 
_cell.angle_gamma_esd    ? 
# 
_symmetry.entry_id                         3E1R 
_symmetry.space_group_name_H-M             'C 2 2 21' 
_symmetry.pdbx_full_space_group_name_H-M   ? 
_symmetry.cell_setting                     ? 
_symmetry.Int_Tables_number                20 
_symmetry.space_group_name_Hall            ? 
# 
_exptl.entry_id          3E1R 
_exptl.method            'X-RAY DIFFRACTION' 
_exptl.crystals_number   1 
# 
_exptl_crystal.id                    1 
_exptl_crystal.density_meas          ? 
_exptl_crystal.density_Matthews      2.44 
_exptl_crystal.density_percent_sol   49.66 
_exptl_crystal.description           ? 
_exptl_crystal.F_000                 ? 
_exptl_crystal.preparation           ? 
# 
_exptl_crystal_grow.crystal_id      1 
_exptl_crystal_grow.method          'VAPOR DIFFUSION, HANGING DROP' 
_exptl_crystal_grow.temp            294 
_exptl_crystal_grow.temp_details    ? 
_exptl_crystal_grow.pH              6.0 
_exptl_crystal_grow.pdbx_details    '100 mM MES, 22% PEG 6000, pH 6.0, VAPOR DIFFUSION, HANGING DROP, temperature 294K' 
_exptl_crystal_grow.pdbx_pH_range   ? 
# 
_diffrn.id                     1 
_diffrn.ambient_temp           100 
_diffrn.ambient_temp_details   ? 
_diffrn.crystal_id             1 
# 
_diffrn_detector.diffrn_id              1 
_diffrn_detector.detector               CCD 
_diffrn_detector.type                   MAR 
_diffrn_detector.pdbx_collection_date   2008-02-02 
_diffrn_detector.details                ? 
# 
_diffrn_radiation.diffrn_id                        1 
_diffrn_radiation.wavelength_id                    1 
_diffrn_radiation.pdbx_monochromatic_or_laue_m_l   M 
_diffrn_radiation.monochromator                    ? 
_diffrn_radiation.pdbx_diffrn_protocol             MAD 
_diffrn_radiation.pdbx_scattering_type             x-ray 
# 
loop_
_diffrn_radiation_wavelength.id 
_diffrn_radiation_wavelength.wavelength 
_diffrn_radiation_wavelength.wt 
1 0.97908 1.0 
2 0.97935 1.0 
3 0.97173 1.0 
# 
_diffrn_source.diffrn_id                   1 
_diffrn_source.source                      SYNCHROTRON 
_diffrn_source.type                        'APS BEAMLINE 22-ID' 
_diffrn_source.pdbx_synchrotron_site       APS 
_diffrn_source.pdbx_synchrotron_beamline   22-ID 
_diffrn_source.pdbx_wavelength             ? 
_diffrn_source.pdbx_wavelength_list        '0.97908, 0.97935, 0.97173' 
# 
_reflns.entry_id                     3E1R 
_reflns.observed_criterion_sigma_I   0 
_reflns.observed_criterion_sigma_F   0 
_reflns.d_resolution_low             30 
_reflns.d_resolution_high            2.0 
_reflns.number_obs                   18432 
_reflns.number_all                   19379 
_reflns.percent_possible_obs         95.1 
_reflns.pdbx_Rmerge_I_obs            ? 
_reflns.pdbx_Rsym_value              ? 
_reflns.pdbx_netI_over_sigmaI        ? 
_reflns.B_iso_Wilson_estimate        20.9 
_reflns.pdbx_redundancy              ? 
_reflns.R_free_details               ? 
_reflns.limit_h_max                  ? 
_reflns.limit_h_min                  ? 
_reflns.limit_k_max                  ? 
_reflns.limit_k_min                  ? 
_reflns.limit_l_max                  ? 
_reflns.limit_l_min                  ? 
_reflns.observed_criterion_F_max     ? 
_reflns.observed_criterion_F_min     ? 
_reflns.pdbx_chi_squared             ? 
_reflns.pdbx_scaling_rejects         ? 
_reflns.pdbx_diffrn_id               1 
_reflns.pdbx_ordinal                 1 
# 
_reflns_shell.d_res_high             2.00 
_reflns_shell.d_res_low              2.07 
_reflns_shell.percent_possible_all   93.7 
_reflns_shell.Rmerge_I_obs           ? 
_reflns_shell.pdbx_Rsym_value        ? 
_reflns_shell.meanI_over_sigI_obs    ? 
_reflns_shell.pdbx_redundancy        ? 
_reflns_shell.percent_possible_obs   ? 
_reflns_shell.number_unique_all      ? 
_reflns_shell.number_measured_all    ? 
_reflns_shell.number_measured_obs    ? 
_reflns_shell.number_unique_obs      ? 
_reflns_shell.pdbx_chi_squared       ? 
_reflns_shell.pdbx_diffrn_id         ? 
_reflns_shell.pdbx_ordinal           1 
# 
_refine.entry_id                                 3E1R 
_refine.ls_number_reflns_obs                     18432 
_refine.ls_number_reflns_all                     ? 
_refine.pdbx_ls_sigma_I                          ? 
_refine.pdbx_ls_sigma_F                          .0 
_refine.pdbx_data_cutoff_high_absF               180561.88 
_refine.pdbx_data_cutoff_low_absF                .000000 
_refine.pdbx_data_cutoff_high_rms_absF           ? 
_refine.ls_d_res_low                             30.0 
_refine.ls_d_res_high                            2.00 
_refine.ls_percent_reflns_obs                    95.1 
_refine.ls_R_factor_obs                          .224 
_refine.ls_R_factor_all                          ? 
_refine.ls_R_factor_R_work                       .224 
_refine.ls_R_factor_R_free                       .248 
_refine.ls_R_factor_R_free_error                 .006 
_refine.ls_R_factor_R_free_error_details         ? 
_refine.ls_percent_reflns_R_free                 9.5 
_refine.ls_number_reflns_R_free                  1743 
_refine.ls_number_parameters                     ? 
_refine.ls_number_restraints                     ? 
_refine.occupancy_min                            ? 
_refine.occupancy_max                            ? 
_refine.correlation_coeff_Fo_to_Fc               ? 
_refine.correlation_coeff_Fo_to_Fc_free          ? 
_refine.B_iso_mean                               43.9 
_refine.aniso_B[1][1]                            -1.48 
_refine.aniso_B[2][2]                            -8.61 
_refine.aniso_B[3][3]                            10.08 
_refine.aniso_B[1][2]                            .00 
_refine.aniso_B[1][3]                            .00 
_refine.aniso_B[2][3]                            .00 
_refine.solvent_model_details                    'FLAT MODEL' 
_refine.solvent_model_param_ksol                 .333146 
_refine.solvent_model_param_bsol                 45.15 
_refine.pdbx_solvent_vdw_probe_radii             ? 
_refine.pdbx_solvent_ion_probe_radii             ? 
_refine.pdbx_solvent_shrinkage_radii             ? 
_refine.pdbx_ls_cross_valid_method               THROUGHOUT 
_refine.details                                  ? 
_refine.pdbx_starting_model                      ? 
_refine.pdbx_method_to_determine_struct          MAD 
_refine.pdbx_isotropic_thermal_model             RESTRAINED 
_refine.pdbx_stereochemistry_target_values       'Engh & Huber' 
_refine.pdbx_stereochem_target_val_spec_case     ? 
_refine.pdbx_R_Free_selection_details            RANDOM 
_refine.pdbx_overall_ESU_R                       ? 
_refine.pdbx_overall_ESU_R_Free                  ? 
_refine.overall_SU_ML                            ? 
_refine.overall_SU_B                             ? 
_refine.ls_redundancy_reflns_obs                 ? 
_refine.B_iso_min                                ? 
_refine.B_iso_max                                ? 
_refine.overall_SU_R_Cruickshank_DPI             ? 
_refine.overall_SU_R_free                        ? 
_refine.ls_wR_factor_R_free                      ? 
_refine.ls_wR_factor_R_work                      ? 
_refine.overall_FOM_free_R_set                   ? 
_refine.overall_FOM_work_R_set                   ? 
_refine.pdbx_overall_phase_error                 ? 
_refine.pdbx_refine_id                           'X-RAY DIFFRACTION' 
_refine.pdbx_diffrn_id                           1 
_refine.pdbx_TLS_residual_ADP_flag               ? 
_refine.pdbx_overall_SU_R_free_Cruickshank_DPI   ? 
_refine.pdbx_overall_SU_R_Blow_DPI               ? 
_refine.pdbx_overall_SU_R_free_Blow_DPI          ? 
# 
_refine_analyze.entry_id                        3E1R 
_refine_analyze.Luzzati_coordinate_error_obs    .24 
_refine_analyze.Luzzati_sigma_a_obs             .15 
_refine_analyze.Luzzati_d_res_low_obs           5.00 
_refine_analyze.Luzzati_coordinate_error_free   .27 
_refine_analyze.Luzzati_sigma_a_free            .20 
_refine_analyze.Luzzati_d_res_low_free          ? 
_refine_analyze.number_disordered_residues      ? 
_refine_analyze.occupancy_sum_hydrogen          ? 
_refine_analyze.occupancy_sum_non_hydrogen      ? 
_refine_analyze.pdbx_Luzzati_d_res_high_obs     ? 
_refine_analyze.pdbx_refine_id                  'X-RAY DIFFRACTION' 
# 
_refine_hist.pdbx_refine_id                   'X-RAY DIFFRACTION' 
_refine_hist.cycle_id                         LAST 
_refine_hist.pdbx_number_atoms_protein        859 
_refine_hist.pdbx_number_atoms_nucleic_acid   0 
_refine_hist.pdbx_number_atoms_ligand         0 
_refine_hist.number_atoms_solvent             112 
_refine_hist.number_atoms_total               971 
_refine_hist.d_res_high                       2.00 
_refine_hist.d_res_low                        30.0 
# 
loop_
_refine_ls_restr.type 
_refine_ls_restr.dev_ideal 
_refine_ls_restr.dev_ideal_target 
_refine_ls_restr.weight 
_refine_ls_restr.number 
_refine_ls_restr.pdbx_refine_id 
_refine_ls_restr.pdbx_restraint_function 
c_bond_d                .007 ? ? ? 'X-RAY DIFFRACTION' ? 
c_bond_d_na             ?    ? ? ? 'X-RAY DIFFRACTION' ? 
c_bond_d_prot           ?    ? ? ? 'X-RAY DIFFRACTION' ? 
c_angle_d               ?    ? ? ? 'X-RAY DIFFRACTION' ? 
c_angle_d_na            ?    ? ? ? 'X-RAY DIFFRACTION' ? 
c_angle_d_prot          ?    ? ? ? 'X-RAY DIFFRACTION' ? 
c_angle_deg             1.3  ? ? ? 'X-RAY DIFFRACTION' ? 
c_angle_deg_na          ?    ? ? ? 'X-RAY DIFFRACTION' ? 
c_angle_deg_prot        ?    ? ? ? 'X-RAY DIFFRACTION' ? 
c_dihedral_angle_d      19.0 ? ? ? 'X-RAY DIFFRACTION' ? 
c_dihedral_angle_d_na   ?    ? ? ? 'X-RAY DIFFRACTION' ? 
c_dihedral_angle_d_prot ?    ? ? ? 'X-RAY DIFFRACTION' ? 
c_improper_angle_d      .94  ? ? ? 'X-RAY DIFFRACTION' ? 
c_improper_angle_d_na   ?    ? ? ? 'X-RAY DIFFRACTION' ? 
c_improper_angle_d_prot ?    ? ? ? 'X-RAY DIFFRACTION' ? 
c_mcbond_it             ?    ? ? ? 'X-RAY DIFFRACTION' ? 
c_mcangle_it            ?    ? ? ? 'X-RAY DIFFRACTION' ? 
c_scbond_it             ?    ? ? ? 'X-RAY DIFFRACTION' ? 
c_scangle_it            ?    ? ? ? 'X-RAY DIFFRACTION' ? 
# 
_refine_ls_shell.pdbx_total_number_of_bins_used   6 
_refine_ls_shell.d_res_high                       2.00 
_refine_ls_shell.d_res_low                        2.13 
_refine_ls_shell.number_reflns_R_work             2522 
_refine_ls_shell.R_factor_R_work                  .248 
_refine_ls_shell.percent_reflns_obs               85.8 
_refine_ls_shell.R_factor_R_free                  .291 
_refine_ls_shell.R_factor_R_free_error            .018 
_refine_ls_shell.percent_reflns_R_free            9.5 
_refine_ls_shell.number_reflns_R_free             266 
_refine_ls_shell.number_reflns_all                ? 
_refine_ls_shell.R_factor_all                     ? 
_refine_ls_shell.number_reflns_obs                ? 
_refine_ls_shell.redundancy_reflns_obs            ? 
_refine_ls_shell.pdbx_refine_id                   'X-RAY DIFFRACTION' 
# 
loop_
_pdbx_xplor_file.serial_no 
_pdbx_xplor_file.param_file 
_pdbx_xplor_file.topol_file 
_pdbx_xplor_file.pdbx_refine_id 
1 protein_rep.param protein.top 'X-RAY DIFFRACTION' 
2 water.param       water.top   'X-RAY DIFFRACTION' 
# 
_struct.entry_id                  3E1R 
_struct.title                     'Midbody targeting of the ESCRT machinery by a non-canonical coiled-coil in CEP55' 
_struct.pdbx_model_details        ? 
_struct.pdbx_CASP_flag            ? 
_struct.pdbx_model_type_details   ? 
# 
_struct_keywords.entry_id        3E1R 
_struct_keywords.pdbx_keywords   'Cell cycle/Transport Protein' 
_struct_keywords.text            
;CEP55, ALIX, cytokinesis, ESCRT, Alternative splicing, Cell cycle, Cell division, Coiled coil, Mitosis, Phosphoprotein, Polymorphism, Acetylation, Apoptosis, Cytoplasm, Host-virus interaction, Protein transport, Transport, Cell cycle-Transport Protein COMPLEX
;
# 
loop_
_struct_asym.id 
_struct_asym.pdbx_blank_PDB_chainid_flag 
_struct_asym.pdbx_modified 
_struct_asym.entity_id 
_struct_asym.details 
A N N 1 ? 
B N N 1 ? 
C N N 2 ? 
D N N 3 ? 
E N N 3 ? 
F N N 3 ? 
# 
loop_
_struct_ref.id 
_struct_ref.db_name 
_struct_ref.db_code 
_struct_ref.pdbx_db_accession 
_struct_ref.entity_id 
_struct_ref.pdbx_seq_one_letter_code 
_struct_ref.pdbx_align_begin 
_struct_ref.pdbx_db_isoform 
1 UNP CEP55_HUMAN Q53EZ4 1 FNSSINNIHEMEIQLKDALEKNQQWLVYDQQREVYVKGLLAKIFELEKKTETAAHSLP 160 ? 
2 UNP PDC6I_HUMAN Q8WUM4 2 QAQGPPYPTYPGY                                              797 ? 
# 
loop_
_struct_ref_seq.align_id 
_struct_ref_seq.ref_id 
_struct_ref_seq.pdbx_PDB_id_code 
_struct_ref_seq.pdbx_strand_id 
_struct_ref_seq.seq_align_beg 
_struct_ref_seq.pdbx_seq_align_beg_ins_code 
_struct_ref_seq.seq_align_end 
_struct_ref_seq.pdbx_seq_align_end_ins_code 
_struct_ref_seq.pdbx_db_accession 
_struct_ref_seq.db_align_beg 
_struct_ref_seq.pdbx_db_align_beg_ins_code 
_struct_ref_seq.db_align_end 
_struct_ref_seq.pdbx_db_align_end_ins_code 
_struct_ref_seq.pdbx_auth_seq_align_beg 
_struct_ref_seq.pdbx_auth_seq_align_end 
1 1 3E1R A 1 ? 58 ? Q53EZ4 160 ? 217 ? 160 217 
2 1 3E1R B 1 ? 58 ? Q53EZ4 160 ? 217 ? 160 217 
3 2 3E1R C 1 ? 13 ? Q8WUM4 797 ? 809 ? 797 809 
# 
_pdbx_struct_assembly.id                   1 
_pdbx_struct_assembly.details              author_and_software_defined_assembly 
_pdbx_struct_assembly.method_details       PISA 
_pdbx_struct_assembly.oligomeric_details   trimeric 
_pdbx_struct_assembly.oligomeric_count     3 
# 
loop_
_pdbx_struct_assembly_prop.biol_id 
_pdbx_struct_assembly_prop.type 
_pdbx_struct_assembly_prop.value 
_pdbx_struct_assembly_prop.details 
1 'ABSA (A^2)' 3580 ? 
1 MORE         -30  ? 
1 'SSA (A^2)'  7240 ? 
# 
_pdbx_struct_assembly_gen.assembly_id       1 
_pdbx_struct_assembly_gen.oper_expression   1 
_pdbx_struct_assembly_gen.asym_id_list      A,B,C,D,E,F 
# 
_pdbx_struct_oper_list.id                   1 
_pdbx_struct_oper_list.type                 'identity operation' 
_pdbx_struct_oper_list.name                 1_555 
_pdbx_struct_oper_list.symmetry_operation   x,y,z 
_pdbx_struct_oper_list.matrix[1][1]         1.0000000000 
_pdbx_struct_oper_list.matrix[1][2]         0.0000000000 
_pdbx_struct_oper_list.matrix[1][3]         0.0000000000 
_pdbx_struct_oper_list.vector[1]            0.0000000000 
_pdbx_struct_oper_list.matrix[2][1]         0.0000000000 
_pdbx_struct_oper_list.matrix[2][2]         1.0000000000 
_pdbx_struct_oper_list.matrix[2][3]         0.0000000000 
_pdbx_struct_oper_list.vector[2]            0.0000000000 
_pdbx_struct_oper_list.matrix[3][1]         0.0000000000 
_pdbx_struct_oper_list.matrix[3][2]         0.0000000000 
_pdbx_struct_oper_list.matrix[3][3]         1.0000000000 
_pdbx_struct_oper_list.vector[3]            0.0000000000 
# 
_struct_biol.id        1 
_struct_biol.details   ? 
# 
loop_
_struct_conf.conf_type_id 
_struct_conf.id 
_struct_conf.pdbx_PDB_helix_id 
_struct_conf.beg_label_comp_id 
_struct_conf.beg_label_asym_id 
_struct_conf.beg_label_seq_id 
_struct_conf.pdbx_beg_PDB_ins_code 
_struct_conf.end_label_comp_id 
_struct_conf.end_label_asym_id 
_struct_conf.end_label_seq_id 
_struct_conf.pdbx_end_PDB_ins_code 
_struct_conf.beg_auth_comp_id 
_struct_conf.beg_auth_asym_id 
_struct_conf.beg_auth_seq_id 
_struct_conf.end_auth_comp_id 
_struct_conf.end_auth_asym_id 
_struct_conf.end_auth_seq_id 
_struct_conf.pdbx_PDB_helix_class 
_struct_conf.details 
_struct_conf.pdbx_PDB_helix_length 
HELX_P HELX_P1 1 ASN A 6 ? GLU A 51 ? ASN A 165 GLU A 210 1 ? 46 
HELX_P HELX_P2 2 HIS B 9 ? LYS B 49 ? HIS B 168 LYS B 208 1 ? 41 
# 
_struct_conf_type.id          HELX_P 
_struct_conf_type.criteria    ? 
_struct_conf_type.reference   ? 
# 
loop_
_pdbx_struct_special_symmetry.id 
_pdbx_struct_special_symmetry.PDB_model_num 
_pdbx_struct_special_symmetry.auth_asym_id 
_pdbx_struct_special_symmetry.auth_comp_id 
_pdbx_struct_special_symmetry.auth_seq_id 
_pdbx_struct_special_symmetry.PDB_ins_code 
_pdbx_struct_special_symmetry.label_asym_id 
_pdbx_struct_special_symmetry.label_comp_id 
_pdbx_struct_special_symmetry.label_seq_id 
1 1 B HOH 5  ? E HOH . 
2 1 B HOH 81 ? E HOH . 
# 
loop_
_pdbx_unobs_or_zero_occ_residues.id 
_pdbx_unobs_or_zero_occ_residues.PDB_model_num 
_pdbx_unobs_or_zero_occ_residues.polymer_flag 
_pdbx_unobs_or_zero_occ_residues.occupancy_flag 
_pdbx_unobs_or_zero_occ_residues.auth_asym_id 
_pdbx_unobs_or_zero_occ_residues.auth_comp_id 
_pdbx_unobs_or_zero_occ_residues.auth_seq_id 
_pdbx_unobs_or_zero_occ_residues.PDB_ins_code 
_pdbx_unobs_or_zero_occ_residues.label_asym_id 
_pdbx_unobs_or_zero_occ_residues.label_comp_id 
_pdbx_unobs_or_zero_occ_residues.label_seq_id 
1  1 Y 1 A PHE 160 ? A PHE 1  
2  1 Y 1 A ASN 161 ? A ASN 2  
3  1 Y 1 A SER 162 ? A SER 3  
4  1 Y 1 A SER 163 ? A SER 4  
5  1 Y 1 A ILE 164 ? A ILE 5  
6  1 Y 1 A THR 211 ? A THR 52 
7  1 Y 1 A ALA 212 ? A ALA 53 
8  1 Y 1 A ALA 213 ? A ALA 54 
9  1 Y 1 A HIS 214 ? A HIS 55 
10 1 Y 1 A SER 215 ? A SER 56 
11 1 Y 1 A LEU 216 ? A LEU 57 
12 1 Y 1 A PRO 217 ? A PRO 58 
13 1 Y 1 B PHE 160 ? B PHE 1  
14 1 Y 1 B ASN 161 ? B ASN 2  
15 1 Y 1 B SER 162 ? B SER 3  
16 1 Y 1 B SER 163 ? B SER 4  
17 1 Y 1 B ILE 164 ? B ILE 5  
18 1 Y 1 B ASN 165 ? B ASN 6  
19 1 Y 1 B ASN 166 ? B ASN 7  
20 1 Y 1 B THR 209 ? B THR 50 
21 1 Y 1 B GLU 210 ? B GLU 51 
22 1 Y 1 B THR 211 ? B THR 52 
23 1 Y 1 B ALA 212 ? B ALA 53 
24 1 Y 1 B ALA 213 ? B ALA 54 
25 1 Y 1 B HIS 214 ? B HIS 55 
26 1 Y 1 B SER 215 ? B SER 56 
27 1 Y 1 B LEU 216 ? B LEU 57 
28 1 Y 1 B PRO 217 ? B PRO 58 
# 
loop_
_chem_comp_atom.comp_id 
_chem_comp_atom.atom_id 
_chem_comp_atom.type_symbol 
_chem_comp_atom.pdbx_aromatic_flag 
_chem_comp_atom.pdbx_stereo_config 
_chem_comp_atom.pdbx_ordinal 
ALA N    N N N 1   
ALA CA   C N S 2   
ALA C    C N N 3   
ALA O    O N N 4   
ALA CB   C N N 5   
ALA OXT  O N N 6   
ALA H    H N N 7   
ALA H2   H N N 8   
ALA HA   H N N 9   
ALA HB1  H N N 10  
ALA HB2  H N N 11  
ALA HB3  H N N 12  
ALA HXT  H N N 13  
ARG N    N N N 14  
ARG CA   C N S 15  
ARG C    C N N 16  
ARG O    O N N 17  
ARG CB   C N N 18  
ARG CG   C N N 19  
ARG CD   C N N 20  
ARG NE   N N N 21  
ARG CZ   C N N 22  
ARG NH1  N N N 23  
ARG NH2  N N N 24  
ARG OXT  O N N 25  
ARG H    H N N 26  
ARG H2   H N N 27  
ARG HA   H N N 28  
ARG HB2  H N N 29  
ARG HB3  H N N 30  
ARG HG2  H N N 31  
ARG HG3  H N N 32  
ARG HD2  H N N 33  
ARG HD3  H N N 34  
ARG HE   H N N 35  
ARG HH11 H N N 36  
ARG HH12 H N N 37  
ARG HH21 H N N 38  
ARG HH22 H N N 39  
ARG HXT  H N N 40  
ASN N    N N N 41  
ASN CA   C N S 42  
ASN C    C N N 43  
ASN O    O N N 44  
ASN CB   C N N 45  
ASN CG   C N N 46  
ASN OD1  O N N 47  
ASN ND2  N N N 48  
ASN OXT  O N N 49  
ASN H    H N N 50  
ASN H2   H N N 51  
ASN HA   H N N 52  
ASN HB2  H N N 53  
ASN HB3  H N N 54  
ASN HD21 H N N 55  
ASN HD22 H N N 56  
ASN HXT  H N N 57  
ASP N    N N N 58  
ASP CA   C N S 59  
ASP C    C N N 60  
ASP O    O N N 61  
ASP CB   C N N 62  
ASP CG   C N N 63  
ASP OD1  O N N 64  
ASP OD2  O N N 65  
ASP OXT  O N N 66  
ASP H    H N N 67  
ASP H2   H N N 68  
ASP HA   H N N 69  
ASP HB2  H N N 70  
ASP HB3  H N N 71  
ASP HD2  H N N 72  
ASP HXT  H N N 73  
GLN N    N N N 74  
GLN CA   C N S 75  
GLN C    C N N 76  
GLN O    O N N 77  
GLN CB   C N N 78  
GLN CG   C N N 79  
GLN CD   C N N 80  
GLN OE1  O N N 81  
GLN NE2  N N N 82  
GLN OXT  O N N 83  
GLN H    H N N 84  
GLN H2   H N N 85  
GLN HA   H N N 86  
GLN HB2  H N N 87  
GLN HB3  H N N 88  
GLN HG2  H N N 89  
GLN HG3  H N N 90  
GLN HE21 H N N 91  
GLN HE22 H N N 92  
GLN HXT  H N N 93  
GLU N    N N N 94  
GLU CA   C N S 95  
GLU C    C N N 96  
GLU O    O N N 97  
GLU CB   C N N 98  
GLU CG   C N N 99  
GLU CD   C N N 100 
GLU OE1  O N N 101 
GLU OE2  O N N 102 
GLU OXT  O N N 103 
GLU H    H N N 104 
GLU H2   H N N 105 
GLU HA   H N N 106 
GLU HB2  H N N 107 
GLU HB3  H N N 108 
GLU HG2  H N N 109 
GLU HG3  H N N 110 
GLU HE2  H N N 111 
GLU HXT  H N N 112 
GLY N    N N N 113 
GLY CA   C N N 114 
GLY C    C N N 115 
GLY O    O N N 116 
GLY OXT  O N N 117 
GLY H    H N N 118 
GLY H2   H N N 119 
GLY HA2  H N N 120 
GLY HA3  H N N 121 
GLY HXT  H N N 122 
HIS N    N N N 123 
HIS CA   C N S 124 
HIS C    C N N 125 
HIS O    O N N 126 
HIS CB   C N N 127 
HIS CG   C Y N 128 
HIS ND1  N Y N 129 
HIS CD2  C Y N 130 
HIS CE1  C Y N 131 
HIS NE2  N Y N 132 
HIS OXT  O N N 133 
HIS H    H N N 134 
HIS H2   H N N 135 
HIS HA   H N N 136 
HIS HB2  H N N 137 
HIS HB3  H N N 138 
HIS HD1  H N N 139 
HIS HD2  H N N 140 
HIS HE1  H N N 141 
HIS HE2  H N N 142 
HIS HXT  H N N 143 
HOH O    O N N 144 
HOH H1   H N N 145 
HOH H2   H N N 146 
ILE N    N N N 147 
ILE CA   C N S 148 
ILE C    C N N 149 
ILE O    O N N 150 
ILE CB   C N S 151 
ILE CG1  C N N 152 
ILE CG2  C N N 153 
ILE CD1  C N N 154 
ILE OXT  O N N 155 
ILE H    H N N 156 
ILE H2   H N N 157 
ILE HA   H N N 158 
ILE HB   H N N 159 
ILE HG12 H N N 160 
ILE HG13 H N N 161 
ILE HG21 H N N 162 
ILE HG22 H N N 163 
ILE HG23 H N N 164 
ILE HD11 H N N 165 
ILE HD12 H N N 166 
ILE HD13 H N N 167 
ILE HXT  H N N 168 
LEU N    N N N 169 
LEU CA   C N S 170 
LEU C    C N N 171 
LEU O    O N N 172 
LEU CB   C N N 173 
LEU CG   C N N 174 
LEU CD1  C N N 175 
LEU CD2  C N N 176 
LEU OXT  O N N 177 
LEU H    H N N 178 
LEU H2   H N N 179 
LEU HA   H N N 180 
LEU HB2  H N N 181 
LEU HB3  H N N 182 
LEU HG   H N N 183 
LEU HD11 H N N 184 
LEU HD12 H N N 185 
LEU HD13 H N N 186 
LEU HD21 H N N 187 
LEU HD22 H N N 188 
LEU HD23 H N N 189 
LEU HXT  H N N 190 
LYS N    N N N 191 
LYS CA   C N S 192 
LYS C    C N N 193 
LYS O    O N N 194 
LYS CB   C N N 195 
LYS CG   C N N 196 
LYS CD   C N N 197 
LYS CE   C N N 198 
LYS NZ   N N N 199 
LYS OXT  O N N 200 
LYS H    H N N 201 
LYS H2   H N N 202 
LYS HA   H N N 203 
LYS HB2  H N N 204 
LYS HB3  H N N 205 
LYS HG2  H N N 206 
LYS HG3  H N N 207 
LYS HD2  H N N 208 
LYS HD3  H N N 209 
LYS HE2  H N N 210 
LYS HE3  H N N 211 
LYS HZ1  H N N 212 
LYS HZ2  H N N 213 
LYS HZ3  H N N 214 
LYS HXT  H N N 215 
MET N    N N N 216 
MET CA   C N S 217 
MET C    C N N 218 
MET O    O N N 219 
MET CB   C N N 220 
MET CG   C N N 221 
MET SD   S N N 222 
MET CE   C N N 223 
MET OXT  O N N 224 
MET H    H N N 225 
MET H2   H N N 226 
MET HA   H N N 227 
MET HB2  H N N 228 
MET HB3  H N N 229 
MET HG2  H N N 230 
MET HG3  H N N 231 
MET HE1  H N N 232 
MET HE2  H N N 233 
MET HE3  H N N 234 
MET HXT  H N N 235 
PHE N    N N N 236 
PHE CA   C N S 237 
PHE C    C N N 238 
PHE O    O N N 239 
PHE CB   C N N 240 
PHE CG   C Y N 241 
PHE CD1  C Y N 242 
PHE CD2  C Y N 243 
PHE CE1  C Y N 244 
PHE CE2  C Y N 245 
PHE CZ   C Y N 246 
PHE OXT  O N N 247 
PHE H    H N N 248 
PHE H2   H N N 249 
PHE HA   H N N 250 
PHE HB2  H N N 251 
PHE HB3  H N N 252 
PHE HD1  H N N 253 
PHE HD2  H N N 254 
PHE HE1  H N N 255 
PHE HE2  H N N 256 
PHE HZ   H N N 257 
PHE HXT  H N N 258 
PRO N    N N N 259 
PRO CA   C N S 260 
PRO C    C N N 261 
PRO O    O N N 262 
PRO CB   C N N 263 
PRO CG   C N N 264 
PRO CD   C N N 265 
PRO OXT  O N N 266 
PRO H    H N N 267 
PRO HA   H N N 268 
PRO HB2  H N N 269 
PRO HB3  H N N 270 
PRO HG2  H N N 271 
PRO HG3  H N N 272 
PRO HD2  H N N 273 
PRO HD3  H N N 274 
PRO HXT  H N N 275 
SER N    N N N 276 
SER CA   C N S 277 
SER C    C N N 278 
SER O    O N N 279 
SER CB   C N N 280 
SER OG   O N N 281 
SER OXT  O N N 282 
SER H    H N N 283 
SER H2   H N N 284 
SER HA   H N N 285 
SER HB2  H N N 286 
SER HB3  H N N 287 
SER HG   H N N 288 
SER HXT  H N N 289 
THR N    N N N 290 
THR CA   C N S 291 
THR C    C N N 292 
THR O    O N N 293 
THR CB   C N R 294 
THR OG1  O N N 295 
THR CG2  C N N 296 
THR OXT  O N N 297 
THR H    H N N 298 
THR H2   H N N 299 
THR HA   H N N 300 
THR HB   H N N 301 
THR HG1  H N N 302 
THR HG21 H N N 303 
THR HG22 H N N 304 
THR HG23 H N N 305 
THR HXT  H N N 306 
TRP N    N N N 307 
TRP CA   C N S 308 
TRP C    C N N 309 
TRP O    O N N 310 
TRP CB   C N N 311 
TRP CG   C Y N 312 
TRP CD1  C Y N 313 
TRP CD2  C Y N 314 
TRP NE1  N Y N 315 
TRP CE2  C Y N 316 
TRP CE3  C Y N 317 
TRP CZ2  C Y N 318 
TRP CZ3  C Y N 319 
TRP CH2  C Y N 320 
TRP OXT  O N N 321 
TRP H    H N N 322 
TRP H2   H N N 323 
TRP HA   H N N 324 
TRP HB2  H N N 325 
TRP HB3  H N N 326 
TRP HD1  H N N 327 
TRP HE1  H N N 328 
TRP HE3  H N N 329 
TRP HZ2  H N N 330 
TRP HZ3  H N N 331 
TRP HH2  H N N 332 
TRP HXT  H N N 333 
TYR N    N N N 334 
TYR CA   C N S 335 
TYR C    C N N 336 
TYR O    O N N 337 
TYR CB   C N N 338 
TYR CG   C Y N 339 
TYR CD1  C Y N 340 
TYR CD2  C Y N 341 
TYR CE1  C Y N 342 
TYR CE2  C Y N 343 
TYR CZ   C Y N 344 
TYR OH   O N N 345 
TYR OXT  O N N 346 
TYR H    H N N 347 
TYR H2   H N N 348 
TYR HA   H N N 349 
TYR HB2  H N N 350 
TYR HB3  H N N 351 
TYR HD1  H N N 352 
TYR HD2  H N N 353 
TYR HE1  H N N 354 
TYR HE2  H N N 355 
TYR HH   H N N 356 
TYR HXT  H N N 357 
VAL N    N N N 358 
VAL CA   C N S 359 
VAL C    C N N 360 
VAL O    O N N 361 
VAL CB   C N N 362 
VAL CG1  C N N 363 
VAL CG2  C N N 364 
VAL OXT  O N N 365 
VAL H    H N N 366 
VAL H2   H N N 367 
VAL HA   H N N 368 
VAL HB   H N N 369 
VAL HG11 H N N 370 
VAL HG12 H N N 371 
VAL HG13 H N N 372 
VAL HG21 H N N 373 
VAL HG22 H N N 374 
VAL HG23 H N N 375 
VAL HXT  H N N 376 
# 
loop_
_chem_comp_bond.comp_id 
_chem_comp_bond.atom_id_1 
_chem_comp_bond.atom_id_2 
_chem_comp_bond.value_order 
_chem_comp_bond.pdbx_aromatic_flag 
_chem_comp_bond.pdbx_stereo_config 
_chem_comp_bond.pdbx_ordinal 
ALA N   CA   sing N N 1   
ALA N   H    sing N N 2   
ALA N   H2   sing N N 3   
ALA CA  C    sing N N 4   
ALA CA  CB   sing N N 5   
ALA CA  HA   sing N N 6   
ALA C   O    doub N N 7   
ALA C   OXT  sing N N 8   
ALA CB  HB1  sing N N 9   
ALA CB  HB2  sing N N 10  
ALA CB  HB3  sing N N 11  
ALA OXT HXT  sing N N 12  
ARG N   CA   sing N N 13  
ARG N   H    sing N N 14  
ARG N   H2   sing N N 15  
ARG CA  C    sing N N 16  
ARG CA  CB   sing N N 17  
ARG CA  HA   sing N N 18  
ARG C   O    doub N N 19  
ARG C   OXT  sing N N 20  
ARG CB  CG   sing N N 21  
ARG CB  HB2  sing N N 22  
ARG CB  HB3  sing N N 23  
ARG CG  CD   sing N N 24  
ARG CG  HG2  sing N N 25  
ARG CG  HG3  sing N N 26  
ARG CD  NE   sing N N 27  
ARG CD  HD2  sing N N 28  
ARG CD  HD3  sing N N 29  
ARG NE  CZ   sing N N 30  
ARG NE  HE   sing N N 31  
ARG CZ  NH1  sing N N 32  
ARG CZ  NH2  doub N N 33  
ARG NH1 HH11 sing N N 34  
ARG NH1 HH12 sing N N 35  
ARG NH2 HH21 sing N N 36  
ARG NH2 HH22 sing N N 37  
ARG OXT HXT  sing N N 38  
ASN N   CA   sing N N 39  
ASN N   H    sing N N 40  
ASN N   H2   sing N N 41  
ASN CA  C    sing N N 42  
ASN CA  CB   sing N N 43  
ASN CA  HA   sing N N 44  
ASN C   O    doub N N 45  
ASN C   OXT  sing N N 46  
ASN CB  CG   sing N N 47  
ASN CB  HB2  sing N N 48  
ASN CB  HB3  sing N N 49  
ASN CG  OD1  doub N N 50  
ASN CG  ND2  sing N N 51  
ASN ND2 HD21 sing N N 52  
ASN ND2 HD22 sing N N 53  
ASN OXT HXT  sing N N 54  
ASP N   CA   sing N N 55  
ASP N   H    sing N N 56  
ASP N   H2   sing N N 57  
ASP CA  C    sing N N 58  
ASP CA  CB   sing N N 59  
ASP CA  HA   sing N N 60  
ASP C   O    doub N N 61  
ASP C   OXT  sing N N 62  
ASP CB  CG   sing N N 63  
ASP CB  HB2  sing N N 64  
ASP CB  HB3  sing N N 65  
ASP CG  OD1  doub N N 66  
ASP CG  OD2  sing N N 67  
ASP OD2 HD2  sing N N 68  
ASP OXT HXT  sing N N 69  
GLN N   CA   sing N N 70  
GLN N   H    sing N N 71  
GLN N   H2   sing N N 72  
GLN CA  C    sing N N 73  
GLN CA  CB   sing N N 74  
GLN CA  HA   sing N N 75  
GLN C   O    doub N N 76  
GLN C   OXT  sing N N 77  
GLN CB  CG   sing N N 78  
GLN CB  HB2  sing N N 79  
GLN CB  HB3  sing N N 80  
GLN CG  CD   sing N N 81  
GLN CG  HG2  sing N N 82  
GLN CG  HG3  sing N N 83  
GLN CD  OE1  doub N N 84  
GLN CD  NE2  sing N N 85  
GLN NE2 HE21 sing N N 86  
GLN NE2 HE22 sing N N 87  
GLN OXT HXT  sing N N 88  
GLU N   CA   sing N N 89  
GLU N   H    sing N N 90  
GLU N   H2   sing N N 91  
GLU CA  C    sing N N 92  
GLU CA  CB   sing N N 93  
GLU CA  HA   sing N N 94  
GLU C   O    doub N N 95  
GLU C   OXT  sing N N 96  
GLU CB  CG   sing N N 97  
GLU CB  HB2  sing N N 98  
GLU CB  HB3  sing N N 99  
GLU CG  CD   sing N N 100 
GLU CG  HG2  sing N N 101 
GLU CG  HG3  sing N N 102 
GLU CD  OE1  doub N N 103 
GLU CD  OE2  sing N N 104 
GLU OE2 HE2  sing N N 105 
GLU OXT HXT  sing N N 106 
GLY N   CA   sing N N 107 
GLY N   H    sing N N 108 
GLY N   H2   sing N N 109 
GLY CA  C    sing N N 110 
GLY CA  HA2  sing N N 111 
GLY CA  HA3  sing N N 112 
GLY C   O    doub N N 113 
GLY C   OXT  sing N N 114 
GLY OXT HXT  sing N N 115 
HIS N   CA   sing N N 116 
HIS N   H    sing N N 117 
HIS N   H2   sing N N 118 
HIS CA  C    sing N N 119 
HIS CA  CB   sing N N 120 
HIS CA  HA   sing N N 121 
HIS C   O    doub N N 122 
HIS C   OXT  sing N N 123 
HIS CB  CG   sing N N 124 
HIS CB  HB2  sing N N 125 
HIS CB  HB3  sing N N 126 
HIS CG  ND1  sing Y N 127 
HIS CG  CD2  doub Y N 128 
HIS ND1 CE1  doub Y N 129 
HIS ND1 HD1  sing N N 130 
HIS CD2 NE2  sing Y N 131 
HIS CD2 HD2  sing N N 132 
HIS CE1 NE2  sing Y N 133 
HIS CE1 HE1  sing N N 134 
HIS NE2 HE2  sing N N 135 
HIS OXT HXT  sing N N 136 
HOH O   H1   sing N N 137 
HOH O   H2   sing N N 138 
ILE N   CA   sing N N 139 
ILE N   H    sing N N 140 
ILE N   H2   sing N N 141 
ILE CA  C    sing N N 142 
ILE CA  CB   sing N N 143 
ILE CA  HA   sing N N 144 
ILE C   O    doub N N 145 
ILE C   OXT  sing N N 146 
ILE CB  CG1  sing N N 147 
ILE CB  CG2  sing N N 148 
ILE CB  HB   sing N N 149 
ILE CG1 CD1  sing N N 150 
ILE CG1 HG12 sing N N 151 
ILE CG1 HG13 sing N N 152 
ILE CG2 HG21 sing N N 153 
ILE CG2 HG22 sing N N 154 
ILE CG2 HG23 sing N N 155 
ILE CD1 HD11 sing N N 156 
ILE CD1 HD12 sing N N 157 
ILE CD1 HD13 sing N N 158 
ILE OXT HXT  sing N N 159 
LEU N   CA   sing N N 160 
LEU N   H    sing N N 161 
LEU N   H2   sing N N 162 
LEU CA  C    sing N N 163 
LEU CA  CB   sing N N 164 
LEU CA  HA   sing N N 165 
LEU C   O    doub N N 166 
LEU C   OXT  sing N N 167 
LEU CB  CG   sing N N 168 
LEU CB  HB2  sing N N 169 
LEU CB  HB3  sing N N 170 
LEU CG  CD1  sing N N 171 
LEU CG  CD2  sing N N 172 
LEU CG  HG   sing N N 173 
LEU CD1 HD11 sing N N 174 
LEU CD1 HD12 sing N N 175 
LEU CD1 HD13 sing N N 176 
LEU CD2 HD21 sing N N 177 
LEU CD2 HD22 sing N N 178 
LEU CD2 HD23 sing N N 179 
LEU OXT HXT  sing N N 180 
LYS N   CA   sing N N 181 
LYS N   H    sing N N 182 
LYS N   H2   sing N N 183 
LYS CA  C    sing N N 184 
LYS CA  CB   sing N N 185 
LYS CA  HA   sing N N 186 
LYS C   O    doub N N 187 
LYS C   OXT  sing N N 188 
LYS CB  CG   sing N N 189 
LYS CB  HB2  sing N N 190 
LYS CB  HB3  sing N N 191 
LYS CG  CD   sing N N 192 
LYS CG  HG2  sing N N 193 
LYS CG  HG3  sing N N 194 
LYS CD  CE   sing N N 195 
LYS CD  HD2  sing N N 196 
LYS CD  HD3  sing N N 197 
LYS CE  NZ   sing N N 198 
LYS CE  HE2  sing N N 199 
LYS CE  HE3  sing N N 200 
LYS NZ  HZ1  sing N N 201 
LYS NZ  HZ2  sing N N 202 
LYS NZ  HZ3  sing N N 203 
LYS OXT HXT  sing N N 204 
MET N   CA   sing N N 205 
MET N   H    sing N N 206 
MET N   H2   sing N N 207 
MET CA  C    sing N N 208 
MET CA  CB   sing N N 209 
MET CA  HA   sing N N 210 
MET C   O    doub N N 211 
MET C   OXT  sing N N 212 
MET CB  CG   sing N N 213 
MET CB  HB2  sing N N 214 
MET CB  HB3  sing N N 215 
MET CG  SD   sing N N 216 
MET CG  HG2  sing N N 217 
MET CG  HG3  sing N N 218 
MET SD  CE   sing N N 219 
MET CE  HE1  sing N N 220 
MET CE  HE2  sing N N 221 
MET CE  HE3  sing N N 222 
MET OXT HXT  sing N N 223 
PHE N   CA   sing N N 224 
PHE N   H    sing N N 225 
PHE N   H2   sing N N 226 
PHE CA  C    sing N N 227 
PHE CA  CB   sing N N 228 
PHE CA  HA   sing N N 229 
PHE C   O    doub N N 230 
PHE C   OXT  sing N N 231 
PHE CB  CG   sing N N 232 
PHE CB  HB2  sing N N 233 
PHE CB  HB3  sing N N 234 
PHE CG  CD1  doub Y N 235 
PHE CG  CD2  sing Y N 236 
PHE CD1 CE1  sing Y N 237 
PHE CD1 HD1  sing N N 238 
PHE CD2 CE2  doub Y N 239 
PHE CD2 HD2  sing N N 240 
PHE CE1 CZ   doub Y N 241 
PHE CE1 HE1  sing N N 242 
PHE CE2 CZ   sing Y N 243 
PHE CE2 HE2  sing N N 244 
PHE CZ  HZ   sing N N 245 
PHE OXT HXT  sing N N 246 
PRO N   CA   sing N N 247 
PRO N   CD   sing N N 248 
PRO N   H    sing N N 249 
PRO CA  C    sing N N 250 
PRO CA  CB   sing N N 251 
PRO CA  HA   sing N N 252 
PRO C   O    doub N N 253 
PRO C   OXT  sing N N 254 
PRO CB  CG   sing N N 255 
PRO CB  HB2  sing N N 256 
PRO CB  HB3  sing N N 257 
PRO CG  CD   sing N N 258 
PRO CG  HG2  sing N N 259 
PRO CG  HG3  sing N N 260 
PRO CD  HD2  sing N N 261 
PRO CD  HD3  sing N N 262 
PRO OXT HXT  sing N N 263 
SER N   CA   sing N N 264 
SER N   H    sing N N 265 
SER N   H2   sing N N 266 
SER CA  C    sing N N 267 
SER CA  CB   sing N N 268 
SER CA  HA   sing N N 269 
SER C   O    doub N N 270 
SER C   OXT  sing N N 271 
SER CB  OG   sing N N 272 
SER CB  HB2  sing N N 273 
SER CB  HB3  sing N N 274 
SER OG  HG   sing N N 275 
SER OXT HXT  sing N N 276 
THR N   CA   sing N N 277 
THR N   H    sing N N 278 
THR N   H2   sing N N 279 
THR CA  C    sing N N 280 
THR CA  CB   sing N N 281 
THR CA  HA   sing N N 282 
THR C   O    doub N N 283 
THR C   OXT  sing N N 284 
THR CB  OG1  sing N N 285 
THR CB  CG2  sing N N 286 
THR CB  HB   sing N N 287 
THR OG1 HG1  sing N N 288 
THR CG2 HG21 sing N N 289 
THR CG2 HG22 sing N N 290 
THR CG2 HG23 sing N N 291 
THR OXT HXT  sing N N 292 
TRP N   CA   sing N N 293 
TRP N   H    sing N N 294 
TRP N   H2   sing N N 295 
TRP CA  C    sing N N 296 
TRP CA  CB   sing N N 297 
TRP CA  HA   sing N N 298 
TRP C   O    doub N N 299 
TRP C   OXT  sing N N 300 
TRP CB  CG   sing N N 301 
TRP CB  HB2  sing N N 302 
TRP CB  HB3  sing N N 303 
TRP CG  CD1  doub Y N 304 
TRP CG  CD2  sing Y N 305 
TRP CD1 NE1  sing Y N 306 
TRP CD1 HD1  sing N N 307 
TRP CD2 CE2  doub Y N 308 
TRP CD2 CE3  sing Y N 309 
TRP NE1 CE2  sing Y N 310 
TRP NE1 HE1  sing N N 311 
TRP CE2 CZ2  sing Y N 312 
TRP CE3 CZ3  doub Y N 313 
TRP CE3 HE3  sing N N 314 
TRP CZ2 CH2  doub Y N 315 
TRP CZ2 HZ2  sing N N 316 
TRP CZ3 CH2  sing Y N 317 
TRP CZ3 HZ3  sing N N 318 
TRP CH2 HH2  sing N N 319 
TRP OXT HXT  sing N N 320 
TYR N   CA   sing N N 321 
TYR N   H    sing N N 322 
TYR N   H2   sing N N 323 
TYR CA  C    sing N N 324 
TYR CA  CB   sing N N 325 
TYR CA  HA   sing N N 326 
TYR C   O    doub N N 327 
TYR C   OXT  sing N N 328 
TYR CB  CG   sing N N 329 
TYR CB  HB2  sing N N 330 
TYR CB  HB3  sing N N 331 
TYR CG  CD1  doub Y N 332 
TYR CG  CD2  sing Y N 333 
TYR CD1 CE1  sing Y N 334 
TYR CD1 HD1  sing N N 335 
TYR CD2 CE2  doub Y N 336 
TYR CD2 HD2  sing N N 337 
TYR CE1 CZ   doub Y N 338 
TYR CE1 HE1  sing N N 339 
TYR CE2 CZ   sing Y N 340 
TYR CE2 HE2  sing N N 341 
TYR CZ  OH   sing N N 342 
TYR OH  HH   sing N N 343 
TYR OXT HXT  sing N N 344 
VAL N   CA   sing N N 345 
VAL N   H    sing N N 346 
VAL N   H2   sing N N 347 
VAL CA  C    sing N N 348 
VAL CA  CB   sing N N 349 
VAL CA  HA   sing N N 350 
VAL C   O    doub N N 351 
VAL C   OXT  sing N N 352 
VAL CB  CG1  sing N N 353 
VAL CB  CG2  sing N N 354 
VAL CB  HB   sing N N 355 
VAL CG1 HG11 sing N N 356 
VAL CG1 HG12 sing N N 357 
VAL CG1 HG13 sing N N 358 
VAL CG2 HG21 sing N N 359 
VAL CG2 HG22 sing N N 360 
VAL CG2 HG23 sing N N 361 
VAL OXT HXT  sing N N 362 
# 
_atom_sites.entry_id                    3E1R 
_atom_sites.fract_transf_matrix[1][1]   -0.00519511 
_atom_sites.fract_transf_matrix[1][2]   0.00870843 
_atom_sites.fract_transf_matrix[1][3]   0.01525767 
_atom_sites.fract_transf_matrix[2][1]   0.00525085 
_atom_sites.fract_transf_matrix[2][2]   -0.01261295 
_atom_sites.fract_transf_matrix[2][3]   0.00898681 
_atom_sites.fract_transf_matrix[3][1]   0.01020520 
_atom_sites.fract_transf_matrix[3][2]   0.00478030 
_atom_sites.fract_transf_matrix[3][3]   0.00074639 
_atom_sites.fract_transf_vector[1]      0.417196 
_atom_sites.fract_transf_vector[2]      0.352440 
_atom_sites.fract_transf_vector[3]      0.088076 
# 
loop_
_atom_type.symbol 
C 
N 
O 
S 
# 
loop_
_atom_site.group_PDB 
_atom_site.id 
_atom_site.type_symbol 
_atom_site.label_atom_id 
_atom_site.label_alt_id 
_atom_site.label_comp_id 
_atom_site.label_asym_id 
_atom_site.label_entity_id 
_atom_site.label_seq_id 
_atom_site.pdbx_PDB_ins_code 
_atom_site.Cartn_x 
_atom_site.Cartn_y 
_atom_site.Cartn_z 
_atom_site.occupancy 
_atom_site.B_iso_or_equiv 
_atom_site.pdbx_formal_charge 
_atom_site.auth_seq_id 
_atom_site.auth_comp_id 
_atom_site.auth_asym_id 
_atom_site.auth_atom_id 
_atom_site.pdbx_PDB_model_num 
ATOM   1   N N   . ASN A 1 6  ? 10.535  20.101  25.014  1.00 82.09  ? 165 ASN A N   1 
ATOM   2   C CA  . ASN A 1 6  ? 9.552   20.919  24.250  1.00 82.70  ? 165 ASN A CA  1 
ATOM   3   C C   . ASN A 1 6  ? 8.427   20.058  23.684  1.00 82.88  ? 165 ASN A C   1 
ATOM   4   O O   . ASN A 1 6  ? 8.650   18.918  23.274  1.00 81.78  ? 165 ASN A O   1 
ATOM   5   C CB  . ASN A 1 6  ? 10.252  21.649  23.102  1.00 80.77  ? 165 ASN A CB  1 
ATOM   6   C CG  . ASN A 1 6  ? 10.180  23.156  23.237  1.00 80.67  ? 165 ASN A CG  1 
ATOM   7   O OD1 . ASN A 1 6  ? 9.098   23.740  23.257  1.00 80.72  ? 165 ASN A OD1 1 
ATOM   8   N ND2 . ASN A 1 6  ? 11.341  23.797  23.330  1.00 79.89  ? 165 ASN A ND2 1 
ATOM   9   N N   . ASN A 1 7  ? 7.220   20.615  23.674  1.00 80.49  ? 166 ASN A N   1 
ATOM   10  C CA  . ASN A 1 7  ? 6.054   19.921  23.136  1.00 79.68  ? 166 ASN A CA  1 
ATOM   11  C C   . ASN A 1 7  ? 6.045   20.172  21.632  1.00 75.83  ? 166 ASN A C   1 
ATOM   12  O O   . ASN A 1 7  ? 5.645   19.314  20.846  1.00 71.84  ? 166 ASN A O   1 
ATOM   13  C CB  . ASN A 1 7  ? 4.764   20.468  23.758  1.00 87.69  ? 166 ASN A CB  1 
ATOM   14  C CG  . ASN A 1 7  ? 4.670   20.202  25.252  1.00 94.40  ? 166 ASN A CG  1 
ATOM   15  O OD1 . ASN A 1 7  ? 5.516   20.642  26.030  1.00 99.70  ? 166 ASN A OD1 1 
ATOM   16  N ND2 . ASN A 1 7  ? 3.631   19.480  25.656  1.00 99.73  ? 166 ASN A ND2 1 
ATOM   17  N N   . ILE A 1 8  ? 6.495   21.362  21.244  1.00 74.14  ? 167 ILE A N   1 
ATOM   18  C CA  . ILE A 1 8  ? 6.554   21.749  19.839  1.00 73.55  ? 167 ILE A CA  1 
ATOM   19  C C   . ILE A 1 8  ? 7.498   20.848  19.050  1.00 67.66  ? 167 ILE A C   1 
ATOM   20  O O   . ILE A 1 8  ? 7.222   20.499  17.904  1.00 66.76  ? 167 ILE A O   1 
ATOM   21  C CB  . ILE A 1 8  ? 7.026   23.215  19.675  1.00 79.48  ? 167 ILE A CB  1 
ATOM   22  C CG1 . ILE A 1 8  ? 8.359   23.421  20.399  1.00 85.63  ? 167 ILE A CG1 1 
ATOM   23  C CG2 . ILE A 1 8  ? 5.965   24.169  20.209  1.00 84.95  ? 167 ILE A CG2 1 
ATOM   24  C CD1 . ILE A 1 8  ? 9.077   24.707  20.032  1.00 90.60  ? 167 ILE A CD1 1 
ATOM   25  N N   . HIS A 1 9  ? 8.616   20.474  19.664  1.00 61.89  ? 168 HIS A N   1 
ATOM   26  C CA  . HIS A 1 9  ? 9.584   19.613  18.999  1.00 58.36  ? 168 HIS A CA  1 
ATOM   27  C C   . HIS A 1 9  ? 9.078   18.177  18.925  1.00 58.29  ? 168 HIS A C   1 
ATOM   28  O O   . HIS A 1 9  ? 9.302   17.486  17.931  1.00 54.13  ? 168 HIS A O   1 
ATOM   29  C CB  . HIS A 1 9  ? 10.934  19.657  19.728  1.00 55.42  ? 168 HIS A CB  1 
ATOM   30  C CG  . HIS A 1 9  ? 11.653  20.965  19.593  1.00 54.01  ? 168 HIS A CG  1 
ATOM   31  N ND1 . HIS A 1 9  ? 12.860  21.218  20.211  1.00 53.14  ? 168 HIS A ND1 1 
ATOM   32  C CD2 . HIS A 1 9  ? 11.341  22.091  18.906  1.00 53.35  ? 168 HIS A CD2 1 
ATOM   33  C CE1 . HIS A 1 9  ? 13.260  22.440  19.910  1.00 53.48  ? 168 HIS A CE1 1 
ATOM   34  N NE2 . HIS A 1 9  ? 12.357  22.991  19.119  1.00 53.44  ? 168 HIS A NE2 1 
ATOM   35  N N   . GLU A 1 10 ? 8.391   17.731  19.973  1.00 59.80  ? 169 GLU A N   1 
ATOM   36  C CA  . GLU A 1 10 ? 7.863   16.372  20.005  1.00 62.22  ? 169 GLU A CA  1 
ATOM   37  C C   . GLU A 1 10 ? 6.785   16.178  18.941  1.00 58.55  ? 169 GLU A C   1 
ATOM   38  O O   . GLU A 1 10 ? 6.624   15.078  18.417  1.00 55.21  ? 169 GLU A O   1 
ATOM   39  C CB  . GLU A 1 10 ? 7.303   16.045  21.393  1.00 73.43  ? 169 GLU A CB  1 
ATOM   40  C CG  . GLU A 1 10 ? 6.663   14.659  21.520  1.00 90.03  ? 169 GLU A CG  1 
ATOM   41  C CD  . GLU A 1 10 ? 7.632   13.515  21.261  1.00 98.52  ? 169 GLU A CD  1 
ATOM   42  O OE1 . GLU A 1 10 ? 7.216   12.341  21.393  1.00 101.77 ? 169 GLU A OE1 1 
ATOM   43  O OE2 . GLU A 1 10 ? 8.808   13.778  20.927  1.00 101.66 ? 169 GLU A OE2 1 
ATOM   44  N N   . MET A 1 11 ? 6.054   17.243  18.625  1.00 56.55  ? 170 MET A N   1 
ATOM   45  C CA  . MET A 1 11 ? 5.002   17.173  17.614  1.00 55.84  ? 170 MET A CA  1 
ATOM   46  C C   . MET A 1 11 ? 5.569   17.183  16.191  1.00 55.79  ? 170 MET A C   1 
ATOM   47  O O   . MET A 1 11 ? 5.036   16.519  15.302  1.00 54.54  ? 170 MET A O   1 
ATOM   48  C CB  . MET A 1 11 ? 4.023   18.344  17.769  1.00 55.29  ? 170 MET A CB  1 
ATOM   49  C CG  . MET A 1 11 ? 2.818   18.074  18.667  1.00 58.13  ? 170 MET A CG  1 
ATOM   50  S SD  . MET A 1 11 ? 1.666   19.482  18.701  1.00 59.61  ? 170 MET A SD  1 
ATOM   51  C CE  . MET A 1 11 ? 1.268   19.630  16.974  1.00 58.75  ? 170 MET A CE  1 
ATOM   52  N N   . GLU A 1 12 ? 6.650   17.931  15.980  1.00 56.72  ? 171 GLU A N   1 
ATOM   53  C CA  . GLU A 1 12 ? 7.265   18.032  14.657  1.00 57.91  ? 171 GLU A CA  1 
ATOM   54  C C   . GLU A 1 12 ? 8.060   16.770  14.249  1.00 54.82  ? 171 GLU A C   1 
ATOM   55  O O   . GLU A 1 12 ? 8.062   16.388  13.084  1.00 53.64  ? 171 GLU A O   1 
ATOM   56  C CB  . GLU A 1 12 ? 8.149   19.296  14.600  1.00 65.68  ? 171 GLU A CB  1 
ATOM   57  C CG  . GLU A 1 12 ? 8.252   19.953  13.212  1.00 77.07  ? 171 GLU A CG  1 
ATOM   58  C CD  . GLU A 1 12 ? 8.743   21.401  13.259  1.00 83.17  ? 171 GLU A CD  1 
ATOM   59  O OE1 . GLU A 1 12 ? 8.895   21.952  14.374  1.00 85.89  ? 171 GLU A OE1 1 
ATOM   60  O OE2 . GLU A 1 12 ? 8.970   21.994  12.179  1.00 85.87  ? 171 GLU A OE2 1 
ATOM   61  N N   . ILE A 1 13 ? 8.722   16.133  15.217  1.00 52.26  ? 172 ILE A N   1 
ATOM   62  C CA  . ILE A 1 13 ? 9.521   14.905  15.013  1.00 50.42  ? 172 ILE A CA  1 
ATOM   63  C C   . ILE A 1 13 ? 8.577   13.811  14.534  1.00 51.42  ? 172 ILE A C   1 
ATOM   64  O O   . ILE A 1 13 ? 8.878   12.905  13.751  1.00 50.42  ? 172 ILE A O   1 
ATOM   65  C CB  . ILE A 1 13 ? 10.092  14.441  16.376  1.00 46.44  ? 172 ILE A CB  1 
ATOM   66  C CG1 . ILE A 1 13 ? 11.249  15.340  16.793  1.00 43.07  ? 172 ILE A CG1 1 
ATOM   67  C CG2 . ILE A 1 13 ? 10.442  12.966  16.322  1.00 44.21  ? 172 ILE A CG2 1 
ATOM   68  C CD1 . ILE A 1 13 ? 11.662  15.153  18.249  1.00 39.68  ? 172 ILE A CD1 1 
ATOM   69  N N   . GLN A 1 14 ? 7.418   13.969  15.127  1.00 51.30  ? 173 GLN A N   1 
ATOM   70  C CA  . GLN A 1 14 ? 6.199   13.206  15.067  1.00 52.13  ? 173 GLN A CA  1 
ATOM   71  C C   . GLN A 1 14 ? 5.516   13.318  13.694  1.00 49.87  ? 173 GLN A C   1 
ATOM   72  O O   . GLN A 1 14 ? 5.043   12.324  13.123  1.00 48.39  ? 173 GLN A O   1 
ATOM   73  C CB  . GLN A 1 14 ? 5.385   13.852  16.168  1.00 57.78  ? 173 GLN A CB  1 
ATOM   74  C CG  . GLN A 1 14 ? 4.063   13.341  16.476  1.00 66.18  ? 173 GLN A CG  1 
ATOM   75  C CD  . GLN A 1 14 ? 4.127   12.028  17.168  1.00 70.50  ? 173 GLN A CD  1 
ATOM   76  O OE1 . GLN A 1 14 ? 5.151   11.657  17.745  1.00 72.86  ? 173 GLN A OE1 1 
ATOM   77  N NE2 . GLN A 1 14 ? 3.025   11.301  17.123  1.00 73.09  ? 173 GLN A NE2 1 
ATOM   78  N N   . LEU A 1 15 ? 5.462   14.549  13.199  1.00 48.07  ? 174 LEU A N   1 
ATOM   79  C CA  . LEU A 1 15 ? 4.877   14.863  11.908  1.00 47.47  ? 174 LEU A CA  1 
ATOM   80  C C   . LEU A 1 15 ? 5.816   14.335  10.833  1.00 46.85  ? 174 LEU A C   1 
ATOM   81  O O   . LEU A 1 15 ? 5.381   13.714  9.868   1.00 46.72  ? 174 LEU A O   1 
ATOM   82  C CB  . LEU A 1 15 ? 4.720   16.382  11.791  1.00 47.82  ? 174 LEU A CB  1 
ATOM   83  C CG  . LEU A 1 15 ? 4.250   16.986  10.466  1.00 49.67  ? 174 LEU A CG  1 
ATOM   84  C CD1 . LEU A 1 15 ? 2.915   16.386  10.057  1.00 50.02  ? 174 LEU A CD1 1 
ATOM   85  C CD2 . LEU A 1 15 ? 4.134   18.494  10.621  1.00 50.76  ? 174 LEU A CD2 1 
ATOM   86  N N   . LYS A 1 16 ? 7.108   14.589  11.008  1.00 47.44  ? 175 LYS A N   1 
ATOM   87  C CA  . LYS A 1 16 ? 8.100   14.124  10.048  1.00 48.40  ? 175 LYS A CA  1 
ATOM   88  C C   . LYS A 1 16 ? 8.063   12.601  9.902   1.00 46.82  ? 175 LYS A C   1 
ATOM   89  O O   . LYS A 1 16 ? 8.195   12.076  8.798   1.00 46.26  ? 175 LYS A O   1 
ATOM   90  C CB  . LYS A 1 16 ? 9.510   14.563  10.460  1.00 53.40  ? 175 LYS A CB  1 
ATOM   91  C CG  . LYS A 1 16 ? 9.997   15.867  9.821   1.00 58.79  ? 175 LYS A CG  1 
ATOM   92  C CD  . LYS A 1 16 ? 9.374   17.098  10.462  1.00 62.96  ? 175 LYS A CD  1 
ATOM   93  C CE  . LYS A 1 16 ? 10.109  18.378  10.061  1.00 64.28  ? 175 LYS A CE  1 
ATOM   94  N NZ  . LYS A 1 16 ? 10.027  18.673  8.604   1.00 65.73  ? 175 LYS A NZ  1 
ATOM   95  N N   . ASP A 1 17 ? 7.882   11.888  11.012  1.00 43.77  ? 176 ASP A N   1 
ATOM   96  C CA  . ASP A 1 17 ? 7.822   10.429  10.972  1.00 42.48  ? 176 ASP A CA  1 
ATOM   97  C C   . ASP A 1 17 ? 6.603   9.974   10.169  1.00 41.43  ? 176 ASP A C   1 
ATOM   98  O O   . ASP A 1 17 ? 6.711   9.131   9.275   1.00 40.30  ? 176 ASP A O   1 
ATOM   99  C CB  . ASP A 1 17 ? 7.751   9.854   12.391  1.00 40.09  ? 176 ASP A CB  1 
ATOM   100 C CG  . ASP A 1 17 ? 7.619   8.338   12.402  1.00 40.97  ? 176 ASP A CG  1 
ATOM   101 O OD1 . ASP A 1 17 ? 8.526   7.650   11.886  1.00 40.62  ? 176 ASP A OD1 1 
ATOM   102 O OD2 . ASP A 1 17 ? 6.606   7.833   12.932  1.00 42.02  ? 176 ASP A OD2 1 
ATOM   103 N N   . ALA A 1 18 ? 5.447   10.546  10.490  1.00 39.56  ? 177 ALA A N   1 
ATOM   104 C CA  . ALA A 1 18 ? 4.201   10.205  9.812   1.00 39.29  ? 177 ALA A CA  1 
ATOM   105 C C   . ALA A 1 18 ? 4.237   10.516  8.322   1.00 40.12  ? 177 ALA A C   1 
ATOM   106 O O   . ALA A 1 18 ? 3.773   9.719   7.506   1.00 39.10  ? 177 ALA A O   1 
ATOM   107 C CB  . ALA A 1 18 ? 3.037   10.938  10.462  1.00 36.87  ? 177 ALA A CB  1 
ATOM   108 N N   . LEU A 1 19 ? 4.769   11.681  7.967   1.00 40.75  ? 178 LEU A N   1 
ATOM   109 C CA  . LEU A 1 19 ? 4.850   12.066  6.564   1.00 43.17  ? 178 LEU A CA  1 
ATOM   110 C C   . LEU A 1 19 ? 5.721   11.077  5.815   1.00 43.36  ? 178 LEU A C   1 
ATOM   111 O O   . LEU A 1 19 ? 5.386   10.644  4.719   1.00 43.56  ? 178 LEU A O   1 
ATOM   112 C CB  . LEU A 1 19 ? 5.427   13.477  6.425   1.00 44.53  ? 178 LEU A CB  1 
ATOM   113 C CG  . LEU A 1 19 ? 4.569   14.600  7.018   1.00 46.51  ? 178 LEU A CG  1 
ATOM   114 C CD1 . LEU A 1 19 ? 5.282   15.935  6.854   1.00 44.52  ? 178 LEU A CD1 1 
ATOM   115 C CD2 . LEU A 1 19 ? 3.210   14.624  6.327   1.00 45.76  ? 178 LEU A CD2 1 
ATOM   116 N N   . GLU A 1 20 ? 6.849   10.719  6.419   1.00 44.66  ? 179 GLU A N   1 
ATOM   117 C CA  . GLU A 1 20 ? 7.759   9.771   5.803   1.00 45.69  ? 179 GLU A CA  1 
ATOM   118 C C   . GLU A 1 20 ? 7.063   8.433   5.590   1.00 43.33  ? 179 GLU A C   1 
ATOM   119 O O   . GLU A 1 20 ? 7.145   7.848   4.515   1.00 42.73  ? 179 GLU A O   1 
ATOM   120 C CB  . GLU A 1 20 ? 8.999   9.584   6.679   1.00 50.97  ? 179 GLU A CB  1 
ATOM   121 C CG  . GLU A 1 20 ? 9.878   8.416   6.266   1.00 59.95  ? 179 GLU A CG  1 
ATOM   122 C CD  . GLU A 1 20 ? 11.189  8.373   7.029   1.00 64.45  ? 179 GLU A CD  1 
ATOM   123 O OE1 . GLU A 1 20 ? 12.106  9.147   6.678   1.00 66.10  ? 179 GLU A OE1 1 
ATOM   124 O OE2 . GLU A 1 20 ? 11.298  7.575   7.986   1.00 65.86  ? 179 GLU A OE2 1 
ATOM   125 N N   . LYS A 1 21 ? 6.366   7.952   6.613   1.00 40.47  ? 180 LYS A N   1 
ATOM   126 C CA  . LYS A 1 21 ? 5.678   6.676   6.503   1.00 38.77  ? 180 LYS A CA  1 
ATOM   127 C C   . LYS A 1 21 ? 4.553   6.687   5.462   1.00 38.64  ? 180 LYS A C   1 
ATOM   128 O O   . LYS A 1 21 ? 4.355   5.699   4.754   1.00 37.11  ? 180 LYS A O   1 
ATOM   129 C CB  . LYS A 1 21 ? 5.185   6.242   7.887   1.00 37.68  ? 180 LYS A CB  1 
ATOM   130 C CG  . LYS A 1 21 ? 6.322   5.661   8.731   1.00 38.16  ? 180 LYS A CG  1 
ATOM   131 C CD  . LYS A 1 21 ? 5.999   5.575   10.208  1.00 40.03  ? 180 LYS A CD  1 
ATOM   132 C CE  . LYS A 1 21 ? 7.071   4.782   10.952  1.00 40.72  ? 180 LYS A CE  1 
ATOM   133 N NZ  . LYS A 1 21 ? 8.455   5.249   10.644  1.00 43.42  ? 180 LYS A NZ  1 
ATOM   134 N N   . ASN A 1 22 ? 3.838   7.803   5.345   1.00 37.34  ? 181 ASN A N   1 
ATOM   135 C CA  . ASN A 1 22 ? 2.773   7.896   4.348   1.00 38.00  ? 181 ASN A CA  1 
ATOM   136 C C   . ASN A 1 22 ? 3.361   7.929   2.939   1.00 38.78  ? 181 ASN A C   1 
ATOM   137 O O   . ASN A 1 22 ? 2.772   7.388   2.009   1.00 38.49  ? 181 ASN A O   1 
ATOM   138 C CB  . ASN A 1 22 ? 1.905   9.138   4.574   1.00 37.33  ? 181 ASN A CB  1 
ATOM   139 C CG  . ASN A 1 22 ? 1.044   9.031   5.818   1.00 36.26  ? 181 ASN A CG  1 
ATOM   140 O OD1 . ASN A 1 22 ? 0.852   7.943   6.359   1.00 34.21  ? 181 ASN A OD1 1 
ATOM   141 N ND2 . ASN A 1 22 ? 0.507   10.163  6.265   1.00 35.56  ? 181 ASN A ND2 1 
ATOM   142 N N   . GLN A 1 23 ? 4.524   8.560   2.782   1.00 38.45  ? 182 GLN A N   1 
ATOM   143 C CA  . GLN A 1 23 ? 5.184   8.624   1.479   1.00 38.38  ? 182 GLN A CA  1 
ATOM   144 C C   . GLN A 1 23 ? 5.696   7.229   1.105   1.00 36.89  ? 182 GLN A C   1 
ATOM   145 O O   . GLN A 1 23 ? 5.690   6.843   -0.068  1.00 34.72  ? 182 GLN A O   1 
ATOM   146 C CB  . GLN A 1 23 ? 6.348   9.616   1.517   1.00 42.83  ? 182 GLN A CB  1 
ATOM   147 C CG  . GLN A 1 23 ? 7.146   9.721   0.217   1.00 46.92  ? 182 GLN A CG  1 
ATOM   148 C CD  . GLN A 1 23 ? 6.296   10.139  -0.970  1.00 50.79  ? 182 GLN A CD  1 
ATOM   149 O OE1 . GLN A 1 23 ? 5.202   10.684  -0.807  1.00 50.93  ? 182 GLN A OE1 1 
ATOM   150 N NE2 . GLN A 1 23 ? 6.807   9.901   -2.177  1.00 52.68  ? 182 GLN A NE2 1 
ATOM   151 N N   . GLN A 1 24 ? 6.150   6.483   2.109   1.00 35.50  ? 183 GLN A N   1 
ATOM   152 C CA  . GLN A 1 24 ? 6.634   5.125   1.884   1.00 35.17  ? 183 GLN A CA  1 
ATOM   153 C C   . GLN A 1 24 ? 5.449   4.259   1.444   1.00 33.53  ? 183 GLN A C   1 
ATOM   154 O O   . GLN A 1 24 ? 5.575   3.439   0.535   1.00 30.65  ? 183 GLN A O   1 
ATOM   155 C CB  . GLN A 1 24 ? 7.238   4.540   3.165   1.00 36.00  ? 183 GLN A CB  1 
ATOM   156 C CG  . GLN A 1 24 ? 8.490   5.245   3.677   1.00 39.90  ? 183 GLN A CG  1 
ATOM   157 C CD  . GLN A 1 24 ? 8.927   4.728   5.035   1.00 40.29  ? 183 GLN A CD  1 
ATOM   158 O OE1 . GLN A 1 24 ? 8.105   4.271   5.829   1.00 42.75  ? 183 GLN A OE1 1 
ATOM   159 N NE2 . GLN A 1 24 ? 10.222  4.812   5.318   1.00 44.83  ? 183 GLN A NE2 1 
ATOM   160 N N   . TRP A 1 25 ? 4.300   4.446   2.093   1.00 30.84  ? 184 TRP A N   1 
ATOM   161 C CA  . TRP A 1 25 ? 3.106   3.677   1.745   1.00 33.34  ? 184 TRP A CA  1 
ATOM   162 C C   . TRP A 1 25 ? 2.707   3.958   0.301   1.00 34.90  ? 184 TRP A C   1 
ATOM   163 O O   . TRP A 1 25 ? 2.322   3.045   -0.429  1.00 33.31  ? 184 TRP A O   1 
ATOM   164 C CB  . TRP A 1 25 ? 1.932   4.016   2.677   1.00 29.66  ? 184 TRP A CB  1 
ATOM   165 C CG  . TRP A 1 25 ? 1.800   3.122   3.884   1.00 29.61  ? 184 TRP A CG  1 
ATOM   166 C CD1 . TRP A 1 25 ? 1.941   3.487   5.193   1.00 27.83  ? 184 TRP A CD1 1 
ATOM   167 C CD2 . TRP A 1 25 ? 1.484   1.721   3.890   1.00 28.53  ? 184 TRP A CD2 1 
ATOM   168 N NE1 . TRP A 1 25 ? 1.729   2.402   6.012   1.00 29.80  ? 184 TRP A NE1 1 
ATOM   169 C CE2 . TRP A 1 25 ? 1.448   1.307   5.239   1.00 27.34  ? 184 TRP A CE2 1 
ATOM   170 C CE3 . TRP A 1 25 ? 1.225   0.777   2.884   1.00 27.99  ? 184 TRP A CE3 1 
ATOM   171 C CZ2 . TRP A 1 25 ? 1.165   -0.015  5.612   1.00 29.17  ? 184 TRP A CZ2 1 
ATOM   172 C CZ3 . TRP A 1 25 ? 0.945   -0.533  3.255   1.00 28.06  ? 184 TRP A CZ3 1 
ATOM   173 C CH2 . TRP A 1 25 ? 0.916   -0.916  4.609   1.00 27.35  ? 184 TRP A CH2 1 
ATOM   174 N N   . LEU A 1 26 ? 2.807   5.219   -0.109  1.00 36.18  ? 185 LEU A N   1 
ATOM   175 C CA  . LEU A 1 26 ? 2.446   5.610   -1.468  1.00 37.74  ? 185 LEU A CA  1 
ATOM   176 C C   . LEU A 1 26 ? 3.348   4.934   -2.490  1.00 36.47  ? 185 LEU A C   1 
ATOM   177 O O   . LEU A 1 26 ? 2.879   4.463   -3.519  1.00 36.11  ? 185 LEU A O   1 
ATOM   178 C CB  . LEU A 1 26 ? 2.541   7.128   -1.643  1.00 43.77  ? 185 LEU A CB  1 
ATOM   179 C CG  . LEU A 1 26 ? 2.187   7.639   -3.047  1.00 47.82  ? 185 LEU A CG  1 
ATOM   180 C CD1 . LEU A 1 26 ? 0.688   7.484   -3.283  1.00 50.32  ? 185 LEU A CD1 1 
ATOM   181 C CD2 . LEU A 1 26 ? 2.599   9.095   -3.193  1.00 50.53  ? 185 LEU A CD2 1 
ATOM   182 N N   . VAL A 1 27 ? 4.646   4.909   -2.210  1.00 35.09  ? 186 VAL A N   1 
ATOM   183 C CA  . VAL A 1 27 ? 5.610   4.275   -3.106  1.00 34.83  ? 186 VAL A CA  1 
ATOM   184 C C   . VAL A 1 27 ? 5.285   2.783   -3.226  1.00 32.59  ? 186 VAL A C   1 
ATOM   185 O O   . VAL A 1 27 ? 5.224   2.225   -4.321  1.00 31.34  ? 186 VAL A O   1 
ATOM   186 C CB  . VAL A 1 27 ? 7.054   4.454   -2.569  1.00 35.33  ? 186 VAL A CB  1 
ATOM   187 C CG1 . VAL A 1 27 ? 7.988   3.443   -3.214  1.00 38.16  ? 186 VAL A CG1 1 
ATOM   188 C CG2 . VAL A 1 27 ? 7.544   5.868   -2.858  1.00 37.67  ? 186 VAL A CG2 1 
ATOM   189 N N   . TYR A 1 28 ? 5.074   2.153   -2.080  1.00 29.75  ? 187 TYR A N   1 
ATOM   190 C CA  . TYR A 1 28 ? 4.746   0.738   -1.998  1.00 28.72  ? 187 TYR A CA  1 
ATOM   191 C C   . TYR A 1 28 ? 3.472   0.426   -2.782  1.00 27.89  ? 187 TYR A C   1 
ATOM   192 O O   . TYR A 1 28 ? 3.444   -0.491  -3.602  1.00 27.65  ? 187 TYR A O   1 
ATOM   193 C CB  . TYR A 1 28 ? 4.583   0.368   -0.524  1.00 26.10  ? 187 TYR A CB  1 
ATOM   194 C CG  . TYR A 1 28 ? 4.304   -1.082  -0.214  1.00 25.79  ? 187 TYR A CG  1 
ATOM   195 C CD1 . TYR A 1 28 ? 3.009   -1.509  0.085   1.00 21.88  ? 187 TYR A CD1 1 
ATOM   196 C CD2 . TYR A 1 28 ? 5.343   -2.009  -0.118  1.00 22.70  ? 187 TYR A CD2 1 
ATOM   197 C CE1 . TYR A 1 28 ? 2.755   -2.825  0.487   1.00 23.50  ? 187 TYR A CE1 1 
ATOM   198 C CE2 . TYR A 1 28 ? 5.100   -3.324  0.283   1.00 25.15  ? 187 TYR A CE2 1 
ATOM   199 C CZ  . TYR A 1 28 ? 3.804   -3.721  0.587   1.00 23.85  ? 187 TYR A CZ  1 
ATOM   200 O OH  . TYR A 1 28 ? 3.565   -4.996  1.041   1.00 25.35  ? 187 TYR A OH  1 
ATOM   201 N N   . ASP A 1 29 ? 2.421   1.205   -2.545  1.00 26.42  ? 188 ASP A N   1 
ATOM   202 C CA  . ASP A 1 29 ? 1.149   0.999   -3.233  1.00 29.16  ? 188 ASP A CA  1 
ATOM   203 C C   . ASP A 1 29 ? 1.253   1.224   -4.743  1.00 28.92  ? 188 ASP A C   1 
ATOM   204 O O   . ASP A 1 29 ? 0.613   0.518   -5.526  1.00 28.01  ? 188 ASP A O   1 
ATOM   205 C CB  . ASP A 1 29 ? 0.073   1.911   -2.641  1.00 30.19  ? 188 ASP A CB  1 
ATOM   206 C CG  . ASP A 1 29 ? -1.306  1.604   -3.183  1.00 34.49  ? 188 ASP A CG  1 
ATOM   207 O OD1 . ASP A 1 29 ? -1.854  0.532   -2.852  1.00 36.77  ? 188 ASP A OD1 1 
ATOM   208 O OD2 . ASP A 1 29 ? -1.838  2.431   -3.950  1.00 35.11  ? 188 ASP A OD2 1 
ATOM   209 N N   . GLN A 1 30 ? 2.048   2.205   -5.163  1.00 29.19  ? 189 GLN A N   1 
ATOM   210 C CA  . GLN A 1 30 ? 2.213   2.465   -6.592  1.00 29.61  ? 189 GLN A CA  1 
ATOM   211 C C   . GLN A 1 30 ? 2.875   1.258   -7.253  1.00 29.18  ? 189 GLN A C   1 
ATOM   212 O O   . GLN A 1 30 ? 2.516   0.873   -8.366  1.00 28.92  ? 189 GLN A O   1 
ATOM   213 C CB  . GLN A 1 30 ? 3.056   3.729   -6.822  1.00 31.83  ? 189 GLN A CB  1 
ATOM   214 C CG  . GLN A 1 30 ? 2.312   5.037   -6.537  1.00 34.38  ? 189 GLN A CG  1 
ATOM   215 C CD  . GLN A 1 30 ? 3.215   6.270   -6.571  1.00 38.90  ? 189 GLN A CD  1 
ATOM   216 O OE1 . GLN A 1 30 ? 4.443   6.161   -6.523  1.00 38.29  ? 189 GLN A OE1 1 
ATOM   217 N NE2 . GLN A 1 30 ? 2.603   7.451   -6.629  1.00 39.11  ? 189 GLN A NE2 1 
ATOM   218 N N   . GLN A 1 31 ? 3.841   0.660   -6.564  1.00 26.33  ? 190 GLN A N   1 
ATOM   219 C CA  . GLN A 1 31 ? 4.526   -0.512  -7.090  1.00 26.35  ? 190 GLN A CA  1 
ATOM   220 C C   . GLN A 1 31 ? 3.546   -1.686  -7.141  1.00 24.82  ? 190 GLN A C   1 
ATOM   221 O O   . GLN A 1 31 ? 3.566   -2.474  -8.086  1.00 26.31  ? 190 GLN A O   1 
ATOM   222 C CB  . GLN A 1 31 ? 5.756   -0.828  -6.230  1.00 26.65  ? 190 GLN A CB  1 
ATOM   223 C CG  . GLN A 1 31 ? 6.804   0.293   -6.289  1.00 29.27  ? 190 GLN A CG  1 
ATOM   224 C CD  . GLN A 1 31 ? 7.913   0.155   -5.261  1.00 31.99  ? 190 GLN A CD  1 
ATOM   225 O OE1 . GLN A 1 31 ? 7.812   -0.638  -4.324  1.00 31.44  ? 190 GLN A OE1 1 
ATOM   226 N NE2 . GLN A 1 31 ? 8.973   0.945   -5.423  1.00 30.73  ? 190 GLN A NE2 1 
ATOM   227 N N   . ARG A 1 32 ? 2.684   -1.805  -6.135  1.00 22.44  ? 191 ARG A N   1 
ATOM   228 C CA  . ARG A 1 32 ? 1.684   -2.870  -6.131  1.00 24.02  ? 191 ARG A CA  1 
ATOM   229 C C   . ARG A 1 32 ? 0.770   -2.700  -7.342  1.00 24.74  ? 191 ARG A C   1 
ATOM   230 O O   . ARG A 1 32 ? 0.415   -3.673  -8.009  1.00 24.14  ? 191 ARG A O   1 
ATOM   231 C CB  . ARG A 1 32 ? 0.834   -2.824  -4.853  1.00 21.13  ? 191 ARG A CB  1 
ATOM   232 C CG  . ARG A 1 32 ? -0.367  -3.783  -4.885  1.00 20.12  ? 191 ARG A CG  1 
ATOM   233 C CD  . ARG A 1 32 ? -0.951  -3.999  -3.498  1.00 22.31  ? 191 ARG A CD  1 
ATOM   234 N NE  . ARG A 1 32 ? -1.202  -2.728  -2.828  1.00 22.94  ? 191 ARG A NE  1 
ATOM   235 C CZ  . ARG A 1 32 ? -1.188  -2.564  -1.512  1.00 23.64  ? 191 ARG A CZ  1 
ATOM   236 N NH1 . ARG A 1 32 ? -0.934  -3.593  -0.710  1.00 24.47  ? 191 ARG A NH1 1 
ATOM   237 N NH2 . ARG A 1 32 ? -1.411  -1.362  -0.998  1.00 23.06  ? 191 ARG A NH2 1 
ATOM   238 N N   . GLU A 1 33 ? 0.384   -1.462  -7.630  1.00 24.88  ? 192 GLU A N   1 
ATOM   239 C CA  . GLU A 1 33 ? -0.485  -1.205  -8.775  1.00 26.87  ? 192 GLU A CA  1 
ATOM   240 C C   . GLU A 1 33 ? 0.173   -1.652  -10.085 1.00 26.71  ? 192 GLU A C   1 
ATOM   241 O O   . GLU A 1 33 ? -0.488  -2.176  -10.978 1.00 24.91  ? 192 GLU A O   1 
ATOM   242 C CB  . GLU A 1 33 ? -0.871  0.272   -8.825  1.00 30.18  ? 192 GLU A CB  1 
ATOM   243 C CG  . GLU A 1 33 ? -1.943  0.632   -7.806  1.00 36.17  ? 192 GLU A CG  1 
ATOM   244 C CD  . GLU A 1 33 ? -3.207  -0.204  -7.989  1.00 40.54  ? 192 GLU A CD  1 
ATOM   245 O OE1 . GLU A 1 33 ? -3.781  -0.175  -9.095  1.00 42.54  ? 192 GLU A OE1 1 
ATOM   246 O OE2 . GLU A 1 33 ? -3.629  -0.891  -7.033  1.00 42.47  ? 192 GLU A OE2 1 
ATOM   247 N N   . VAL A 1 34 ? 1.478   -1.454  -10.201 1.00 25.29  ? 193 VAL A N   1 
ATOM   248 C CA  . VAL A 1 34 ? 2.182   -1.889  -11.399 1.00 26.63  ? 193 VAL A CA  1 
ATOM   249 C C   . VAL A 1 34 ? 2.115   -3.426  -11.447 1.00 24.42  ? 193 VAL A C   1 
ATOM   250 O O   . VAL A 1 34 ? 1.793   -4.014  -12.477 1.00 25.22  ? 193 VAL A O   1 
ATOM   251 C CB  . VAL A 1 34 ? 3.660   -1.416  -11.379 1.00 27.47  ? 193 VAL A CB  1 
ATOM   252 C CG1 . VAL A 1 34 ? 4.461   -2.158  -12.435 1.00 27.18  ? 193 VAL A CG1 1 
ATOM   253 C CG2 . VAL A 1 34 ? 3.732   0.097   -11.634 1.00 28.50  ? 193 VAL A CG2 1 
ATOM   254 N N   . TYR A 1 35 ? 2.405   -4.059  -10.314 1.00 24.16  ? 194 TYR A N   1 
ATOM   255 C CA  . TYR A 1 35 ? 2.377   -5.523  -10.175 1.00 23.19  ? 194 TYR A CA  1 
ATOM   256 C C   . TYR A 1 35 ? 0.992   -6.068  -10.531 1.00 23.58  ? 194 TYR A C   1 
ATOM   257 O O   . TYR A 1 35 ? 0.873   -7.097  -11.200 1.00 23.86  ? 194 TYR A O   1 
ATOM   258 C CB  . TYR A 1 35 ? 2.729   -5.896  -8.731  1.00 23.02  ? 194 TYR A CB  1 
ATOM   259 C CG  . TYR A 1 35 ? 2.778   -7.378  -8.401  1.00 23.39  ? 194 TYR A CG  1 
ATOM   260 C CD1 . TYR A 1 35 ? 3.813   -8.193  -8.879  1.00 23.39  ? 194 TYR A CD1 1 
ATOM   261 C CD2 . TYR A 1 35 ? 1.822   -7.951  -7.557  1.00 21.73  ? 194 TYR A CD2 1 
ATOM   262 C CE1 . TYR A 1 35 ? 3.897   -9.545  -8.514  1.00 22.14  ? 194 TYR A CE1 1 
ATOM   263 C CE2 . TYR A 1 35 ? 1.896   -9.293  -7.188  1.00 20.68  ? 194 TYR A CE2 1 
ATOM   264 C CZ  . TYR A 1 35 ? 2.931   -10.082 -7.665  1.00 22.28  ? 194 TYR A CZ  1 
ATOM   265 O OH  . TYR A 1 35 ? 2.998   -11.404 -7.290  1.00 19.24  ? 194 TYR A OH  1 
ATOM   266 N N   . VAL A 1 36 ? -0.045  -5.374  -10.080 1.00 21.46  ? 195 VAL A N   1 
ATOM   267 C CA  . VAL A 1 36 ? -1.425  -5.785  -10.353 1.00 24.37  ? 195 VAL A CA  1 
ATOM   268 C C   . VAL A 1 36 ? -1.736  -5.760  -11.847 1.00 24.94  ? 195 VAL A C   1 
ATOM   269 O O   . VAL A 1 36 ? -2.411  -6.656  -12.357 1.00 24.84  ? 195 VAL A O   1 
ATOM   270 C CB  . VAL A 1 36 ? -2.439  -4.889  -9.595  1.00 22.13  ? 195 VAL A CB  1 
ATOM   271 C CG1 . VAL A 1 36 ? -3.854  -5.104  -10.130 1.00 25.61  ? 195 VAL A CG1 1 
ATOM   272 C CG2 . VAL A 1 36 ? -2.397  -5.221  -8.113  1.00 23.45  ? 195 VAL A CG2 1 
ATOM   273 N N   . LYS A 1 37 ? -1.247  -4.744  -12.550 1.00 25.36  ? 196 LYS A N   1 
ATOM   274 C CA  . LYS A 1 37 ? -1.484  -4.674  -13.983 1.00 27.68  ? 196 LYS A CA  1 
ATOM   275 C C   . LYS A 1 37 ? -0.892  -5.926  -14.631 1.00 25.73  ? 196 LYS A C   1 
ATOM   276 O O   . LYS A 1 37 ? -1.480  -6.492  -15.547 1.00 24.11  ? 196 LYS A O   1 
ATOM   277 C CB  . LYS A 1 37 ? -0.873  -3.386  -14.561 1.00 31.60  ? 196 LYS A CB  1 
ATOM   278 C CG  . LYS A 1 37 ? -1.700  -2.147  -14.207 1.00 37.15  ? 196 LYS A CG  1 
ATOM   279 C CD  . LYS A 1 37 ? -1.058  -0.831  -14.636 1.00 41.55  ? 196 LYS A CD  1 
ATOM   280 C CE  . LYS A 1 37 ? -1.967  0.364   -14.311 1.00 44.64  ? 196 LYS A CE  1 
ATOM   281 N NZ  . LYS A 1 37 ? -2.252  0.536   -12.852 1.00 44.34  ? 196 LYS A NZ  1 
ATOM   282 N N   . GLY A 1 38 ? 0.258   -6.368  -14.122 1.00 24.49  ? 197 GLY A N   1 
ATOM   283 C CA  . GLY A 1 38 ? 0.899   -7.561  -14.646 1.00 22.91  ? 197 GLY A CA  1 
ATOM   284 C C   . GLY A 1 38 ? 0.067   -8.809  -14.382 1.00 24.38  ? 197 GLY A C   1 
ATOM   285 O O   . GLY A 1 38 ? -0.042  -9.679  -15.241 1.00 23.63  ? 197 GLY A O   1 
ATOM   286 N N   . LEU A 1 39 ? -0.524  -8.898  -13.192 1.00 22.87  ? 198 LEU A N   1 
ATOM   287 C CA  . LEU A 1 39 ? -1.362  -10.040 -12.838 1.00 20.35  ? 198 LEU A CA  1 
ATOM   288 C C   . LEU A 1 39 ? -2.599  -10.080 -13.718 1.00 21.27  ? 198 LEU A C   1 
ATOM   289 O O   . LEU A 1 39 ? -2.971  -11.135 -14.226 1.00 22.08  ? 198 LEU A O   1 
ATOM   290 C CB  . LEU A 1 39 ? -1.800  -9.963  -11.375 1.00 18.82  ? 198 LEU A CB  1 
ATOM   291 C CG  . LEU A 1 39 ? -0.676  -10.013 -10.338 1.00 17.09  ? 198 LEU A CG  1 
ATOM   292 C CD1 . LEU A 1 39 ? -1.291  -10.112 -8.952  1.00 17.47  ? 198 LEU A CD1 1 
ATOM   293 C CD2 . LEU A 1 39 ? 0.239   -11.208 -10.613 1.00 17.10  ? 198 LEU A CD2 1 
ATOM   294 N N   . LEU A 1 40 ? -3.241  -8.926  -13.889 1.00 21.14  ? 199 LEU A N   1 
ATOM   295 C CA  . LEU A 1 40 ? -4.445  -8.847  -14.712 1.00 23.25  ? 199 LEU A CA  1 
ATOM   296 C C   . LEU A 1 40 ? -4.176  -9.228  -16.164 1.00 22.96  ? 199 LEU A C   1 
ATOM   297 O O   . LEU A 1 40 ? -5.022  -9.846  -16.809 1.00 23.59  ? 199 LEU A O   1 
ATOM   298 C CB  . LEU A 1 40 ? -5.057  -7.444  -14.628 1.00 26.39  ? 199 LEU A CB  1 
ATOM   299 C CG  . LEU A 1 40 ? -5.675  -7.123  -13.262 1.00 29.67  ? 199 LEU A CG  1 
ATOM   300 C CD1 . LEU A 1 40 ? -6.129  -5.667  -13.204 1.00 31.39  ? 199 LEU A CD1 1 
ATOM   301 C CD2 . LEU A 1 40 ? -6.852  -8.064  -13.019 1.00 32.27  ? 199 LEU A CD2 1 
ATOM   302 N N   . ALA A 1 41 ? -3.001  -8.871  -16.677 1.00 23.29  ? 200 ALA A N   1 
ATOM   303 C CA  . ALA A 1 41 ? -2.659  -9.221  -18.055 1.00 26.13  ? 200 ALA A CA  1 
ATOM   304 C C   . ALA A 1 41 ? -2.471  -10.735 -18.155 1.00 26.12  ? 200 ALA A C   1 
ATOM   305 O O   . ALA A 1 41 ? -2.902  -11.362 -19.122 1.00 25.87  ? 200 ALA A O   1 
ATOM   306 C CB  . ALA A 1 41 ? -1.382  -8.502  -18.489 1.00 26.86  ? 200 ALA A CB  1 
ATOM   307 N N   . LYS A 1 42 ? -1.833  -11.321 -17.146 1.00 25.98  ? 201 LYS A N   1 
ATOM   308 C CA  . LYS A 1 42 ? -1.596  -12.761 -17.133 1.00 25.85  ? 201 LYS A CA  1 
ATOM   309 C C   . LYS A 1 42 ? -2.915  -13.518 -17.091 1.00 24.58  ? 201 LYS A C   1 
ATOM   310 O O   . LYS A 1 42 ? -3.082  -14.523 -17.776 1.00 23.06  ? 201 LYS A O   1 
ATOM   311 C CB  . LYS A 1 42 ? -0.741  -13.158 -15.927 1.00 26.42  ? 201 LYS A CB  1 
ATOM   312 C CG  . LYS A 1 42 ? -0.347  -14.624 -15.906 1.00 28.31  ? 201 LYS A CG  1 
ATOM   313 C CD  . LYS A 1 42 ? 0.469   -14.984 -17.142 1.00 33.35  ? 201 LYS A CD  1 
ATOM   314 C CE  . LYS A 1 42 ? 1.075   -16.369 -17.024 1.00 36.21  ? 201 LYS A CE  1 
ATOM   315 N NZ  . LYS A 1 42 ? 2.072   -16.627 -18.098 1.00 39.59  ? 201 LYS A NZ  1 
ATOM   316 N N   . ILE A 1 43 ? -3.854  -13.035 -16.276 1.00 24.71  ? 202 ILE A N   1 
ATOM   317 C CA  . ILE A 1 43 ? -5.163  -13.668 -16.149 1.00 25.38  ? 202 ILE A CA  1 
ATOM   318 C C   . ILE A 1 43 ? -5.921  -13.623 -17.478 1.00 26.48  ? 202 ILE A C   1 
ATOM   319 O O   . ILE A 1 43 ? -6.512  -14.624 -17.895 1.00 25.83  ? 202 ILE A O   1 
ATOM   320 C CB  . ILE A 1 43 ? -6.015  -12.964 -15.063 1.00 26.17  ? 202 ILE A CB  1 
ATOM   321 C CG1 . ILE A 1 43 ? -5.517  -13.356 -13.666 1.00 26.16  ? 202 ILE A CG1 1 
ATOM   322 C CG2 . ILE A 1 43 ? -7.489  -13.324 -15.231 1.00 25.11  ? 202 ILE A CG2 1 
ATOM   323 C CD1 . ILE A 1 43 ? -6.061  -12.479 -12.550 1.00 26.69  ? 202 ILE A CD1 1 
ATOM   324 N N   . PHE A 1 44 ? -5.912  -12.464 -18.133 1.00 25.75  ? 203 PHE A N   1 
ATOM   325 C CA  . PHE A 1 44 ? -6.595  -12.300 -19.414 1.00 26.21  ? 203 PHE A CA  1 
ATOM   326 C C   . PHE A 1 44 ? -6.023  -13.288 -20.433 1.00 27.93  ? 203 PHE A C   1 
ATOM   327 O O   . PHE A 1 44 ? -6.771  -14.008 -21.097 1.00 28.50  ? 203 PHE A O   1 
ATOM   328 C CB  . PHE A 1 44 ? -6.428  -10.857 -19.922 1.00 27.42  ? 203 PHE A CB  1 
ATOM   329 C CG  . PHE A 1 44 ? -7.028  -10.610 -21.289 1.00 27.01  ? 203 PHE A CG  1 
ATOM   330 C CD1 . PHE A 1 44 ? -8.404  -10.480 -21.455 1.00 27.87  ? 203 PHE A CD1 1 
ATOM   331 C CD2 . PHE A 1 44 ? -6.210  -10.519 -22.412 1.00 28.13  ? 203 PHE A CD2 1 
ATOM   332 C CE1 . PHE A 1 44 ? -8.958  -10.259 -22.725 1.00 29.65  ? 203 PHE A CE1 1 
ATOM   333 C CE2 . PHE A 1 44 ? -6.752  -10.299 -23.685 1.00 27.66  ? 203 PHE A CE2 1 
ATOM   334 C CZ  . PHE A 1 44 ? -8.124  -10.171 -23.840 1.00 28.53  ? 203 PHE A CZ  1 
ATOM   335 N N   . GLU A 1 45 ? -4.699  -13.318 -20.550 1.00 28.67  ? 204 GLU A N   1 
ATOM   336 C CA  . GLU A 1 45 ? -4.017  -14.225 -21.476 1.00 34.10  ? 204 GLU A CA  1 
ATOM   337 C C   . GLU A 1 45 ? -4.381  -15.684 -21.209 1.00 33.77  ? 204 GLU A C   1 
ATOM   338 O O   . GLU A 1 45 ? -4.703  -16.438 -22.125 1.00 32.91  ? 204 GLU A O   1 
ATOM   339 C CB  . GLU A 1 45 ? -2.492  -14.055 -21.362 1.00 40.75  ? 204 GLU A CB  1 
ATOM   340 C CG  . GLU A 1 45 ? -1.698  -15.235 -21.933 1.00 53.41  ? 204 GLU A CG  1 
ATOM   341 C CD  . GLU A 1 45 ? -0.188  -15.039 -21.880 1.00 60.16  ? 204 GLU A CD  1 
ATOM   342 O OE1 . GLU A 1 45 ? 0.332   -14.184 -22.632 1.00 63.26  ? 204 GLU A OE1 1 
ATOM   343 O OE2 . GLU A 1 45 ? 0.478   -15.741 -21.087 1.00 63.36  ? 204 GLU A OE2 1 
ATOM   344 N N   . LEU A 1 46 ? -4.319  -16.082 -19.944 1.00 31.96  ? 205 LEU A N   1 
ATOM   345 C CA  . LEU A 1 46 ? -4.631  -17.449 -19.549 1.00 32.41  ? 205 LEU A CA  1 
ATOM   346 C C   . LEU A 1 46 ? -6.094  -17.825 -19.826 1.00 31.66  ? 205 LEU A C   1 
ATOM   347 O O   . LEU A 1 46 ? -6.383  -18.944 -20.254 1.00 29.41  ? 205 LEU A O   1 
ATOM   348 C CB  . LEU A 1 46 ? -4.314  -17.632 -18.058 1.00 32.55  ? 205 LEU A CB  1 
ATOM   349 C CG  . LEU A 1 46 ? -3.139  -18.448 -17.511 1.00 36.90  ? 205 LEU A CG  1 
ATOM   350 C CD1 . LEU A 1 46 ? -2.030  -18.661 -18.527 1.00 35.87  ? 205 LEU A CD1 1 
ATOM   351 C CD2 . LEU A 1 46 ? -2.628  -17.721 -16.271 1.00 36.58  ? 205 LEU A CD2 1 
ATOM   352 N N   . GLU A 1 47 ? -7.012  -16.893 -19.563 1.00 32.30  ? 206 GLU A N   1 
ATOM   353 C CA  . GLU A 1 47 ? -8.435  -17.142 -19.777 1.00 33.81  ? 206 GLU A CA  1 
ATOM   354 C C   . GLU A 1 47 ? -8.782  -17.365 -21.245 1.00 37.11  ? 206 GLU A C   1 
ATOM   355 O O   . GLU A 1 47 ? -9.692  -18.134 -21.560 1.00 36.98  ? 206 GLU A O   1 
ATOM   356 C CB  . GLU A 1 47 ? -9.279  -15.994 -19.221 1.00 35.70  ? 206 GLU A CB  1 
ATOM   357 C CG  . GLU A 1 47 ? -9.305  -15.918 -17.699 1.00 36.23  ? 206 GLU A CG  1 
ATOM   358 C CD  . GLU A 1 47 ? -10.029 -14.686 -17.190 1.00 37.71  ? 206 GLU A CD  1 
ATOM   359 O OE1 . GLU A 1 47 ? -10.039 -13.661 -17.901 1.00 40.26  ? 206 GLU A OE1 1 
ATOM   360 O OE2 . GLU A 1 47 ? -10.575 -14.734 -16.072 1.00 39.58  ? 206 GLU A OE2 1 
ATOM   361 N N   . LYS A 1 48 ? -8.080  -16.691 -22.145 1.00 38.50  ? 207 LYS A N   1 
ATOM   362 C CA  . LYS A 1 48 ? -8.366  -16.901 -23.556 1.00 42.74  ? 207 LYS A CA  1 
ATOM   363 C C   . LYS A 1 48 ? -7.652  -18.177 -24.012 1.00 45.72  ? 207 LYS A C   1 
ATOM   364 O O   . LYS A 1 48 ? -8.158  -18.902 -24.863 1.00 45.07  ? 207 LYS A O   1 
ATOM   365 C CB  . LYS A 1 48 ? -7.961  -15.675 -24.395 1.00 42.83  ? 207 LYS A CB  1 
ATOM   366 C CG  . LYS A 1 48 ? -6.507  -15.254 -24.368 1.00 44.85  ? 207 LYS A CG  1 
ATOM   367 C CD  . LYS A 1 48 ? -6.349  -13.928 -25.124 1.00 45.78  ? 207 LYS A CD  1 
ATOM   368 C CE  . LYS A 1 48 ? -5.001  -13.825 -25.819 1.00 46.87  ? 207 LYS A CE  1 
ATOM   369 N NZ  . LYS A 1 48 ? -4.212  -12.635 -25.388 1.00 51.04  ? 207 LYS A NZ  1 
ATOM   370 N N   . LYS A 1 49 ? -6.499  -18.467 -23.409 1.00 49.12  ? 208 LYS A N   1 
ATOM   371 C CA  . LYS A 1 49 ? -5.743  -19.672 -23.743 1.00 54.51  ? 208 LYS A CA  1 
ATOM   372 C C   . LYS A 1 49 ? -6.531  -20.925 -23.345 1.00 57.00  ? 208 LYS A C   1 
ATOM   373 O O   . LYS A 1 49 ? -6.601  -21.883 -24.111 1.00 56.28  ? 208 LYS A O   1 
ATOM   374 C CB  . LYS A 1 49 ? -4.367  -19.667 -23.047 1.00 57.41  ? 208 LYS A CB  1 
ATOM   375 C CG  . LYS A 1 49 ? -3.508  -20.912 -23.321 1.00 63.83  ? 208 LYS A CG  1 
ATOM   376 C CD  . LYS A 1 49 ? -2.014  -20.693 -23.022 1.00 68.71  ? 208 LYS A CD  1 
ATOM   377 C CE  . LYS A 1 49 ? -1.671  -20.805 -21.537 1.00 71.55  ? 208 LYS A CE  1 
ATOM   378 N NZ  . LYS A 1 49 ? -0.262  -20.386 -21.246 1.00 72.27  ? 208 LYS A NZ  1 
ATOM   379 N N   . THR A 1 50 ? -7.134  -20.916 -22.157 1.00 63.96  ? 209 THR A N   1 
ATOM   380 C CA  . THR A 1 50 ? -7.909  -22.066 -21.685 1.00 69.35  ? 209 THR A CA  1 
ATOM   381 C C   . THR A 1 50 ? -9.362  -22.047 -22.175 1.00 74.93  ? 209 THR A C   1 
ATOM   382 O O   . THR A 1 50 ? -10.050 -23.069 -22.125 1.00 78.47  ? 209 THR A O   1 
ATOM   383 C CB  . THR A 1 50 ? -7.900  -22.166 -20.130 1.00 67.53  ? 209 THR A CB  1 
ATOM   384 O OG1 . THR A 1 50 ? -8.538  -21.017 -19.563 1.00 64.27  ? 209 THR A OG1 1 
ATOM   385 C CG2 . THR A 1 50 ? -6.470  -22.258 -19.607 1.00 65.49  ? 209 THR A CG2 1 
ATOM   386 N N   . GLU A 1 51 ? -9.813  -20.882 -22.641 1.00 82.58  ? 210 GLU A N   1 
ATOM   387 C CA  . GLU A 1 51 ? -11.162 -20.679 -23.179 1.00 88.62  ? 210 GLU A CA  1 
ATOM   388 C C   . GLU A 1 51 ? -12.312 -20.573 -22.175 1.00 90.72  ? 210 GLU A C   1 
ATOM   389 O O   . GLU A 1 51 ? -13.195 -21.460 -22.174 1.00 93.67  ? 210 GLU A O   1 
ATOM   390 C CB  . GLU A 1 51 ? -11.473 -21.745 -24.237 1.00 90.63  ? 210 GLU A CB  1 
ATOM   391 C CG  . GLU A 1 51 ? -10.529 -21.661 -25.436 1.00 91.48  ? 210 GLU A CG  1 
ATOM   392 C CD  . GLU A 1 51 ? -11.036 -22.394 -26.665 1.00 91.05  ? 210 GLU A CD  1 
ATOM   393 O OE1 . GLU A 1 51 ? -12.217 -22.211 -27.028 1.00 89.47  ? 210 GLU A OE1 1 
ATOM   394 O OE2 . GLU A 1 51 ? -10.244 -23.138 -27.281 1.00 89.89  ? 210 GLU A OE2 1 
ATOM   395 N N   . ILE B 1 8  ? 2.382   25.687  17.455  1.00 95.22  ? 167 ILE B N   1 
ATOM   396 C CA  . ILE B 1 8  ? 1.517   26.368  16.448  1.00 94.94  ? 167 ILE B CA  1 
ATOM   397 C C   . ILE B 1 8  ? 0.322   25.455  16.159  1.00 94.22  ? 167 ILE B C   1 
ATOM   398 O O   . ILE B 1 8  ? 0.305   24.299  16.586  1.00 93.37  ? 167 ILE B O   1 
ATOM   399 C CB  . ILE B 1 8  ? 2.315   26.651  15.142  1.00 95.18  ? 167 ILE B CB  1 
ATOM   400 C CG1 . ILE B 1 8  ? 1.646   27.771  14.344  1.00 94.26  ? 167 ILE B CG1 1 
ATOM   401 C CG2 . ILE B 1 8  ? 2.432   25.386  14.311  1.00 101.19 ? 167 ILE B CG2 1 
ATOM   402 C CD1 . ILE B 1 8  ? 1.819   29.155  14.954  1.00 86.64  ? 167 ILE B CD1 1 
ATOM   403 N N   . HIS B 1 9  ? -0.677  25.962  15.441  1.00 93.56  ? 168 HIS B N   1 
ATOM   404 C CA  . HIS B 1 9  ? -1.859  25.159  15.145  1.00 92.82  ? 168 HIS B CA  1 
ATOM   405 C C   . HIS B 1 9  ? -1.954  24.695  13.694  1.00 91.48  ? 168 HIS B C   1 
ATOM   406 O O   . HIS B 1 9  ? -2.854  23.930  13.343  1.00 90.68  ? 168 HIS B O   1 
ATOM   407 C CB  . HIS B 1 9  ? -3.134  25.927  15.513  1.00 94.17  ? 168 HIS B CB  1 
ATOM   408 C CG  . HIS B 1 9  ? -4.356  25.065  15.593  1.00 96.64  ? 168 HIS B CG  1 
ATOM   409 N ND1 . HIS B 1 9  ? -5.610  25.516  15.243  1.00 97.95  ? 168 HIS B ND1 1 
ATOM   410 C CD2 . HIS B 1 9  ? -4.520  23.783  15.999  1.00 97.86  ? 168 HIS B CD2 1 
ATOM   411 C CE1 . HIS B 1 9  ? -6.492  24.550  15.426  1.00 98.72  ? 168 HIS B CE1 1 
ATOM   412 N NE2 . HIS B 1 9  ? -5.856  23.487  15.884  1.00 98.71  ? 168 HIS B NE2 1 
ATOM   413 N N   . GLU B 1 10 ? -1.044  25.159  12.840  1.00 91.16  ? 169 GLU B N   1 
ATOM   414 C CA  . GLU B 1 10 ? -1.074  24.733  11.448  1.00 90.82  ? 169 GLU B CA  1 
ATOM   415 C C   . GLU B 1 10 ? -0.442  23.352  11.374  1.00 87.77  ? 169 GLU B C   1 
ATOM   416 O O   . GLU B 1 10 ? -0.780  22.545  10.505  1.00 88.47  ? 169 GLU B O   1 
ATOM   417 C CB  . GLU B 1 10 ? -0.312  25.713  10.545  1.00 94.83  ? 169 GLU B CB  1 
ATOM   418 C CG  . GLU B 1 10 ? 1.176   25.857  10.837  1.00 100.45 ? 169 GLU B CG  1 
ATOM   419 C CD  . GLU B 1 10 ? 1.864   26.815  9.875   1.00 103.23 ? 169 GLU B CD  1 
ATOM   420 O OE1 . GLU B 1 10 ? 1.289   27.890  9.595   1.00 104.07 ? 169 GLU B OE1 1 
ATOM   421 O OE2 . GLU B 1 10 ? 2.979   26.501  9.405   1.00 104.33 ? 169 GLU B OE2 1 
ATOM   422 N N   . MET B 1 11 ? 0.468   23.084  12.304  1.00 82.11  ? 170 MET B N   1 
ATOM   423 C CA  . MET B 1 11 ? 1.153   21.802  12.351  1.00 76.52  ? 170 MET B CA  1 
ATOM   424 C C   . MET B 1 11 ? 0.398   20.814  13.239  1.00 73.14  ? 170 MET B C   1 
ATOM   425 O O   . MET B 1 11 ? 0.631   19.608  13.170  1.00 69.33  ? 170 MET B O   1 
ATOM   426 C CB  . MET B 1 11 ? 2.588   21.977  12.854  1.00 76.39  ? 170 MET B CB  1 
ATOM   427 C CG  . MET B 1 11 ? 2.767   21.807  14.352  1.00 77.15  ? 170 MET B CG  1 
ATOM   428 S SD  . MET B 1 11 ? 3.898   20.450  14.716  1.00 76.66  ? 170 MET B SD  1 
ATOM   429 C CE  . MET B 1 11 ? 5.465   21.311  14.645  1.00 78.23  ? 170 MET B CE  1 
ATOM   430 N N   . GLU B 1 12 ? -0.493  21.327  14.084  1.00 68.99  ? 171 GLU B N   1 
ATOM   431 C CA  . GLU B 1 12 ? -1.284  20.456  14.945  1.00 67.43  ? 171 GLU B CA  1 
ATOM   432 C C   . GLU B 1 12 ? -2.281  19.807  13.992  1.00 64.75  ? 171 GLU B C   1 
ATOM   433 O O   . GLU B 1 12 ? -2.623  18.632  14.124  1.00 60.08  ? 171 GLU B O   1 
ATOM   434 C CB  . GLU B 1 12 ? -2.008  21.268  16.029  1.00 71.81  ? 171 GLU B CB  1 
ATOM   435 C CG  . GLU B 1 12 ? -2.358  20.461  17.281  1.00 79.34  ? 171 GLU B CG  1 
ATOM   436 C CD  . GLU B 1 12 ? -2.567  21.330  18.515  1.00 84.26  ? 171 GLU B CD  1 
ATOM   437 O OE1 . GLU B 1 12 ? -2.338  20.828  19.638  1.00 86.63  ? 171 GLU B OE1 1 
ATOM   438 O OE2 . GLU B 1 12 ? -2.960  22.507  18.368  1.00 87.05  ? 171 GLU B OE2 1 
ATOM   439 N N   . ILE B 1 13 ? -2.728  20.590  13.016  1.00 66.27  ? 172 ILE B N   1 
ATOM   440 C CA  . ILE B 1 13 ? -3.655  20.108  12.005  1.00 68.07  ? 172 ILE B CA  1 
ATOM   441 C C   . ILE B 1 13 ? -2.857  19.176  11.090  1.00 65.42  ? 172 ILE B C   1 
ATOM   442 O O   . ILE B 1 13 ? -3.265  18.042  10.849  1.00 65.92  ? 172 ILE B O   1 
ATOM   443 C CB  . ILE B 1 13 ? -4.266  21.282  11.182  1.00 71.17  ? 172 ILE B CB  1 
ATOM   444 C CG1 . ILE B 1 13 ? -5.283  22.050  12.038  1.00 74.15  ? 172 ILE B CG1 1 
ATOM   445 C CG2 . ILE B 1 13 ? -4.910  20.752  9.907   1.00 78.20  ? 172 ILE B CG2 1 
ATOM   446 C CD1 . ILE B 1 13 ? -6.474  21.222  12.517  1.00 71.33  ? 172 ILE B CD1 1 
ATOM   447 N N   . GLN B 1 14 ? -1.711  19.651  10.601  1.00 63.77  ? 173 GLN B N   1 
ATOM   448 C CA  . GLN B 1 14 ? -0.862  18.837  9.728   1.00 61.75  ? 173 GLN B CA  1 
ATOM   449 C C   . GLN B 1 14 ? -0.559  17.473  10.342  1.00 59.69  ? 173 GLN B C   1 
ATOM   450 O O   . GLN B 1 14 ? -0.528  16.466  9.634   1.00 59.56  ? 173 GLN B O   1 
ATOM   451 C CB  . GLN B 1 14 ? 0.470   19.544  9.424   1.00 62.98  ? 173 GLN B CB  1 
ATOM   452 C CG  . GLN B 1 14 ? 0.430   20.536  8.267   1.00 64.45  ? 173 GLN B CG  1 
ATOM   453 C CD  . GLN B 1 14 ? 1.808   21.089  7.913   1.00 65.66  ? 173 GLN B CD  1 
ATOM   454 O OE1 . GLN B 1 14 ? 1.959   22.285  7.663   1.00 66.05  ? 173 GLN B OE1 1 
ATOM   455 N NE2 . GLN B 1 14 ? 2.812   20.217  7.875   1.00 65.72  ? 173 GLN B NE2 1 
ATOM   456 N N   . LEU B 1 15 ? -0.341  17.436  11.655  1.00 56.16  ? 174 LEU B N   1 
ATOM   457 C CA  . LEU B 1 15 ? -0.029  16.180  12.332  1.00 54.36  ? 174 LEU B CA  1 
ATOM   458 C C   . LEU B 1 15 ? -1.164  15.164  12.333  1.00 54.78  ? 174 LEU B C   1 
ATOM   459 O O   . LEU B 1 15 ? -0.948  14.008  11.962  1.00 53.09  ? 174 LEU B O   1 
ATOM   460 C CB  . LEU B 1 15 ? 0.420   16.424  13.778  1.00 51.70  ? 174 LEU B CB  1 
ATOM   461 C CG  . LEU B 1 15 ? 0.714   15.151  14.592  1.00 50.10  ? 174 LEU B CG  1 
ATOM   462 C CD1 . LEU B 1 15 ? 1.847   14.366  13.939  1.00 49.31  ? 174 LEU B CD1 1 
ATOM   463 C CD2 . LEU B 1 15 ? 1.085   15.517  16.022  1.00 48.40  ? 174 LEU B CD2 1 
ATOM   464 N N   . LYS B 1 16 ? -2.366  15.553  12.751  1.00 55.28  ? 175 LYS B N   1 
ATOM   465 C CA  . LYS B 1 16 ? -3.430  14.559  12.741  1.00 57.22  ? 175 LYS B CA  1 
ATOM   466 C C   . LYS B 1 16 ? -3.840  14.253  11.311  1.00 55.07  ? 175 LYS B C   1 
ATOM   467 O O   . LYS B 1 16 ? -4.375  13.184  11.030  1.00 53.49  ? 175 LYS B O   1 
ATOM   468 C CB  . LYS B 1 16 ? -4.658  14.987  13.544  1.00 61.27  ? 175 LYS B CB  1 
ATOM   469 C CG  . LYS B 1 16 ? -5.280  13.802  14.308  1.00 67.77  ? 175 LYS B CG  1 
ATOM   470 C CD  . LYS B 1 16 ? -5.373  12.523  13.448  1.00 70.76  ? 175 LYS B CD  1 
ATOM   471 C CE  . LYS B 1 16 ? -5.166  11.254  14.279  1.00 72.38  ? 175 LYS B CE  1 
ATOM   472 N NZ  . LYS B 1 16 ? -5.248  9.991   13.477  1.00 72.69  ? 175 LYS B NZ  1 
ATOM   473 N N   . ASP B 1 17 ? -3.594  15.187  10.401  1.00 53.09  ? 176 ASP B N   1 
ATOM   474 C CA  . ASP B 1 17 ? -3.927  14.923  9.009   1.00 51.64  ? 176 ASP B CA  1 
ATOM   475 C C   . ASP B 1 17 ? -3.031  13.768  8.565   1.00 50.02  ? 176 ASP B C   1 
ATOM   476 O O   . ASP B 1 17 ? -3.493  12.812  7.942   1.00 48.31  ? 176 ASP B O   1 
ATOM   477 C CB  . ASP B 1 17 ? -3.675  16.160  8.143   1.00 52.31  ? 176 ASP B CB  1 
ATOM   478 C CG  . ASP B 1 17 ? -4.907  17.044  8.015   1.00 53.90  ? 176 ASP B CG  1 
ATOM   479 O OD1 . ASP B 1 17 ? -5.942  16.715  8.633   1.00 54.41  ? 176 ASP B OD1 1 
ATOM   480 O OD2 . ASP B 1 17 ? -4.842  18.063  7.292   1.00 55.33  ? 176 ASP B OD2 1 
ATOM   481 N N   . ALA B 1 18 ? -1.755  13.858  8.920   1.00 48.59  ? 177 ALA B N   1 
ATOM   482 C CA  . ALA B 1 18 ? -0.772  12.839  8.575   1.00 47.30  ? 177 ALA B CA  1 
ATOM   483 C C   . ALA B 1 18 ? -1.052  11.493  9.246   1.00 47.30  ? 177 ALA B C   1 
ATOM   484 O O   . ALA B 1 18 ? -0.937  10.443  8.612   1.00 47.60  ? 177 ALA B O   1 
ATOM   485 C CB  . ALA B 1 18 ? 0.624   13.325  8.944   1.00 48.11  ? 177 ALA B CB  1 
ATOM   486 N N   . LEU B 1 19 ? -1.419  11.527  10.526  1.00 45.57  ? 178 LEU B N   1 
ATOM   487 C CA  . LEU B 1 19 ? -1.707  10.306  11.284  1.00 44.90  ? 178 LEU B CA  1 
ATOM   488 C C   . LEU B 1 19 ? -3.011  9.643   10.873  1.00 44.39  ? 178 LEU B C   1 
ATOM   489 O O   . LEU B 1 19 ? -3.142  8.419   10.924  1.00 43.80  ? 178 LEU B O   1 
ATOM   490 C CB  . LEU B 1 19 ? -1.767  10.604  12.783  1.00 44.73  ? 178 LEU B CB  1 
ATOM   491 C CG  . LEU B 1 19 ? -0.467  10.954  13.510  1.00 46.04  ? 178 LEU B CG  1 
ATOM   492 C CD1 . LEU B 1 19 ? -0.773  11.187  14.979  1.00 45.10  ? 178 LEU B CD1 1 
ATOM   493 C CD2 . LEU B 1 19 ? 0.547   9.827   13.354  1.00 44.20  ? 178 LEU B CD2 1 
ATOM   494 N N   . GLU B 1 20 ? -3.986  10.454  10.496  1.00 43.82  ? 179 GLU B N   1 
ATOM   495 C CA  . GLU B 1 20 ? -5.279  9.933   10.072  1.00 44.08  ? 179 GLU B CA  1 
ATOM   496 C C   . GLU B 1 20 ? -5.098  9.193   8.754   1.00 41.27  ? 179 GLU B C   1 
ATOM   497 O O   . GLU B 1 20 ? -5.639  8.114   8.542   1.00 40.41  ? 179 GLU B O   1 
ATOM   498 C CB  . GLU B 1 20 ? -6.259  11.080  9.885   1.00 46.35  ? 179 GLU B CB  1 
ATOM   499 C CG  . GLU B 1 20 ? -7.452  10.728  9.044   1.00 52.33  ? 179 GLU B CG  1 
ATOM   500 C CD  . GLU B 1 20 ? -8.384  11.896  8.896   1.00 56.18  ? 179 GLU B CD  1 
ATOM   501 O OE1 . GLU B 1 20 ? -9.399  11.932  9.623   1.00 57.80  ? 179 GLU B OE1 1 
ATOM   502 O OE2 . GLU B 1 20 ? -8.085  12.782  8.066   1.00 56.02  ? 179 GLU B OE2 1 
ATOM   503 N N   . LYS B 1 21 ? -4.325  9.808   7.877   1.00 39.16  ? 180 LYS B N   1 
ATOM   504 C CA  . LYS B 1 21 ? -4.030  9.258   6.571   1.00 38.25  ? 180 LYS B CA  1 
ATOM   505 C C   . LYS B 1 21 ? -3.248  7.953   6.727   1.00 36.96  ? 180 LYS B C   1 
ATOM   506 O O   . LYS B 1 21 ? -3.443  7.006   5.965   1.00 34.93  ? 180 LYS B O   1 
ATOM   507 C CB  . LYS B 1 21 ? -3.228  10.295  5.795   1.00 39.79  ? 180 LYS B CB  1 
ATOM   508 C CG  . LYS B 1 21 ? -2.927  9.963   4.376   1.00 43.00  ? 180 LYS B CG  1 
ATOM   509 C CD  . LYS B 1 21 ? -2.384  11.208  3.696   1.00 47.88  ? 180 LYS B CD  1 
ATOM   510 C CE  . LYS B 1 21 ? -1.600  10.825  2.480   1.00 48.58  ? 180 LYS B CE  1 
ATOM   511 N NZ  . LYS B 1 21 ? -2.367  9.830   1.707   1.00 52.68  ? 180 LYS B NZ  1 
ATOM   512 N N   . ASN B 1 22 ? -2.377  7.899   7.731   1.00 37.19  ? 181 ASN B N   1 
ATOM   513 C CA  . ASN B 1 22 ? -1.576  6.700   7.962   1.00 37.03  ? 181 ASN B CA  1 
ATOM   514 C C   . ASN B 1 22 ? -2.444  5.503   8.350   1.00 37.01  ? 181 ASN B C   1 
ATOM   515 O O   . ASN B 1 22 ? -2.257  4.400   7.832   1.00 34.77  ? 181 ASN B O   1 
ATOM   516 C CB  . ASN B 1 22 ? -0.536  6.934   9.059   1.00 35.12  ? 181 ASN B CB  1 
ATOM   517 C CG  . ASN B 1 22 ? 0.523   5.845   9.095   1.00 34.30  ? 181 ASN B CG  1 
ATOM   518 O OD1 . ASN B 1 22 ? 1.393   5.782   8.224   1.00 34.09  ? 181 ASN B OD1 1 
ATOM   519 N ND2 . ASN B 1 22 ? 0.445   4.970   10.089  1.00 30.48  ? 181 ASN B ND2 1 
ATOM   520 N N   . GLN B 1 23 ? -3.385  5.718   9.264   1.00 37.65  ? 182 GLN B N   1 
ATOM   521 C CA  . GLN B 1 23 ? -4.268  4.640   9.700   1.00 39.24  ? 182 GLN B CA  1 
ATOM   522 C C   . GLN B 1 23 ? -5.099  4.180   8.502   1.00 37.67  ? 182 GLN B C   1 
ATOM   523 O O   . GLN B 1 23 ? -5.431  3.001   8.382   1.00 37.46  ? 182 GLN B O   1 
ATOM   524 C CB  . GLN B 1 23 ? -5.179  5.118   10.837  1.00 46.57  ? 182 GLN B CB  1 
ATOM   525 C CG  . GLN B 1 23 ? -5.899  4.004   11.609  1.00 56.99  ? 182 GLN B CG  1 
ATOM   526 C CD  . GLN B 1 23 ? -4.957  3.122   12.422  1.00 62.37  ? 182 GLN B CD  1 
ATOM   527 O OE1 . GLN B 1 23 ? -3.768  3.413   12.555  1.00 65.44  ? 182 GLN B OE1 1 
ATOM   528 N NE2 . GLN B 1 23 ? -5.494  2.040   12.975  1.00 65.90  ? 182 GLN B NE2 1 
ATOM   529 N N   . GLN B 1 24 ? -5.430  5.110   7.612   1.00 34.18  ? 183 GLN B N   1 
ATOM   530 C CA  . GLN B 1 24 ? -6.196  4.753   6.420   1.00 34.28  ? 183 GLN B CA  1 
ATOM   531 C C   . GLN B 1 24 ? -5.358  3.843   5.528   1.00 32.64  ? 183 GLN B C   1 
ATOM   532 O O   . GLN B 1 24 ? -5.880  2.907   4.916   1.00 30.84  ? 183 GLN B O   1 
ATOM   533 C CB  . GLN B 1 24 ? -6.610  6.001   5.638   1.00 35.69  ? 183 GLN B CB  1 
ATOM   534 C CG  . GLN B 1 24 ? -7.840  6.713   6.193   1.00 39.14  ? 183 GLN B CG  1 
ATOM   535 C CD  . GLN B 1 24 ? -8.161  7.985   5.432   1.00 41.55  ? 183 GLN B CD  1 
ATOM   536 O OE1 . GLN B 1 24 ? -7.318  8.870   5.302   1.00 43.67  ? 183 GLN B OE1 1 
ATOM   537 N NE2 . GLN B 1 24 ? -9.386  8.084   4.930   1.00 44.43  ? 183 GLN B NE2 1 
ATOM   538 N N   . TRP B 1 25 ? -4.057  4.112   5.445   1.00 29.63  ? 184 TRP B N   1 
ATOM   539 C CA  . TRP B 1 25 ? -3.191  3.272   4.630   1.00 31.11  ? 184 TRP B CA  1 
ATOM   540 C C   . TRP B 1 25 ? -3.201  1.827   5.112   1.00 29.20  ? 184 TRP B C   1 
ATOM   541 O O   . TRP B 1 25 ? -3.222  0.897   4.311   1.00 28.35  ? 184 TRP B O   1 
ATOM   542 C CB  . TRP B 1 25 ? -1.751  3.806   4.628   1.00 31.25  ? 184 TRP B CB  1 
ATOM   543 C CG  . TRP B 1 25 ? -1.471  4.787   3.533   1.00 32.40  ? 184 TRP B CG  1 
ATOM   544 C CD1 . TRP B 1 25 ? -1.139  6.100   3.675   1.00 33.01  ? 184 TRP B CD1 1 
ATOM   545 C CD2 . TRP B 1 25 ? -1.487  4.527   2.121   1.00 34.33  ? 184 TRP B CD2 1 
ATOM   546 N NE1 . TRP B 1 25 ? -0.954  6.680   2.441   1.00 34.02  ? 184 TRP B NE1 1 
ATOM   547 C CE2 . TRP B 1 25 ? -1.173  5.740   1.470   1.00 34.78  ? 184 TRP B CE2 1 
ATOM   548 C CE3 . TRP B 1 25 ? -1.764  3.393   1.344   1.00 33.75  ? 184 TRP B CE3 1 
ATOM   549 C CZ2 . TRP B 1 25 ? -1.095  5.845   0.077   1.00 35.27  ? 184 TRP B CZ2 1 
ATOM   550 C CZ3 . TRP B 1 25 ? -1.689  3.501   -0.047  1.00 34.04  ? 184 TRP B CZ3 1 
ATOM   551 C CH2 . TRP B 1 25 ? -1.368  4.721   -0.661  1.00 33.00  ? 184 TRP B CH2 1 
ATOM   552 N N   . LEU B 1 26 ? -3.199  1.645   6.429   1.00 30.48  ? 185 LEU B N   1 
ATOM   553 C CA  . LEU B 1 26 ? -3.197  0.306   7.022   1.00 32.25  ? 185 LEU B CA  1 
ATOM   554 C C   . LEU B 1 26 ? -4.449  -0.479  6.660   1.00 32.61  ? 185 LEU B C   1 
ATOM   555 O O   . LEU B 1 26 ? -4.385  -1.656  6.332   1.00 31.21  ? 185 LEU B O   1 
ATOM   556 C CB  . LEU B 1 26 ? -3.090  0.396   8.543   1.00 33.17  ? 185 LEU B CB  1 
ATOM   557 C CG  . LEU B 1 26 ? -1.698  0.508   9.164   1.00 35.97  ? 185 LEU B CG  1 
ATOM   558 C CD1 . LEU B 1 26 ? -0.805  1.402   8.323   1.00 37.39  ? 185 LEU B CD1 1 
ATOM   559 C CD2 . LEU B 1 26 ? -1.826  1.041   10.580  1.00 37.49  ? 185 LEU B CD2 1 
ATOM   560 N N   . VAL B 1 27 ? -5.585  0.199   6.734   1.00 34.02  ? 186 VAL B N   1 
ATOM   561 C CA  . VAL B 1 27 ? -6.871  -0.396  6.413   1.00 34.39  ? 186 VAL B CA  1 
ATOM   562 C C   . VAL B 1 27 ? -6.916  -0.768  4.942   1.00 31.86  ? 186 VAL B C   1 
ATOM   563 O O   . VAL B 1 27 ? -7.278  -1.886  4.586   1.00 29.93  ? 186 VAL B O   1 
ATOM   564 C CB  . VAL B 1 27 ? -8.007  0.605   6.739   1.00 36.85  ? 186 VAL B CB  1 
ATOM   565 C CG1 . VAL B 1 27 ? -9.332  0.076   6.213   1.00 38.15  ? 186 VAL B CG1 1 
ATOM   566 C CG2 . VAL B 1 27 ? -8.068  0.833   8.236   1.00 38.24  ? 186 VAL B CG2 1 
ATOM   567 N N   . TYR B 1 28 ? -6.531  0.180   4.100   1.00 30.04  ? 187 TYR B N   1 
ATOM   568 C CA  . TYR B 1 28 ? -6.513  -0.024  2.656   1.00 28.82  ? 187 TYR B CA  1 
ATOM   569 C C   . TYR B 1 28 ? -5.572  -1.156  2.257   1.00 29.06  ? 187 TYR B C   1 
ATOM   570 O O   . TYR B 1 28 ? -5.916  -2.001  1.432   1.00 28.21  ? 187 TYR B O   1 
ATOM   571 C CB  . TYR B 1 28 ? -6.079  1.256   1.950   1.00 28.32  ? 187 TYR B CB  1 
ATOM   572 C CG  . TYR B 1 28 ? -6.067  1.164   0.441   1.00 29.55  ? 187 TYR B CG  1 
ATOM   573 C CD1 . TYR B 1 28 ? -4.873  1.243   -0.274  1.00 29.23  ? 187 TYR B CD1 1 
ATOM   574 C CD2 . TYR B 1 28 ? -7.254  1.045   -0.274  1.00 30.79  ? 187 TYR B CD2 1 
ATOM   575 C CE1 . TYR B 1 28 ? -4.864  1.216   -1.673  1.00 31.61  ? 187 TYR B CE1 1 
ATOM   576 C CE2 . TYR B 1 28 ? -7.261  1.013   -1.673  1.00 30.30  ? 187 TYR B CE2 1 
ATOM   577 C CZ  . TYR B 1 28 ? -6.066  1.102   -2.364  1.00 31.61  ? 187 TYR B CZ  1 
ATOM   578 O OH  . TYR B 1 28 ? -6.066  1.095   -3.741  1.00 33.72  ? 187 TYR B OH  1 
ATOM   579 N N   . ASP B 1 29 ? -4.381  -1.171  2.840   1.00 29.23  ? 188 ASP B N   1 
ATOM   580 C CA  . ASP B 1 29 ? -3.407  -2.206  2.525   1.00 30.76  ? 188 ASP B CA  1 
ATOM   581 C C   . ASP B 1 29 ? -3.943  -3.620  2.740   1.00 30.70  ? 188 ASP B C   1 
ATOM   582 O O   . ASP B 1 29 ? -3.820  -4.470  1.862   1.00 30.29  ? 188 ASP B O   1 
ATOM   583 C CB  . ASP B 1 29 ? -2.137  -2.020  3.356   1.00 31.86  ? 188 ASP B CB  1 
ATOM   584 C CG  . ASP B 1 29 ? -1.123  -3.121  3.108   1.00 33.90  ? 188 ASP B CG  1 
ATOM   585 O OD1 . ASP B 1 29 ? -0.570  -3.175  1.993   1.00 32.85  ? 188 ASP B OD1 1 
ATOM   586 O OD2 . ASP B 1 29 ? -0.887  -3.933  4.024   1.00 34.41  ? 188 ASP B OD2 1 
ATOM   587 N N   . GLN B 1 30 ? -4.552  -3.887  3.893   1.00 31.53  ? 189 GLN B N   1 
ATOM   588 C CA  . GLN B 1 30 ? -5.049  -5.238  4.131   1.00 34.29  ? 189 GLN B CA  1 
ATOM   589 C C   . GLN B 1 30 ? -6.148  -5.605  3.140   1.00 33.87  ? 189 GLN B C   1 
ATOM   590 O O   . GLN B 1 30 ? -6.267  -6.770  2.750   1.00 32.84  ? 189 GLN B O   1 
ATOM   591 C CB  . GLN B 1 30 ? -5.468  -5.416  5.610   1.00 36.19  ? 189 GLN B CB  1 
ATOM   592 C CG  . GLN B 1 30 ? -6.943  -5.580  5.940   1.00 43.22  ? 189 GLN B CG  1 
ATOM   593 C CD  . GLN B 1 30 ? -7.558  -6.866  5.422   1.00 46.53  ? 189 GLN B CD  1 
ATOM   594 O OE1 . GLN B 1 30 ? -6.967  -7.945  5.515   1.00 48.67  ? 189 GLN B OE1 1 
ATOM   595 N NE2 . GLN B 1 30 ? -8.769  -6.758  4.886   1.00 48.19  ? 189 GLN B NE2 1 
ATOM   596 N N   . GLN B 1 31 ? -6.924  -4.613  2.706   1.00 33.66  ? 190 GLN B N   1 
ATOM   597 C CA  . GLN B 1 31 ? -7.972  -4.839  1.713   1.00 33.22  ? 190 GLN B CA  1 
ATOM   598 C C   . GLN B 1 31 ? -7.292  -5.168  0.381   1.00 29.81  ? 190 GLN B C   1 
ATOM   599 O O   . GLN B 1 31 ? -7.645  -6.141  -0.287  1.00 27.46  ? 190 GLN B O   1 
ATOM   600 C CB  . GLN B 1 31 ? -8.848  -3.586  1.540   1.00 40.84  ? 190 GLN B CB  1 
ATOM   601 C CG  . GLN B 1 31 ? -9.984  -3.438  2.546   1.00 50.57  ? 190 GLN B CG  1 
ATOM   602 C CD  . GLN B 1 31 ? -10.698 -2.092  2.439   1.00 57.27  ? 190 GLN B CD  1 
ATOM   603 O OE1 . GLN B 1 31 ? -10.545 -1.369  1.452   1.00 59.41  ? 190 GLN B OE1 1 
ATOM   604 N NE2 . GLN B 1 31 ? -11.489 -1.758  3.456   1.00 59.05  ? 190 GLN B NE2 1 
ATOM   605 N N   . ARG B 1 32 ? -6.309  -4.359  0.000   1.00 26.34  ? 191 ARG B N   1 
ATOM   606 C CA  . ARG B 1 32 ? -5.601  -4.590  -1.252  1.00 25.93  ? 191 ARG B CA  1 
ATOM   607 C C   . ARG B 1 32 ? -4.885  -5.932  -1.297  1.00 25.24  ? 191 ARG B C   1 
ATOM   608 O O   . ARG B 1 32 ? -4.842  -6.582  -2.341  1.00 24.21  ? 191 ARG B O   1 
ATOM   609 C CB  . ARG B 1 32 ? -4.589  -3.472  -1.536  1.00 25.85  ? 191 ARG B CB  1 
ATOM   610 C CG  . ARG B 1 32 ? -5.222  -2.182  -2.021  1.00 28.66  ? 191 ARG B CG  1 
ATOM   611 C CD  . ARG B 1 32 ? -6.277  -2.449  -3.102  1.00 31.56  ? 191 ARG B CD  1 
ATOM   612 N NE  . ARG B 1 32 ? -5.763  -2.411  -4.470  1.00 29.32  ? 191 ARG B NE  1 
ATOM   613 C CZ  . ARG B 1 32 ? -6.494  -2.707  -5.541  1.00 32.85  ? 191 ARG B CZ  1 
ATOM   614 N NH1 . ARG B 1 32 ? -7.762  -3.074  -5.400  1.00 31.79  ? 191 ARG B NH1 1 
ATOM   615 N NH2 . ARG B 1 32 ? -5.970  -2.616  -6.756  1.00 31.98  ? 191 ARG B NH2 1 
ATOM   616 N N   . GLU B 1 33 ? -4.326  -6.352  -0.166  1.00 23.65  ? 192 GLU B N   1 
ATOM   617 C CA  . GLU B 1 33 ? -3.613  -7.623  -0.121  1.00 24.00  ? 192 GLU B CA  1 
ATOM   618 C C   . GLU B 1 33 ? -4.562  -8.817  -0.316  1.00 22.94  ? 192 GLU B C   1 
ATOM   619 O O   . GLU B 1 33 ? -4.179  -9.829  -0.896  1.00 20.45  ? 192 GLU B O   1 
ATOM   620 C CB  . GLU B 1 33 ? -2.833  -7.735  1.188   1.00 22.84  ? 192 GLU B CB  1 
ATOM   621 C CG  . GLU B 1 33 ? -1.562  -6.876  1.210   1.00 24.53  ? 192 GLU B CG  1 
ATOM   622 C CD  . GLU B 1 33 ? -0.613  -7.216  0.064   1.00 24.89  ? 192 GLU B CD  1 
ATOM   623 O OE1 . GLU B 1 33 ? -0.672  -6.552  -0.993  1.00 24.46  ? 192 GLU B OE1 1 
ATOM   624 O OE2 . GLU B 1 33 ? 0.192   -8.161  0.214   1.00 27.01  ? 192 GLU B OE2 1 
ATOM   625 N N   . VAL B 1 34 ? -5.794  -8.704  0.171   1.00 23.57  ? 193 VAL B N   1 
ATOM   626 C CA  . VAL B 1 34 ? -6.771  -9.776  -0.031  1.00 24.47  ? 193 VAL B CA  1 
ATOM   627 C C   . VAL B 1 34 ? -7.037  -9.827  -1.536  1.00 24.34  ? 193 VAL B C   1 
ATOM   628 O O   . VAL B 1 34 ? -7.126  -10.893 -2.138  1.00 22.95  ? 193 VAL B O   1 
ATOM   629 C CB  . VAL B 1 34 ? -8.108  -9.488  0.699   1.00 25.90  ? 193 VAL B CB  1 
ATOM   630 C CG1 . VAL B 1 34 ? -9.209  -10.420 0.182   1.00 27.83  ? 193 VAL B CG1 1 
ATOM   631 C CG2 . VAL B 1 34 ? -7.933  -9.683  2.197   1.00 28.34  ? 193 VAL B CG2 1 
ATOM   632 N N   . TYR B 1 35 ? -7.152  -8.648  -2.142  1.00 23.49  ? 194 TYR B N   1 
ATOM   633 C CA  . TYR B 1 35 ? -7.396  -8.557  -3.574  1.00 23.53  ? 194 TYR B CA  1 
ATOM   634 C C   . TYR B 1 35 ? -6.247  -9.134  -4.401  1.00 22.34  ? 194 TYR B C   1 
ATOM   635 O O   . TYR B 1 35 ? -6.478  -9.882  -5.348  1.00 22.08  ? 194 TYR B O   1 
ATOM   636 C CB  . TYR B 1 35 ? -7.658  -7.105  -3.974  1.00 25.47  ? 194 TYR B CB  1 
ATOM   637 C CG  . TYR B 1 35 ? -7.710  -6.886  -5.467  1.00 28.65  ? 194 TYR B CG  1 
ATOM   638 C CD1 . TYR B 1 35 ? -6.682  -6.207  -6.121  1.00 27.33  ? 194 TYR B CD1 1 
ATOM   639 C CD2 . TYR B 1 35 ? -8.774  -7.363  -6.234  1.00 27.48  ? 194 TYR B CD2 1 
ATOM   640 C CE1 . TYR B 1 35 ? -6.708  -6.010  -7.489  1.00 27.63  ? 194 TYR B CE1 1 
ATOM   641 C CE2 . TYR B 1 35 ? -8.806  -7.175  -7.614  1.00 26.78  ? 194 TYR B CE2 1 
ATOM   642 C CZ  . TYR B 1 35 ? -7.765  -6.494  -8.232  1.00 28.67  ? 194 TYR B CZ  1 
ATOM   643 O OH  . TYR B 1 35 ? -7.768  -6.290  -9.594  1.00 30.08  ? 194 TYR B OH  1 
ATOM   644 N N   . VAL B 1 36 ? -5.011  -8.787  -4.051  1.00 19.39  ? 195 VAL B N   1 
ATOM   645 C CA  . VAL B 1 36 ? -3.861  -9.310  -4.795  1.00 18.78  ? 195 VAL B CA  1 
ATOM   646 C C   . VAL B 1 36 ? -3.730  -10.825 -4.618  1.00 17.88  ? 195 VAL B C   1 
ATOM   647 O O   . VAL B 1 36 ? -3.435  -11.540 -5.575  1.00 18.53  ? 195 VAL B O   1 
ATOM   648 C CB  . VAL B 1 36 ? -2.540  -8.617  -4.370  1.00 19.29  ? 195 VAL B CB  1 
ATOM   649 C CG1 . VAL B 1 36 ? -1.335  -9.286  -5.061  1.00 17.55  ? 195 VAL B CG1 1 
ATOM   650 C CG2 . VAL B 1 36 ? -2.599  -7.140  -4.746  1.00 17.88  ? 195 VAL B CG2 1 
ATOM   651 N N   . LYS B 1 37 ? -3.948  -11.325 -3.404  1.00 19.07  ? 196 LYS B N   1 
ATOM   652 C CA  . LYS B 1 37 ? -3.873  -12.770 -3.198  1.00 20.71  ? 196 LYS B CA  1 
ATOM   653 C C   . LYS B 1 37 ? -4.903  -13.467 -4.094  1.00 19.77  ? 196 LYS B C   1 
ATOM   654 O O   . LYS B 1 37 ? -4.642  -14.532 -4.651  1.00 20.21  ? 196 LYS B O   1 
ATOM   655 C CB  . LYS B 1 37 ? -4.146  -13.161 -1.739  1.00 23.01  ? 196 LYS B CB  1 
ATOM   656 C CG  . LYS B 1 37 ? -4.145  -14.688 -1.562  1.00 27.65  ? 196 LYS B CG  1 
ATOM   657 C CD  . LYS B 1 37 ? -4.556  -15.162 -0.179  1.00 33.11  ? 196 LYS B CD  1 
ATOM   658 C CE  . LYS B 1 37 ? -4.764  -16.698 -0.149  1.00 35.46  ? 196 LYS B CE  1 
ATOM   659 N NZ  . LYS B 1 37 ? -6.044  -17.154 -0.793  1.00 35.19  ? 196 LYS B NZ  1 
ATOM   660 N N   . GLY B 1 38 ? -6.080  -12.862 -4.212  1.00 21.83  ? 197 GLY B N   1 
ATOM   661 C CA  . GLY B 1 38 ? -7.129  -13.433 -5.038  1.00 20.21  ? 197 GLY B CA  1 
ATOM   662 C C   . GLY B 1 38 ? -6.701  -13.544 -6.488  1.00 20.77  ? 197 GLY B C   1 
ATOM   663 O O   . GLY B 1 38 ? -6.964  -14.550 -7.139  1.00 19.21  ? 197 GLY B O   1 
ATOM   664 N N   . LEU B 1 39 ? -6.045  -12.513 -7.004  1.00 21.10  ? 198 LEU B N   1 
ATOM   665 C CA  . LEU B 1 39 ? -5.583  -12.552 -8.387  1.00 16.27  ? 198 LEU B CA  1 
ATOM   666 C C   . LEU B 1 39 ? -4.523  -13.639 -8.546  1.00 17.00  ? 198 LEU B C   1 
ATOM   667 O O   . LEU B 1 39 ? -4.558  -14.397 -9.510  1.00 17.64  ? 198 LEU B O   1 
ATOM   668 C CB  . LEU B 1 39 ? -5.011  -11.187 -8.810  1.00 18.72  ? 198 LEU B CB  1 
ATOM   669 C CG  . LEU B 1 39 ? -5.955  -9.975  -8.768  1.00 19.82  ? 198 LEU B CG  1 
ATOM   670 C CD1 . LEU B 1 39 ? -5.225  -8.737  -9.295  1.00 20.27  ? 198 LEU B CD1 1 
ATOM   671 C CD2 . LEU B 1 39 ? -7.204  -10.251 -9.608  1.00 20.04  ? 198 LEU B CD2 1 
ATOM   672 N N   . LEU B 1 40 ? -3.582  -13.722 -7.600  1.00 14.82  ? 199 LEU B N   1 
ATOM   673 C CA  . LEU B 1 40 ? -2.538  -14.746 -7.667  1.00 17.18  ? 199 LEU B CA  1 
ATOM   674 C C   . LEU B 1 40 ? -3.130  -16.158 -7.589  1.00 17.93  ? 199 LEU B C   1 
ATOM   675 O O   . LEU B 1 40 ? -2.635  -17.082 -8.236  1.00 18.01  ? 199 LEU B O   1 
ATOM   676 C CB  . LEU B 1 40 ? -1.518  -14.563 -6.535  1.00 17.11  ? 199 LEU B CB  1 
ATOM   677 C CG  . LEU B 1 40 ? -0.591  -13.354 -6.658  1.00 18.37  ? 199 LEU B CG  1 
ATOM   678 C CD1 . LEU B 1 40 ? 0.122   -13.094 -5.332  1.00 18.78  ? 199 LEU B CD1 1 
ATOM   679 C CD2 . LEU B 1 40 ? 0.403   -13.603 -7.785  1.00 17.85  ? 199 LEU B CD2 1 
ATOM   680 N N   . ALA B 1 41 ? -4.181  -16.324 -6.795  1.00 15.42  ? 200 ALA B N   1 
ATOM   681 C CA  . ALA B 1 41 ? -4.825  -17.624 -6.642  1.00 20.24  ? 200 ALA B CA  1 
ATOM   682 C C   . ALA B 1 41 ? -5.523  -18.003 -7.942  1.00 20.09  ? 200 ALA B C   1 
ATOM   683 O O   . ALA B 1 41 ? -5.504  -19.162 -8.351  1.00 21.91  ? 200 ALA B O   1 
ATOM   684 C CB  . ALA B 1 41 ? -5.832  -17.590 -5.482  1.00 17.20  ? 200 ALA B CB  1 
ATOM   685 N N   . LYS B 1 42 ? -6.143  -17.019 -8.584  1.00 22.78  ? 201 LYS B N   1 
ATOM   686 C CA  . LYS B 1 42 ? -6.834  -17.256 -9.846  1.00 24.00  ? 201 LYS B CA  1 
ATOM   687 C C   . LYS B 1 42 ? -5.808  -17.702 -10.897 1.00 23.36  ? 201 LYS B C   1 
ATOM   688 O O   . LYS B 1 42 ? -6.050  -18.632 -11.664 1.00 22.70  ? 201 LYS B O   1 
ATOM   689 C CB  . LYS B 1 42 ? -7.567  -15.984 -10.287 1.00 28.92  ? 201 LYS B CB  1 
ATOM   690 C CG  . LYS B 1 42 ? -8.443  -16.177 -11.506 1.00 39.44  ? 201 LYS B CG  1 
ATOM   691 C CD  . LYS B 1 42 ? -9.091  -14.878 -11.981 1.00 46.07  ? 201 LYS B CD  1 
ATOM   692 C CE  . LYS B 1 42 ? -10.308 -14.496 -11.155 1.00 49.54  ? 201 LYS B CE  1 
ATOM   693 N NZ  . LYS B 1 42 ? -11.218 -13.618 -11.949 1.00 52.75  ? 201 LYS B NZ  1 
ATOM   694 N N   . ILE B 1 43 ? -4.650  -17.053 -10.924 1.00 22.96  ? 202 ILE B N   1 
ATOM   695 C CA  . ILE B 1 43 ? -3.612  -17.443 -11.875 1.00 21.82  ? 202 ILE B CA  1 
ATOM   696 C C   . ILE B 1 43 ? -3.141  -18.881 -11.627 1.00 23.83  ? 202 ILE B C   1 
ATOM   697 O O   . ILE B 1 43 ? -2.915  -19.633 -12.571 1.00 21.93  ? 202 ILE B O   1 
ATOM   698 C CB  . ILE B 1 43 ? -2.397  -16.488 -11.798 1.00 24.71  ? 202 ILE B CB  1 
ATOM   699 C CG1 . ILE B 1 43 ? -2.750  -15.152 -12.451 1.00 23.67  ? 202 ILE B CG1 1 
ATOM   700 C CG2 . ILE B 1 43 ? -1.180  -17.116 -12.465 1.00 23.46  ? 202 ILE B CG2 1 
ATOM   701 C CD1 . ILE B 1 43 ? -1.780  -14.021 -12.128 1.00 26.27  ? 202 ILE B CD1 1 
ATOM   702 N N   . PHE B 1 44 ? -2.993  -19.254 -10.358 1.00 23.70  ? 203 PHE B N   1 
ATOM   703 C CA  . PHE B 1 44 ? -2.555  -20.604 -10.002 1.00 25.41  ? 203 PHE B CA  1 
ATOM   704 C C   . PHE B 1 44 ? -3.552  -21.625 -10.530 1.00 25.13  ? 203 PHE B C   1 
ATOM   705 O O   . PHE B 1 44 ? -3.174  -22.664 -11.074 1.00 26.16  ? 203 PHE B O   1 
ATOM   706 C CB  . PHE B 1 44 ? -2.444  -20.758 -8.480  1.00 22.56  ? 203 PHE B CB  1 
ATOM   707 C CG  . PHE B 1 44 ? -2.038  -22.140 -8.036  1.00 23.69  ? 203 PHE B CG  1 
ATOM   708 C CD1 . PHE B 1 44 ? -0.721  -22.575 -8.160  1.00 23.53  ? 203 PHE B CD1 1 
ATOM   709 C CD2 . PHE B 1 44 ? -2.985  -23.025 -7.535  1.00 24.49  ? 203 PHE B CD2 1 
ATOM   710 C CE1 . PHE B 1 44 ? -0.351  -23.868 -7.771  1.00 24.81  ? 203 PHE B CE1 1 
ATOM   711 C CE2 . PHE B 1 44 ? -2.629  -24.316 -7.143  1.00 25.21  ? 203 PHE B CE2 1 
ATOM   712 C CZ  . PHE B 1 44 ? -1.310  -24.741 -7.270  1.00 23.64  ? 203 PHE B CZ  1 
ATOM   713 N N   . GLU B 1 45 ? -4.831  -21.321 -10.345 1.00 27.93  ? 204 GLU B N   1 
ATOM   714 C CA  . GLU B 1 45 ? -5.915  -22.188 -10.792 1.00 31.42  ? 204 GLU B CA  1 
ATOM   715 C C   . GLU B 1 45 ? -5.915  -22.316 -12.319 1.00 30.88  ? 204 GLU B C   1 
ATOM   716 O O   . GLU B 1 45 ? -5.984  -23.423 -12.857 1.00 29.38  ? 204 GLU B O   1 
ATOM   717 C CB  . GLU B 1 45 ? -7.258  -21.629 -10.301 1.00 35.52  ? 204 GLU B CB  1 
ATOM   718 C CG  . GLU B 1 45 ? -8.474  -22.433 -10.738 1.00 47.45  ? 204 GLU B CG  1 
ATOM   719 C CD  . GLU B 1 45 ? -8.442  -23.875 -10.256 1.00 53.65  ? 204 GLU B CD  1 
ATOM   720 O OE1 . GLU B 1 45 ? -8.836  -24.768 -11.037 1.00 56.82  ? 204 GLU B OE1 1 
ATOM   721 O OE2 . GLU B 1 45 ? -8.037  -24.120 -9.100  1.00 56.98  ? 204 GLU B OE2 1 
ATOM   722 N N   . LEU B 1 46 ? -5.819  -21.185 -13.013 1.00 29.48  ? 205 LEU B N   1 
ATOM   723 C CA  . LEU B 1 46 ? -5.803  -21.185 -14.473 1.00 30.69  ? 205 LEU B CA  1 
ATOM   724 C C   . LEU B 1 46 ? -4.599  -21.945 -15.020 1.00 32.27  ? 205 LEU B C   1 
ATOM   725 O O   . LEU B 1 46 ? -4.691  -22.581 -16.069 1.00 31.92  ? 205 LEU B O   1 
ATOM   726 C CB  . LEU B 1 46 ? -5.814  -19.746 -15.005 1.00 30.40  ? 205 LEU B CB  1 
ATOM   727 C CG  . LEU B 1 46 ? -7.182  -19.045 -14.973 1.00 31.01  ? 205 LEU B CG  1 
ATOM   728 C CD1 . LEU B 1 46 ? -7.007  -17.532 -14.934 1.00 31.93  ? 205 LEU B CD1 1 
ATOM   729 C CD2 . LEU B 1 46 ? -7.992  -19.470 -16.194 1.00 31.18  ? 205 LEU B CD2 1 
ATOM   730 N N   . GLU B 1 47 ? -3.474  -21.884 -14.315 1.00 31.80  ? 206 GLU B N   1 
ATOM   731 C CA  . GLU B 1 47 ? -2.276  -22.599 -14.748 1.00 36.92  ? 206 GLU B CA  1 
ATOM   732 C C   . GLU B 1 47 ? -2.467  -24.115 -14.597 1.00 38.81  ? 206 GLU B C   1 
ATOM   733 O O   . GLU B 1 47 ? -1.853  -24.891 -15.327 1.00 37.03  ? 206 GLU B O   1 
ATOM   734 C CB  . GLU B 1 47 ? -1.050  -22.147 -13.941 1.00 35.99  ? 206 GLU B CB  1 
ATOM   735 C CG  . GLU B 1 47 ? -0.635  -20.686 -14.167 1.00 40.56  ? 206 GLU B CG  1 
ATOM   736 C CD  . GLU B 1 47 ? 0.341   -20.501 -15.318 1.00 44.22  ? 206 GLU B CD  1 
ATOM   737 O OE1 . GLU B 1 47 ? 0.407   -21.383 -16.201 1.00 47.60  ? 206 GLU B OE1 1 
ATOM   738 O OE2 . GLU B 1 47 ? 1.038   -19.461 -15.347 1.00 46.05  ? 206 GLU B OE2 1 
ATOM   739 N N   . LYS B 1 48 ? -3.308  -24.539 -13.652 1.00 42.06  ? 207 LYS B N   1 
ATOM   740 C CA  . LYS B 1 48 ? -3.561  -25.968 -13.457 1.00 49.34  ? 207 LYS B CA  1 
ATOM   741 C C   . LYS B 1 48 ? -4.151  -26.594 -14.714 1.00 54.95  ? 207 LYS B C   1 
ATOM   742 O O   . LYS B 1 48 ? -3.905  -27.764 -15.005 1.00 56.30  ? 207 LYS B O   1 
ATOM   743 C CB  . LYS B 1 48 ? -4.539  -26.223 -12.305 1.00 49.26  ? 207 LYS B CB  1 
ATOM   744 C CG  . LYS B 1 48 ? -3.933  -26.380 -10.925 1.00 49.49  ? 207 LYS B CG  1 
ATOM   745 C CD  . LYS B 1 48 ? -4.887  -27.192 -10.062 1.00 50.63  ? 207 LYS B CD  1 
ATOM   746 C CE  . LYS B 1 48 ? -4.708  -26.937 -8.581  1.00 52.65  ? 207 LYS B CE  1 
ATOM   747 N NZ  . LYS B 1 48 ? -5.492  -27.921 -7.777  1.00 53.90  ? 207 LYS B NZ  1 
ATOM   748 N N   . LYS B 1 49 ? -4.950  -25.827 -15.452 1.00 63.76  ? 208 LYS B N   1 
ATOM   749 C CA  . LYS B 1 49 ? -5.563  -26.334 -16.672 1.00 71.89  ? 208 LYS B CA  1 
ATOM   750 C C   . LYS B 1 49 ? -4.461  -26.528 -17.714 1.00 73.59  ? 208 LYS B C   1 
ATOM   751 O O   . LYS B 1 49 ? -4.594  -25.963 -18.821 1.00 75.08  ? 208 LYS B O   1 
ATOM   752 C CB  . LYS B 1 49 ? -6.600  -25.349 -17.222 1.00 78.61  ? 208 LYS B CB  1 
ATOM   753 C CG  . LYS B 1 49 ? -7.450  -24.625 -16.180 1.00 88.19  ? 208 LYS B CG  1 
ATOM   754 C CD  . LYS B 1 49 ? -8.285  -25.565 -15.327 1.00 94.21  ? 208 LYS B CD  1 
ATOM   755 C CE  . LYS B 1 49 ? -9.210  -24.769 -14.416 1.00 97.13  ? 208 LYS B CE  1 
ATOM   756 N NZ  . LYS B 1 49 ? -9.897  -25.622 -13.408 1.00 99.24  ? 208 LYS B NZ  1 
ATOM   757 N N   . GLN C 2 1  ? 3.149   4.888   16.842  1.00 61.81  ? 797 GLN C N   1 
ATOM   758 C CA  . GLN C 2 1  ? 1.752   4.593   16.411  1.00 61.05  ? 797 GLN C CA  1 
ATOM   759 C C   . GLN C 2 1  ? 1.660   4.555   14.883  1.00 57.23  ? 797 GLN C C   1 
ATOM   760 O O   . GLN C 2 1  ? 1.045   3.650   14.322  1.00 57.41  ? 797 GLN C O   1 
ATOM   761 C CB  . GLN C 2 1  ? 0.795   5.648   16.978  1.00 66.10  ? 797 GLN C CB  1 
ATOM   762 C CG  . GLN C 2 1  ? -0.679  5.460   16.617  1.00 72.23  ? 797 GLN C CG  1 
ATOM   763 C CD  . GLN C 2 1  ? -1.350  4.308   17.352  1.00 75.43  ? 797 GLN C CD  1 
ATOM   764 O OE1 . GLN C 2 1  ? -0.760  3.688   18.240  1.00 77.29  ? 797 GLN C OE1 1 
ATOM   765 N NE2 . GLN C 2 1  ? -2.597  4.024   16.990  1.00 77.29  ? 797 GLN C NE2 1 
ATOM   766 N N   . ALA C 2 2  ? 2.262   5.529   14.209  1.00 50.65  ? 798 ALA C N   1 
ATOM   767 C CA  . ALA C 2 2  ? 2.233   5.539   12.749  1.00 46.33  ? 798 ALA C CA  1 
ATOM   768 C C   . ALA C 2 2  ? 3.072   4.363   12.250  1.00 43.68  ? 798 ALA C C   1 
ATOM   769 O O   . ALA C 2 2  ? 4.122   4.061   12.817  1.00 40.56  ? 798 ALA C O   1 
ATOM   770 C CB  . ALA C 2 2  ? 2.792   6.857   12.206  1.00 44.19  ? 798 ALA C CB  1 
ATOM   771 N N   . GLN C 2 3  ? 2.605   3.700   11.195  1.00 41.75  ? 799 GLN C N   1 
ATOM   772 C CA  . GLN C 2 3  ? 3.322   2.556   10.633  1.00 39.51  ? 799 GLN C CA  1 
ATOM   773 C C   . GLN C 2 3  ? 3.580   2.719   9.150   1.00 35.78  ? 799 GLN C C   1 
ATOM   774 O O   . GLN C 2 3  ? 2.751   3.258   8.425   1.00 34.94  ? 799 GLN C O   1 
ATOM   775 C CB  . GLN C 2 3  ? 2.526   1.264   10.790  1.00 43.17  ? 799 GLN C CB  1 
ATOM   776 C CG  . GLN C 2 3  ? 2.237   0.792   12.190  1.00 47.60  ? 799 GLN C CG  1 
ATOM   777 C CD  . GLN C 2 3  ? 1.577   -0.574  12.171  1.00 51.73  ? 799 GLN C CD  1 
ATOM   778 O OE1 . GLN C 2 3  ? 0.856   -0.943  13.094  1.00 54.28  ? 799 GLN C OE1 1 
ATOM   779 N NE2 . GLN C 2 3  ? 1.830   -1.336  11.108  1.00 53.77  ? 799 GLN C NE2 1 
ATOM   780 N N   . GLY C 2 4  ? 4.725   2.224   8.697   1.00 34.70  ? 800 GLY C N   1 
ATOM   781 C CA  . GLY C 2 4  ? 5.043   2.284   7.283   1.00 30.79  ? 800 GLY C CA  1 
ATOM   782 C C   . GLY C 2 4  ? 4.720   0.919   6.709   1.00 29.01  ? 800 GLY C C   1 
ATOM   783 O O   . GLY C 2 4  ? 4.249   0.055   7.440   1.00 28.16  ? 800 GLY C O   1 
ATOM   784 N N   . PRO C 2 5  ? 4.946   0.694   5.404   1.00 29.19  ? 801 PRO C N   1 
ATOM   785 C CA  . PRO C 2 5  ? 4.679   -0.582  4.720   1.00 30.69  ? 801 PRO C CA  1 
ATOM   786 C C   . PRO C 2 5  ? 5.576   -1.726  5.219   1.00 33.24  ? 801 PRO C C   1 
ATOM   787 O O   . PRO C 2 5  ? 6.631   -1.480  5.801   1.00 33.15  ? 801 PRO C O   1 
ATOM   788 C CB  . PRO C 2 5  ? 4.932   -0.243  3.250   1.00 30.66  ? 801 PRO C CB  1 
ATOM   789 C CG  . PRO C 2 5  ? 5.944   0.864   3.323   1.00 29.68  ? 801 PRO C CG  1 
ATOM   790 C CD  . PRO C 2 5  ? 5.420   1.710   4.452   1.00 29.49  ? 801 PRO C CD  1 
ATOM   791 N N   . PRO C 2 6  ? 5.159   -2.992  5.005   1.00 34.55  ? 802 PRO C N   1 
ATOM   792 C CA  . PRO C 2 6  ? 5.912   -4.183  5.426   1.00 34.81  ? 802 PRO C CA  1 
ATOM   793 C C   . PRO C 2 6  ? 7.343   -4.211  4.888   1.00 35.55  ? 802 PRO C C   1 
ATOM   794 O O   . PRO C 2 6  ? 8.265   -4.672  5.564   1.00 35.12  ? 802 PRO C O   1 
ATOM   795 C CB  . PRO C 2 6  ? 5.081   -5.335  4.865   1.00 33.68  ? 802 PRO C CB  1 
ATOM   796 C CG  . PRO C 2 6  ? 3.697   -4.805  4.909   1.00 34.78  ? 802 PRO C CG  1 
ATOM   797 C CD  . PRO C 2 6  ? 3.865   -3.384  4.413   1.00 34.17  ? 802 PRO C CD  1 
ATOM   798 N N   . TYR C 2 7  ? 7.508   -3.738  3.658   1.00 35.51  ? 803 TYR C N   1 
ATOM   799 C CA  . TYR C 2 7  ? 8.807   -3.699  2.991   1.00 36.59  ? 803 TYR C CA  1 
ATOM   800 C C   . TYR C 2 7  ? 8.902   -2.360  2.270   1.00 36.03  ? 803 TYR C C   1 
ATOM   801 O O   . TYR C 2 7  ? 7.883   -1.723  2.000   1.00 34.01  ? 803 TYR C O   1 
ATOM   802 C CB  . TYR C 2 7  ? 8.911   -4.833  1.959   1.00 39.43  ? 803 TYR C CB  1 
ATOM   803 C CG  . TYR C 2 7  ? 8.667   -6.229  2.501   1.00 42.36  ? 803 TYR C CG  1 
ATOM   804 C CD1 . TYR C 2 7  ? 9.689   -6.951  3.117   1.00 45.01  ? 803 TYR C CD1 1 
ATOM   805 C CD2 . TYR C 2 7  ? 7.410   -6.830  2.394   1.00 44.64  ? 803 TYR C CD2 1 
ATOM   806 C CE1 . TYR C 2 7  ? 9.468   -8.242  3.610   1.00 48.15  ? 803 TYR C CE1 1 
ATOM   807 C CE2 . TYR C 2 7  ? 7.177   -8.118  2.887   1.00 47.17  ? 803 TYR C CE2 1 
ATOM   808 C CZ  . TYR C 2 7  ? 8.211   -8.818  3.491   1.00 48.78  ? 803 TYR C CZ  1 
ATOM   809 O OH  . TYR C 2 7  ? 7.992   -10.096 3.958   1.00 50.79  ? 803 TYR C OH  1 
ATOM   810 N N   . PRO C 2 8  ? 10.121  -1.900  1.957   1.00 35.97  ? 804 PRO C N   1 
ATOM   811 C CA  . PRO C 2 8  ? 10.197  -0.611  1.258   1.00 35.46  ? 804 PRO C CA  1 
ATOM   812 C C   . PRO C 2 8  ? 9.752   -0.720  -0.203  1.00 32.85  ? 804 PRO C C   1 
ATOM   813 O O   . PRO C 2 8  ? 9.329   0.266   -0.810  1.00 32.16  ? 804 PRO C O   1 
ATOM   814 C CB  . PRO C 2 8  ? 11.669  -0.220  1.406   1.00 36.10  ? 804 PRO C CB  1 
ATOM   815 C CG  . PRO C 2 8  ? 12.373  -1.545  1.518   1.00 37.82  ? 804 PRO C CG  1 
ATOM   816 C CD  . PRO C 2 8  ? 11.451  -2.326  2.429   1.00 37.10  ? 804 PRO C CD  1 
ATOM   817 N N   . THR C 2 9  ? 9.831   -1.927  -0.753  1.00 32.47  ? 805 THR C N   1 
ATOM   818 C CA  . THR C 2 9  ? 9.440   -2.191  -2.137  1.00 32.09  ? 805 THR C CA  1 
ATOM   819 C C   . THR C 2 9  ? 8.355   -3.257  -2.147  1.00 31.65  ? 805 THR C C   1 
ATOM   820 O O   . THR C 2 9  ? 8.388   -4.183  -1.339  1.00 28.69  ? 805 THR C O   1 
ATOM   821 C CB  . THR C 2 9  ? 10.628  -2.728  -2.952  1.00 33.51  ? 805 THR C CB  1 
ATOM   822 O OG1 . THR C 2 9  ? 11.697  -1.773  -2.927  1.00 36.07  ? 805 THR C OG1 1 
ATOM   823 C CG2 . THR C 2 9  ? 10.212  -2.993  -4.397  1.00 33.26  ? 805 THR C CG2 1 
ATOM   824 N N   . TYR C 2 10 ? 7.397   -3.150  -3.059  1.00 29.81  ? 806 TYR C N   1 
ATOM   825 C CA  . TYR C 2 10 ? 6.350   -4.160  -3.102  1.00 30.60  ? 806 TYR C CA  1 
ATOM   826 C C   . TYR C 2 10 ? 6.866   -5.465  -3.681  1.00 31.54  ? 806 TYR C C   1 
ATOM   827 O O   . TYR C 2 10 ? 7.483   -5.463  -4.739  1.00 31.64  ? 806 TYR C O   1 
ATOM   828 C CB  . TYR C 2 10 ? 5.150   -3.711  -3.938  1.00 26.09  ? 806 TYR C CB  1 
ATOM   829 C CG  . TYR C 2 10 ? 3.978   -4.650  -3.751  1.00 22.56  ? 806 TYR C CG  1 
ATOM   830 C CD1 . TYR C 2 10 ? 3.714   -5.682  -4.655  1.00 22.20  ? 806 TYR C CD1 1 
ATOM   831 C CD2 . TYR C 2 10 ? 3.179   -4.553  -2.619  1.00 21.22  ? 806 TYR C CD2 1 
ATOM   832 C CE1 . TYR C 2 10 ? 2.670   -6.601  -4.419  1.00 20.31  ? 806 TYR C CE1 1 
ATOM   833 C CE2 . TYR C 2 10 ? 2.150   -5.452  -2.374  1.00 20.89  ? 806 TYR C CE2 1 
ATOM   834 C CZ  . TYR C 2 10 ? 1.900   -6.475  -3.275  1.00 19.84  ? 806 TYR C CZ  1 
ATOM   835 O OH  . TYR C 2 10 ? 0.882   -7.362  -3.005  1.00 21.49  ? 806 TYR C OH  1 
ATOM   836 N N   . PRO C 2 11 ? 6.616   -6.592  -2.987  1.00 34.17  ? 807 PRO C N   1 
ATOM   837 C CA  . PRO C 2 11 ? 7.063   -7.902  -3.460  1.00 36.47  ? 807 PRO C CA  1 
ATOM   838 C C   . PRO C 2 11 ? 6.604   -8.162  -4.880  1.00 35.76  ? 807 PRO C C   1 
ATOM   839 O O   . PRO C 2 11 ? 5.412   -8.103  -5.180  1.00 36.42  ? 807 PRO C O   1 
ATOM   840 C CB  . PRO C 2 11 ? 6.423   -8.863  -2.461  1.00 39.13  ? 807 PRO C CB  1 
ATOM   841 C CG  . PRO C 2 11 ? 6.608   -8.099  -1.191  1.00 39.77  ? 807 PRO C CG  1 
ATOM   842 C CD  . PRO C 2 11 ? 6.176   -6.689  -1.587  1.00 35.14  ? 807 PRO C CD  1 
ATOM   843 N N   . GLY C 2 12 ? 7.535   -8.484  -5.766  1.00 36.31  ? 808 GLY C N   1 
ATOM   844 C CA  . GLY C 2 12 ? 7.166   -8.756  -7.139  1.00 37.54  ? 808 GLY C CA  1 
ATOM   845 C C   . GLY C 2 12 ? 7.391   -7.555  -8.045  1.00 38.17  ? 808 GLY C C   1 
ATOM   846 O O   . GLY C 2 12 ? 7.338   -7.711  -9.274  1.00 37.89  ? 808 GLY C O   1 
ATOM   847 N N   . TYR C 2 13 ? 7.634   -6.370  -7.481  1.00 38.78  ? 809 TYR C N   1 
ATOM   848 C CA  . TYR C 2 13 ? 7.891   -5.202  -8.320  1.00 41.55  ? 809 TYR C CA  1 
ATOM   849 C C   . TYR C 2 13 ? 9.349   -5.229  -8.777  1.00 43.81  ? 809 TYR C C   1 
ATOM   850 O O   . TYR C 2 13 ? 10.158  -5.966  -8.171  1.00 45.52  ? 809 TYR C O   1 
ATOM   851 C CB  . TYR C 2 13 ? 7.623   -3.908  -7.555  1.00 40.71  ? 809 TYR C CB  1 
ATOM   852 C CG  . TYR C 2 13 ? 7.901   -2.639  -8.369  1.00 42.94  ? 809 TYR C CG  1 
ATOM   853 C CD1 . TYR C 2 13 ? 7.010   -2.193  -9.354  1.00 43.70  ? 809 TYR C CD1 1 
ATOM   854 C CD2 . TYR C 2 13 ? 9.066   -1.889  -8.160  1.00 42.97  ? 809 TYR C CD2 1 
ATOM   855 C CE1 . TYR C 2 13 ? 7.273   -1.037  -10.101 1.00 43.82  ? 809 TYR C CE1 1 
ATOM   856 C CE2 . TYR C 2 13 ? 9.333   -0.741  -8.902  1.00 42.51  ? 809 TYR C CE2 1 
ATOM   857 C CZ  . TYR C 2 13 ? 8.435   -0.318  -9.867  1.00 43.26  ? 809 TYR C CZ  1 
ATOM   858 O OH  . TYR C 2 13 ? 8.700   0.828   -10.590 1.00 47.32  ? 809 TYR C OH  1 
ATOM   859 O OXT . TYR C 2 13 ? 9.666   -4.489  -9.723  1.00 47.34  ? 809 TYR C OXT 1 
HETATM 860 O O   . HOH D 3 .  ? 1.116   12.458  4.231   1.00 32.86  ? 1   HOH A O   1 
HETATM 861 O O   . HOH D 3 .  ? 1.711   -10.376 -17.204 1.00 33.83  ? 2   HOH A O   1 
HETATM 862 O O   . HOH D 3 .  ? 9.077   2.688   -7.636  1.00 42.77  ? 3   HOH A O   1 
HETATM 863 O O   . HOH D 3 .  ? 1.342   2.524   -10.222 1.00 34.56  ? 4   HOH A O   1 
HETATM 864 O O   . HOH D 3 .  ? 2.258   -7.762  -18.558 1.00 46.20  ? 6   HOH A O   1 
HETATM 865 O O   . HOH D 3 .  ? 4.593   9.440   13.750  1.00 41.41  ? 14  HOH A O   1 
HETATM 866 O O   . HOH D 3 .  ? -3.056  -1.548  -11.158 1.00 29.42  ? 17  HOH A O   1 
HETATM 867 O O   . HOH D 3 .  ? -2.773  -9.976  -21.538 1.00 37.30  ? 18  HOH A O   1 
HETATM 868 O O   . HOH D 3 .  ? 3.060   -8.671  -12.175 1.00 35.98  ? 19  HOH A O   1 
HETATM 869 O O   . HOH D 3 .  ? -2.946  -0.990  -4.502  1.00 25.78  ? 21  HOH A O   1 
HETATM 870 O O   . HOH D 3 .  ? 13.029  19.186  22.616  1.00 60.35  ? 24  HOH A O   1 
HETATM 871 O O   . HOH D 3 .  ? 9.881   2.317   2.955   1.00 53.13  ? 27  HOH A O   1 
HETATM 872 O O   . HOH D 3 .  ? -3.349  -5.248  -17.106 1.00 34.74  ? 28  HOH A O   1 
HETATM 873 O O   . HOH D 3 .  ? -3.829  -16.718 -24.726 1.00 52.24  ? 30  HOH A O   1 
HETATM 874 O O   . HOH D 3 .  ? -4.146  2.205   -5.246  1.00 36.75  ? 31  HOH A O   1 
HETATM 875 O O   . HOH D 3 .  ? 12.591  3.214   2.617   1.00 50.13  ? 32  HOH A O   1 
HETATM 876 O O   . HOH D 3 .  ? 8.830   2.302   7.453   1.00 47.28  ? 35  HOH A O   1 
HETATM 877 O O   . HOH D 3 .  ? 0.862   -11.691 -19.342 1.00 40.56  ? 37  HOH A O   1 
HETATM 878 O O   . HOH D 3 .  ? -7.885  -9.950  -15.877 1.00 39.38  ? 38  HOH A O   1 
HETATM 879 O O   . HOH D 3 .  ? 12.810  1.439   4.989   1.00 61.72  ? 40  HOH A O   1 
HETATM 880 O O   . HOH D 3 .  ? 0.302   1.272   -12.308 1.00 51.93  ? 43  HOH A O   1 
HETATM 881 O O   . HOH D 3 .  ? 0.565   9.010   1.399   1.00 31.59  ? 45  HOH A O   1 
HETATM 882 O O   . HOH D 3 .  ? -1.308  -4.194  -18.746 1.00 53.83  ? 49  HOH A O   1 
HETATM 883 O O   . HOH D 3 .  ? -1.175  4.388   -5.836  1.00 50.61  ? 57  HOH A O   1 
HETATM 884 O O   . HOH D 3 .  ? -5.915  -2.310  -12.886 1.00 58.24  ? 58  HOH A O   1 
HETATM 885 O O   . HOH D 3 .  ? -8.124  -24.049 -25.988 1.00 55.76  ? 65  HOH A O   1 
HETATM 886 O O   . HOH D 3 .  ? -9.556  -13.656 -21.805 1.00 43.73  ? 66  HOH A O   1 
HETATM 887 O O   . HOH D 3 .  ? -10.679 -20.285 -18.569 1.00 61.21  ? 69  HOH A O   1 
HETATM 888 O O   . HOH D 3 .  ? -4.370  -7.365  -20.943 1.00 51.18  ? 71  HOH A O   1 
HETATM 889 O O   . HOH D 3 .  ? 2.668   -3.923  -14.907 1.00 48.20  ? 73  HOH A O   1 
HETATM 890 O O   . HOH D 3 .  ? 14.948  1.731   2.084   1.00 53.96  ? 74  HOH A O   1 
HETATM 891 O O   . HOH D 3 .  ? 11.066  11.204  10.556  1.00 43.08  ? 76  HOH A O   1 
HETATM 892 O O   . HOH D 3 .  ? -4.827  -3.207  -15.909 1.00 53.93  ? 77  HOH A O   1 
HETATM 893 O O   . HOH D 3 .  ? -0.124  7.410   -6.729  1.00 50.80  ? 78  HOH A O   1 
HETATM 894 O O   . HOH D 3 .  ? 2.706   11.137  0.657   1.00 59.72  ? 82  HOH A O   1 
HETATM 895 O O   . HOH D 3 .  ? 9.690   13.375  6.916   1.00 57.46  ? 86  HOH A O   1 
HETATM 896 O O   . HOH D 3 .  ? -5.418  -6.282  -18.430 1.00 49.84  ? 88  HOH A O   1 
HETATM 897 O O   . HOH D 3 .  ? -1.908  -10.384 -23.943 1.00 61.64  ? 90  HOH A O   1 
HETATM 898 O O   . HOH D 3 .  ? -0.122  7.024   -9.373  1.00 52.51  ? 101 HOH A O   1 
HETATM 899 O O   . HOH D 3 .  ? 8.660   12.498  4.218   1.00 54.71  ? 102 HOH A O   1 
HETATM 900 O O   . HOH D 3 .  ? 9.684   8.185   2.597   1.00 52.64  ? 108 HOH A O   1 
HETATM 901 O O   . HOH E 3 .  ? 0.330   -17.769 -8.712  0.50 26.97  ? 5   HOH B O   1 
HETATM 902 O O   . HOH E 3 .  ? -9.090  -3.515  5.646   1.00 44.67  ? 7   HOH B O   1 
HETATM 903 O O   . HOH E 3 .  ? -9.431  -3.923  -3.285  1.00 40.10  ? 8   HOH B O   1 
HETATM 904 O O   . HOH E 3 .  ? -9.032  -10.777 -6.215  1.00 24.23  ? 10  HOH B O   1 
HETATM 905 O O   . HOH E 3 .  ? -9.211  -15.959 -6.872  1.00 31.54  ? 12  HOH B O   1 
HETATM 906 O O   . HOH E 3 .  ? -10.170 -6.852  -0.816  1.00 41.01  ? 13  HOH B O   1 
HETATM 907 O O   . HOH E 3 .  ? -8.559  0.436   -5.085  1.00 47.62  ? 15  HOH B O   1 
HETATM 908 O O   . HOH E 3 .  ? -0.704  -24.194 -11.177 1.00 25.02  ? 16  HOH B O   1 
HETATM 909 O O   . HOH E 3 .  ? -8.140  -13.280 -1.440  1.00 37.06  ? 20  HOH B O   1 
HETATM 910 O O   . HOH E 3 .  ? 0.018   -9.826  2.372   1.00 25.66  ? 22  HOH B O   1 
HETATM 911 O O   . HOH E 3 .  ? -2.561  14.825  4.350   1.00 61.63  ? 25  HOH B O   1 
HETATM 912 O O   . HOH E 3 .  ? -0.382  -26.631 -10.145 1.00 46.36  ? 29  HOH B O   1 
HETATM 913 O O   . HOH E 3 .  ? -8.546  3.216   4.195   1.00 31.12  ? 33  HOH B O   1 
HETATM 914 O O   . HOH E 3 .  ? -11.490 -5.026  -4.883  1.00 46.91  ? 34  HOH B O   1 
HETATM 915 O O   . HOH E 3 .  ? 1.096   -5.287  2.199   1.00 29.14  ? 36  HOH B O   1 
HETATM 916 O O   . HOH E 3 .  ? -10.533 10.035  10.935  1.00 54.70  ? 39  HOH B O   1 
HETATM 917 O O   . HOH E 3 .  ? -5.444  13.137  6.006   1.00 43.66  ? 41  HOH B O   1 
HETATM 918 O O   . HOH E 3 .  ? -8.968  14.021  5.914   1.00 50.75  ? 44  HOH B O   1 
HETATM 919 O O   . HOH E 3 .  ? -7.285  7.667   12.283  1.00 62.09  ? 46  HOH B O   1 
HETATM 920 O O   . HOH E 3 .  ? -6.265  11.162  4.149   1.00 44.87  ? 47  HOH B O   1 
HETATM 921 O O   . HOH E 3 .  ? -2.025  -11.436 2.514   1.00 46.39  ? 48  HOH B O   1 
HETATM 922 O O   . HOH E 3 .  ? -9.896  1.262   2.355   1.00 47.66  ? 51  HOH B O   1 
HETATM 923 O O   . HOH E 3 .  ? -10.718 -7.015  3.264   1.00 55.81  ? 52  HOH B O   1 
HETATM 924 O O   . HOH E 3 .  ? -10.622 -11.565 -3.274  1.00 73.21  ? 53  HOH B O   1 
HETATM 925 O O   . HOH E 3 .  ? -1.479  9.510   -0.657  1.00 43.78  ? 54  HOH B O   1 
HETATM 926 O O   . HOH E 3 .  ? -2.758  17.421  16.294  1.00 63.36  ? 55  HOH B O   1 
HETATM 927 O O   . HOH E 3 .  ? -9.896  -6.908  -10.770 1.00 39.79  ? 59  HOH B O   1 
HETATM 928 O O   . HOH E 3 .  ? -2.278  -3.236  6.958   1.00 37.53  ? 60  HOH B O   1 
HETATM 929 O O   . HOH E 3 .  ? -10.347 7.837   8.767   1.00 49.25  ? 61  HOH B O   1 
HETATM 930 O O   . HOH E 3 .  ? -8.855  -14.197 0.665   1.00 43.21  ? 62  HOH B O   1 
HETATM 931 O O   . HOH E 3 .  ? -0.427  16.708  6.898   1.00 44.93  ? 67  HOH B O   1 
HETATM 932 O O   . HOH E 3 .  ? 1.753   18.227  6.128   1.00 48.04  ? 68  HOH B O   1 
HETATM 933 O O   . HOH E 3 .  ? -10.609 -22.207 -15.084 1.00 64.85  ? 72  HOH B O   1 
HETATM 934 O O   . HOH E 3 .  ? -5.550  23.495  20.833  1.00 78.29  ? 75  HOH B O   1 
HETATM 935 O O   . HOH E 3 .  ? -6.474  -23.579 -7.430  1.00 60.29  ? 79  HOH B O   1 
HETATM 936 O O   . HOH E 3 .  ? -6.798  17.834  12.412  1.00 65.47  ? 80  HOH B O   1 
HETATM 937 O O   . HOH E 3 .  ? 1.134   -19.153 -10.957 0.50 71.08  ? 81  HOH B O   1 
HETATM 938 O O   . HOH E 3 .  ? -6.390  20.138  6.086   1.00 54.75  ? 84  HOH B O   1 
HETATM 939 O O   . HOH E 3 .  ? -7.671  25.697  18.937  1.00 74.46  ? 85  HOH B O   1 
HETATM 940 O O   . HOH E 3 .  ? -1.480  4.672   12.110  1.00 57.24  ? 87  HOH B O   1 
HETATM 941 O O   . HOH E 3 .  ? -1.079  13.215  1.494   1.00 65.42  ? 89  HOH B O   1 
HETATM 942 O O   . HOH E 3 .  ? -7.811  7.196   9.723   1.00 50.57  ? 91  HOH B O   1 
HETATM 943 O O   . HOH E 3 .  ? -12.075 -9.441  1.711   1.00 60.12  ? 92  HOH B O   1 
HETATM 944 O O   . HOH E 3 .  ? -7.814  -15.942 -2.680  1.00 44.94  ? 94  HOH B O   1 
HETATM 945 O O   . HOH E 3 .  ? -8.956  4.456   8.915   1.00 41.69  ? 95  HOH B O   1 
HETATM 946 O O   . HOH E 3 .  ? -8.730  -16.784 1.101   1.00 33.47  ? 96  HOH B O   1 
HETATM 947 O O   . HOH E 3 .  ? -2.233  -25.427 -19.437 1.00 66.65  ? 97  HOH B O   1 
HETATM 948 O O   . HOH E 3 .  ? -7.168  28.273  19.399  1.00 73.62  ? 103 HOH B O   1 
HETATM 949 O O   . HOH E 3 .  ? 0.715   -7.967  4.901   1.00 52.97  ? 105 HOH B O   1 
HETATM 950 O O   . HOH E 3 .  ? -3.709  27.838  18.220  1.00 65.66  ? 106 HOH B O   1 
HETATM 951 O O   . HOH E 3 .  ? -8.928  2.529   11.184  1.00 70.06  ? 107 HOH B O   1 
HETATM 952 O O   . HOH E 3 .  ? -7.640  -3.164  -9.768  1.00 53.10  ? 111 HOH B O   1 
HETATM 953 O O   . HOH E 3 .  ? 1.305   -22.542 -11.230 1.00 47.56  ? 112 HOH B O   1 
HETATM 954 O O   . HOH E 3 .  ? -5.589  -21.195 -6.280  1.00 41.00  ? 113 HOH B O   1 
HETATM 955 O O   . HOH F 3 .  ? 6.598   0.974   10.390  1.00 48.70  ? 9   HOH C O   1 
HETATM 956 O O   . HOH F 3 .  ? 8.424   2.404   0.484   1.00 26.24  ? 11  HOH C O   1 
HETATM 957 O O   . HOH F 3 .  ? 10.718  0.743   -2.991  1.00 29.94  ? 23  HOH C O   1 
HETATM 958 O O   . HOH F 3 .  ? 3.344   -10.109 -4.242  1.00 27.84  ? 26  HOH C O   1 
HETATM 959 O O   . HOH F 3 .  ? 13.759  -2.469  -1.407  1.00 46.78  ? 42  HOH C O   1 
HETATM 960 O O   . HOH F 3 .  ? 7.484   -6.029  7.968   1.00 56.54  ? 50  HOH C O   1 
HETATM 961 O O   . HOH F 3 .  ? 11.455  -3.354  6.049   1.00 62.30  ? 56  HOH C O   1 
HETATM 962 O O   . HOH F 3 .  ? 7.452   -11.859 -5.277  1.00 49.68  ? 63  HOH C O   1 
HETATM 963 O O   . HOH F 3 .  ? 4.346   7.080   17.391  1.00 71.16  ? 64  HOH C O   1 
HETATM 964 O O   . HOH F 3 .  ? 10.002  4.592   -0.069  1.00 46.47  ? 70  HOH C O   1 
HETATM 965 O O   . HOH F 3 .  ? 2.899   -2.287  7.776   1.00 58.41  ? 93  HOH C O   1 
HETATM 966 O O   . HOH F 3 .  ? 12.016  -4.627  -0.009  1.00 42.86  ? 98  HOH C O   1 
HETATM 967 O O   . HOH F 3 .  ? 4.940   -5.655  -14.246 1.00 71.28  ? 99  HOH C O   1 
HETATM 968 O O   . HOH F 3 .  ? 9.299   7.215   0.024   1.00 53.05  ? 100 HOH C O   1 
HETATM 969 O O   . HOH F 3 .  ? 5.137   -4.070  9.053   1.00 58.96  ? 104 HOH C O   1 
HETATM 970 O O   . HOH F 3 .  ? 5.775   -5.748  -11.642 1.00 42.44  ? 109 HOH C O   1 
HETATM 971 O O   . HOH F 3 .  ? 6.748   -9.611  -10.921 1.00 40.63  ? 110 HOH C O   1 
# 
